data_1GVP
# 
_entry.id   1GVP 
# 
_audit_conform.dict_name       mmcif_pdbx.dic 
_audit_conform.dict_version    5.386 
_audit_conform.dict_location   http://mmcif.pdb.org/dictionaries/ascii/mmcif_pdbx.dic 
# 
loop_
_database_2.database_id 
_database_2.database_code 
_database_2.pdbx_database_accession 
_database_2.pdbx_DOI 
PDB   1GVP         pdb_00001gvp 10.2210/pdb1gvp/pdb 
WWPDB D_1000173723 ?            ?                   
# 
loop_
_pdbx_audit_revision_history.ordinal 
_pdbx_audit_revision_history.data_content_type 
_pdbx_audit_revision_history.major_revision 
_pdbx_audit_revision_history.minor_revision 
_pdbx_audit_revision_history.revision_date 
1 'Structure model' 1 0 1997-09-04 
2 'Structure model' 1 1 2008-03-24 
3 'Structure model' 1 2 2011-07-13 
4 'Structure model' 1 3 2024-02-07 
# 
_pdbx_audit_revision_details.ordinal             1 
_pdbx_audit_revision_details.revision_ordinal    1 
_pdbx_audit_revision_details.data_content_type   'Structure model' 
_pdbx_audit_revision_details.provider            repository 
_pdbx_audit_revision_details.type                'Initial release' 
_pdbx_audit_revision_details.description         ? 
_pdbx_audit_revision_details.details             ? 
# 
loop_
_pdbx_audit_revision_group.ordinal 
_pdbx_audit_revision_group.revision_ordinal 
_pdbx_audit_revision_group.data_content_type 
_pdbx_audit_revision_group.group 
1 2 'Structure model' 'Version format compliance' 
2 3 'Structure model' 'Derived calculations'      
3 3 'Structure model' 'Version format compliance' 
4 4 'Structure model' 'Data collection'           
5 4 'Structure model' 'Database references'       
6 4 'Structure model' Other                       
7 4 'Structure model' 'Structure summary'         
# 
loop_
_pdbx_audit_revision_category.ordinal 
_pdbx_audit_revision_category.revision_ordinal 
_pdbx_audit_revision_category.data_content_type 
_pdbx_audit_revision_category.category 
1 4 'Structure model' chem_comp_atom       
2 4 'Structure model' chem_comp_bond       
3 4 'Structure model' database_2           
4 4 'Structure model' pdbx_database_status 
5 4 'Structure model' struct_keywords      
# 
loop_
_pdbx_audit_revision_item.ordinal 
_pdbx_audit_revision_item.revision_ordinal 
_pdbx_audit_revision_item.data_content_type 
_pdbx_audit_revision_item.item 
1 4 'Structure model' '_database_2.pdbx_DOI'                
2 4 'Structure model' '_database_2.pdbx_database_accession' 
3 4 'Structure model' '_pdbx_database_status.process_site'  
4 4 'Structure model' '_struct_keywords.text'               
# 
_pdbx_database_status.status_code                     REL 
_pdbx_database_status.entry_id                        1GVP 
_pdbx_database_status.recvd_initial_deposition_date   1997-02-26 
_pdbx_database_status.deposit_site                    ? 
_pdbx_database_status.process_site                    BNL 
_pdbx_database_status.status_code_sf                  REL 
_pdbx_database_status.status_code_mr                  ? 
_pdbx_database_status.SG_entry                        ? 
_pdbx_database_status.pdb_format_compatible           Y 
_pdbx_database_status.status_code_cs                  ? 
_pdbx_database_status.status_code_nmr_data            ? 
_pdbx_database_status.methods_development_category    ? 
# 
loop_
_audit_author.name 
_audit_author.pdbx_ordinal 
'Su, S.'            1 
'Gao, Y.-G.'        2 
'Zhang, H.'         3 
'Terwilliger, T.C.' 4 
'Wang, A.H.-J.'     5 
# 
_citation.id                        primary 
_citation.title                     
;Analyses of the stability and function of three surface mutants (R82C, K69H, and L32R) of the gene V protein from Ff phage by X-ray crystallography.
;
_citation.journal_abbrev            'Protein Sci.' 
_citation.journal_volume            6 
_citation.page_first                771 
_citation.page_last                 780 
_citation.year                      1997 
_citation.journal_id_ASTM           PRCIEI 
_citation.country                   US 
_citation.journal_id_ISSN           0961-8368 
_citation.journal_id_CSD            0795 
_citation.book_publisher            ? 
_citation.pdbx_database_id_PubMed   9098886 
_citation.pdbx_database_id_DOI      ? 
# 
loop_
_citation_author.citation_id 
_citation_author.name 
_citation_author.ordinal 
_citation_author.identifier_ORCID 
primary 'Su, S.'            1 ? 
primary 'Gao, Y.G.'         2 ? 
primary 'Zhang, H.'         3 ? 
primary 'Terwilliger, T.C.' 4 ? 
primary 'Wang, A.H.'        5 ? 
# 
loop_
_entity.id 
_entity.type 
_entity.src_method 
_entity.pdbx_description 
_entity.formula_weight 
_entity.pdbx_number_of_molecules 
_entity.pdbx_ec 
_entity.pdbx_mutation 
_entity.pdbx_fragment 
_entity.details 
1 polymer man 'GENE V PROTEIN' 9699.214 1  ? ? ? ? 
2 water   nat water            18.015   53 ? ? ? ? 
# 
_entity_poly.entity_id                      1 
_entity_poly.type                           'polypeptide(L)' 
_entity_poly.nstd_linkage                   no 
_entity_poly.nstd_monomer                   no 
_entity_poly.pdbx_seq_one_letter_code       
;MIKVEIKPSQAQFTTRSGVSRQGKPYSLNEQLCYVDLGNEYPVLVKITLDEGQPAYAPGLYTVHLSSFKVGQFGSLMIDR
LRLVPAK
;
_entity_poly.pdbx_seq_one_letter_code_can   
;MIKVEIKPSQAQFTTRSGVSRQGKPYSLNEQLCYVDLGNEYPVLVKITLDEGQPAYAPGLYTVHLSSFKVGQFGSLMIDR
LRLVPAK
;
_entity_poly.pdbx_strand_id                 A 
_entity_poly.pdbx_target_identifier         ? 
# 
_pdbx_entity_nonpoly.entity_id   2 
_pdbx_entity_nonpoly.name        water 
_pdbx_entity_nonpoly.comp_id     HOH 
# 
loop_
_entity_poly_seq.entity_id 
_entity_poly_seq.num 
_entity_poly_seq.mon_id 
_entity_poly_seq.hetero 
1 1  MET n 
1 2  ILE n 
1 3  LYS n 
1 4  VAL n 
1 5  GLU n 
1 6  ILE n 
1 7  LYS n 
1 8  PRO n 
1 9  SER n 
1 10 GLN n 
1 11 ALA n 
1 12 GLN n 
1 13 PHE n 
1 14 THR n 
1 15 THR n 
1 16 ARG n 
1 17 SER n 
1 18 GLY n 
1 19 VAL n 
1 20 SER n 
1 21 ARG n 
1 22 GLN n 
1 23 GLY n 
1 24 LYS n 
1 25 PRO n 
1 26 TYR n 
1 27 SER n 
1 28 LEU n 
1 29 ASN n 
1 30 GLU n 
1 31 GLN n 
1 32 LEU n 
1 33 CYS n 
1 34 TYR n 
1 35 VAL n 
1 36 ASP n 
1 37 LEU n 
1 38 GLY n 
1 39 ASN n 
1 40 GLU n 
1 41 TYR n 
1 42 PRO n 
1 43 VAL n 
1 44 LEU n 
1 45 VAL n 
1 46 LYS n 
1 47 ILE n 
1 48 THR n 
1 49 LEU n 
1 50 ASP n 
1 51 GLU n 
1 52 GLY n 
1 53 GLN n 
1 54 PRO n 
1 55 ALA n 
1 56 TYR n 
1 57 ALA n 
1 58 PRO n 
1 59 GLY n 
1 60 LEU n 
1 61 TYR n 
1 62 THR n 
1 63 VAL n 
1 64 HIS n 
1 65 LEU n 
1 66 SER n 
1 67 SER n 
1 68 PHE n 
1 69 LYS n 
1 70 VAL n 
1 71 GLY n 
1 72 GLN n 
1 73 PHE n 
1 74 GLY n 
1 75 SER n 
1 76 LEU n 
1 77 MET n 
1 78 ILE n 
1 79 ASP n 
1 80 ARG n 
1 81 LEU n 
1 82 ARG n 
1 83 LEU n 
1 84 VAL n 
1 85 PRO n 
1 86 ALA n 
1 87 LYS n 
# 
_entity_src_gen.entity_id                          1 
_entity_src_gen.pdbx_src_id                        1 
_entity_src_gen.pdbx_alt_source_flag               sample 
_entity_src_gen.pdbx_seq_type                      ? 
_entity_src_gen.pdbx_beg_seq_num                   ? 
_entity_src_gen.pdbx_end_seq_num                   ? 
_entity_src_gen.gene_src_common_name               ? 
_entity_src_gen.gene_src_genus                     Escherichia 
_entity_src_gen.pdbx_gene_src_gene                 'GEN V IN BACTERIOPHAGE F1' 
_entity_src_gen.gene_src_species                   ? 
_entity_src_gen.gene_src_strain                    K561 
_entity_src_gen.gene_src_tissue                    ? 
_entity_src_gen.gene_src_tissue_fraction           ? 
_entity_src_gen.gene_src_details                   ? 
_entity_src_gen.pdbx_gene_src_fragment             ? 
_entity_src_gen.pdbx_gene_src_scientific_name      'Escherichia coli' 
_entity_src_gen.pdbx_gene_src_ncbi_taxonomy_id     562 
_entity_src_gen.pdbx_gene_src_variant              ? 
_entity_src_gen.pdbx_gene_src_cell_line            ? 
_entity_src_gen.pdbx_gene_src_atcc                 ? 
_entity_src_gen.pdbx_gene_src_organ                ? 
_entity_src_gen.pdbx_gene_src_organelle            ? 
_entity_src_gen.pdbx_gene_src_cell                 ? 
_entity_src_gen.pdbx_gene_src_cellular_location    ? 
_entity_src_gen.host_org_common_name               ? 
_entity_src_gen.pdbx_host_org_scientific_name      'Escherichia coli' 
_entity_src_gen.pdbx_host_org_ncbi_taxonomy_id     562 
_entity_src_gen.host_org_genus                     Escherichia 
_entity_src_gen.pdbx_host_org_gene                 'GEN V' 
_entity_src_gen.pdbx_host_org_organ                ? 
_entity_src_gen.host_org_species                   ? 
_entity_src_gen.pdbx_host_org_tissue               ? 
_entity_src_gen.pdbx_host_org_tissue_fraction      ? 
_entity_src_gen.pdbx_host_org_strain               K561 
_entity_src_gen.pdbx_host_org_variant              ? 
_entity_src_gen.pdbx_host_org_cell_line            ? 
_entity_src_gen.pdbx_host_org_atcc                 ? 
_entity_src_gen.pdbx_host_org_culture_collection   ? 
_entity_src_gen.pdbx_host_org_cell                 ? 
_entity_src_gen.pdbx_host_org_organelle            ? 
_entity_src_gen.pdbx_host_org_cellular_location    ? 
_entity_src_gen.pdbx_host_org_vector_type          PLASMID 
_entity_src_gen.pdbx_host_org_vector               PTT2 
_entity_src_gen.host_org_details                   ? 
_entity_src_gen.expression_system_id               ? 
_entity_src_gen.plasmid_name                       PTT2 
_entity_src_gen.plasmid_details                    ? 
_entity_src_gen.pdbx_description                   ? 
# 
loop_
_chem_comp.id 
_chem_comp.type 
_chem_comp.mon_nstd_flag 
_chem_comp.name 
_chem_comp.pdbx_synonyms 
_chem_comp.formula 
_chem_comp.formula_weight 
ALA 'L-peptide linking' y ALANINE         ? 'C3 H7 N O2'     89.093  
ARG 'L-peptide linking' y ARGININE        ? 'C6 H15 N4 O2 1' 175.209 
ASN 'L-peptide linking' y ASPARAGINE      ? 'C4 H8 N2 O3'    132.118 
ASP 'L-peptide linking' y 'ASPARTIC ACID' ? 'C4 H7 N O4'     133.103 
CYS 'L-peptide linking' y CYSTEINE        ? 'C3 H7 N O2 S'   121.158 
GLN 'L-peptide linking' y GLUTAMINE       ? 'C5 H10 N2 O3'   146.144 
GLU 'L-peptide linking' y 'GLUTAMIC ACID' ? 'C5 H9 N O4'     147.129 
GLY 'peptide linking'   y GLYCINE         ? 'C2 H5 N O2'     75.067  
HIS 'L-peptide linking' y HISTIDINE       ? 'C6 H10 N3 O2 1' 156.162 
HOH non-polymer         . WATER           ? 'H2 O'           18.015  
ILE 'L-peptide linking' y ISOLEUCINE      ? 'C6 H13 N O2'    131.173 
LEU 'L-peptide linking' y LEUCINE         ? 'C6 H13 N O2'    131.173 
LYS 'L-peptide linking' y LYSINE          ? 'C6 H15 N2 O2 1' 147.195 
MET 'L-peptide linking' y METHIONINE      ? 'C5 H11 N O2 S'  149.211 
PHE 'L-peptide linking' y PHENYLALANINE   ? 'C9 H11 N O2'    165.189 
PRO 'L-peptide linking' y PROLINE         ? 'C5 H9 N O2'     115.130 
SER 'L-peptide linking' y SERINE          ? 'C3 H7 N O3'     105.093 
THR 'L-peptide linking' y THREONINE       ? 'C4 H9 N O3'     119.119 
TYR 'L-peptide linking' y TYROSINE        ? 'C9 H11 N O3'    181.189 
VAL 'L-peptide linking' y VALINE          ? 'C5 H11 N O2'    117.146 
# 
loop_
_pdbx_poly_seq_scheme.asym_id 
_pdbx_poly_seq_scheme.entity_id 
_pdbx_poly_seq_scheme.seq_id 
_pdbx_poly_seq_scheme.mon_id 
_pdbx_poly_seq_scheme.ndb_seq_num 
_pdbx_poly_seq_scheme.pdb_seq_num 
_pdbx_poly_seq_scheme.auth_seq_num 
_pdbx_poly_seq_scheme.pdb_mon_id 
_pdbx_poly_seq_scheme.auth_mon_id 
_pdbx_poly_seq_scheme.pdb_strand_id 
_pdbx_poly_seq_scheme.pdb_ins_code 
_pdbx_poly_seq_scheme.hetero 
A 1 1  MET 1  1  1  MET MET A . n 
A 1 2  ILE 2  2  2  ILE ILE A . n 
A 1 3  LYS 3  3  3  LYS LYS A . n 
A 1 4  VAL 4  4  4  VAL VAL A . n 
A 1 5  GLU 5  5  5  GLU GLU A . n 
A 1 6  ILE 6  6  6  ILE ILE A . n 
A 1 7  LYS 7  7  7  LYS LYS A . n 
A 1 8  PRO 8  8  8  PRO PRO A . n 
A 1 9  SER 9  9  9  SER SER A . n 
A 1 10 GLN 10 10 10 GLN GLN A . n 
A 1 11 ALA 11 11 11 ALA ALA A . n 
A 1 12 GLN 12 12 12 GLN GLN A . n 
A 1 13 PHE 13 13 13 PHE PHE A . n 
A 1 14 THR 14 14 14 THR THR A . n 
A 1 15 THR 15 15 15 THR THR A . n 
A 1 16 ARG 16 16 16 ARG ARG A . n 
A 1 17 SER 17 17 17 SER SER A . n 
A 1 18 GLY 18 18 18 GLY GLY A . n 
A 1 19 VAL 19 19 19 VAL VAL A . n 
A 1 20 SER 20 20 20 SER SER A . n 
A 1 21 ARG 21 21 21 ARG ARG A . n 
A 1 22 GLN 22 22 22 GLN GLN A . n 
A 1 23 GLY 23 23 23 GLY GLY A . n 
A 1 24 LYS 24 24 24 LYS LYS A . n 
A 1 25 PRO 25 25 25 PRO PRO A . n 
A 1 26 TYR 26 26 26 TYR TYR A . n 
A 1 27 SER 27 27 27 SER SER A . n 
A 1 28 LEU 28 28 28 LEU LEU A . n 
A 1 29 ASN 29 29 29 ASN ASN A . n 
A 1 30 GLU 30 30 30 GLU GLU A . n 
A 1 31 GLN 31 31 31 GLN GLN A . n 
A 1 32 LEU 32 32 32 LEU LEU A . n 
A 1 33 CYS 33 33 33 CYS CYS A . n 
A 1 34 TYR 34 34 34 TYR TYR A . n 
A 1 35 VAL 35 35 35 VAL VAL A . n 
A 1 36 ASP 36 36 36 ASP ASP A . n 
A 1 37 LEU 37 37 37 LEU LEU A . n 
A 1 38 GLY 38 38 38 GLY GLY A . n 
A 1 39 ASN 39 39 39 ASN ASN A . n 
A 1 40 GLU 40 40 40 GLU GLU A . n 
A 1 41 TYR 41 41 41 TYR TYR A . n 
A 1 42 PRO 42 42 42 PRO PRO A . n 
A 1 43 VAL 43 43 43 VAL VAL A . n 
A 1 44 LEU 44 44 44 LEU LEU A . n 
A 1 45 VAL 45 45 45 VAL VAL A . n 
A 1 46 LYS 46 46 46 LYS LYS A . n 
A 1 47 ILE 47 47 47 ILE ILE A . n 
A 1 48 THR 48 48 48 THR THR A . n 
A 1 49 LEU 49 49 49 LEU LEU A . n 
A 1 50 ASP 50 50 50 ASP ASP A . n 
A 1 51 GLU 51 51 51 GLU GLU A . n 
A 1 52 GLY 52 52 52 GLY GLY A . n 
A 1 53 GLN 53 53 53 GLN GLN A . n 
A 1 54 PRO 54 54 54 PRO PRO A . n 
A 1 55 ALA 55 55 55 ALA ALA A . n 
A 1 56 TYR 56 56 56 TYR TYR A . n 
A 1 57 ALA 57 57 57 ALA ALA A . n 
A 1 58 PRO 58 58 58 PRO PRO A . n 
A 1 59 GLY 59 59 59 GLY GLY A . n 
A 1 60 LEU 60 60 60 LEU LEU A . n 
A 1 61 TYR 61 61 61 TYR TYR A . n 
A 1 62 THR 62 62 62 THR THR A . n 
A 1 63 VAL 63 63 63 VAL VAL A . n 
A 1 64 HIS 64 64 64 HIS HIS A . n 
A 1 65 LEU 65 65 65 LEU LEU A . n 
A 1 66 SER 66 66 66 SER SER A . n 
A 1 67 SER 67 67 67 SER SER A . n 
A 1 68 PHE 68 68 68 PHE PHE A . n 
A 1 69 LYS 69 69 69 LYS LYS A . n 
A 1 70 VAL 70 70 70 VAL VAL A . n 
A 1 71 GLY 71 71 71 GLY GLY A . n 
A 1 72 GLN 72 72 72 GLN GLN A . n 
A 1 73 PHE 73 73 73 PHE PHE A . n 
A 1 74 GLY 74 74 74 GLY GLY A . n 
A 1 75 SER 75 75 75 SER SER A . n 
A 1 76 LEU 76 76 76 LEU LEU A . n 
A 1 77 MET 77 77 77 MET MET A . n 
A 1 78 ILE 78 78 78 ILE ILE A . n 
A 1 79 ASP 79 79 79 ASP ASP A . n 
A 1 80 ARG 80 80 80 ARG ARG A . n 
A 1 81 LEU 81 81 81 LEU LEU A . n 
A 1 82 ARG 82 82 82 ARG ARG A . n 
A 1 83 LEU 83 83 83 LEU LEU A . n 
A 1 84 VAL 84 84 84 VAL VAL A . n 
A 1 85 PRO 85 85 85 PRO PRO A . n 
A 1 86 ALA 86 86 86 ALA ALA A . n 
A 1 87 LYS 87 87 87 LYS LYS A . n 
# 
loop_
_pdbx_nonpoly_scheme.asym_id 
_pdbx_nonpoly_scheme.entity_id 
_pdbx_nonpoly_scheme.mon_id 
_pdbx_nonpoly_scheme.ndb_seq_num 
_pdbx_nonpoly_scheme.pdb_seq_num 
_pdbx_nonpoly_scheme.auth_seq_num 
_pdbx_nonpoly_scheme.pdb_mon_id 
_pdbx_nonpoly_scheme.auth_mon_id 
_pdbx_nonpoly_scheme.pdb_strand_id 
_pdbx_nonpoly_scheme.pdb_ins_code 
B 2 HOH 1  88  88  HOH HOH A . 
B 2 HOH 2  89  89  HOH HOH A . 
B 2 HOH 3  90  90  HOH HOH A . 
B 2 HOH 4  91  91  HOH HOH A . 
B 2 HOH 5  92  92  HOH HOH A . 
B 2 HOH 6  93  93  HOH HOH A . 
B 2 HOH 7  94  94  HOH HOH A . 
B 2 HOH 8  95  95  HOH HOH A . 
B 2 HOH 9  96  96  HOH HOH A . 
B 2 HOH 10 97  97  HOH HOH A . 
B 2 HOH 11 98  98  HOH HOH A . 
B 2 HOH 12 99  99  HOH HOH A . 
B 2 HOH 13 100 100 HOH HOH A . 
B 2 HOH 14 101 101 HOH HOH A . 
B 2 HOH 15 102 102 HOH HOH A . 
B 2 HOH 16 103 103 HOH HOH A . 
B 2 HOH 17 104 104 HOH HOH A . 
B 2 HOH 18 105 105 HOH HOH A . 
B 2 HOH 19 106 106 HOH HOH A . 
B 2 HOH 20 107 107 HOH HOH A . 
B 2 HOH 21 108 108 HOH HOH A . 
B 2 HOH 22 109 109 HOH HOH A . 
B 2 HOH 23 110 110 HOH HOH A . 
B 2 HOH 24 111 111 HOH HOH A . 
B 2 HOH 25 112 112 HOH HOH A . 
B 2 HOH 26 113 113 HOH HOH A . 
B 2 HOH 27 114 114 HOH HOH A . 
B 2 HOH 28 115 115 HOH HOH A . 
B 2 HOH 29 116 116 HOH HOH A . 
B 2 HOH 30 117 117 HOH HOH A . 
B 2 HOH 31 118 118 HOH HOH A . 
B 2 HOH 32 119 119 HOH HOH A . 
B 2 HOH 33 120 120 HOH HOH A . 
B 2 HOH 34 121 121 HOH HOH A . 
B 2 HOH 35 122 122 HOH HOH A . 
B 2 HOH 36 123 123 HOH HOH A . 
B 2 HOH 37 124 124 HOH HOH A . 
B 2 HOH 38 125 125 HOH HOH A . 
B 2 HOH 39 126 126 HOH HOH A . 
B 2 HOH 40 127 127 HOH HOH A . 
B 2 HOH 41 128 128 HOH HOH A . 
B 2 HOH 42 129 129 HOH HOH A . 
B 2 HOH 43 130 130 HOH HOH A . 
B 2 HOH 44 131 131 HOH HOH A . 
B 2 HOH 45 132 132 HOH HOH A . 
B 2 HOH 46 133 133 HOH HOH A . 
B 2 HOH 47 134 134 HOH HOH A . 
B 2 HOH 48 135 135 HOH HOH A . 
B 2 HOH 49 136 136 HOH HOH A . 
B 2 HOH 50 137 137 HOH HOH A . 
B 2 HOH 51 138 138 HOH HOH A . 
B 2 HOH 52 139 139 HOH HOH A . 
B 2 HOH 53 140 140 HOH HOH A . 
# 
loop_
_software.name 
_software.classification 
_software.version 
_software.citation_id 
_software.pdbx_ordinal 
X-PLOR 'model building' 3.1 ? 1 
X-PLOR refinement       3.1 ? 2 
R-AXIS 'data reduction' IIC ? 3 
R-AXIS 'data scaling'   II  ? 4 
X-PLOR phasing          3.1 ? 5 
# 
_cell.entry_id           1GVP 
_cell.length_a           75.810 
_cell.length_b           27.920 
_cell.length_c           42.400 
_cell.angle_alpha        90.00 
_cell.angle_beta         103.10 
_cell.angle_gamma        90.00 
_cell.Z_PDB              4 
_cell.pdbx_unique_axis   ? 
# 
_symmetry.entry_id                         1GVP 
_symmetry.space_group_name_H-M             'C 1 2 1' 
_symmetry.pdbx_full_space_group_name_H-M   ? 
_symmetry.cell_setting                     ? 
_symmetry.Int_Tables_number                5 
# 
_exptl.entry_id          1GVP 
_exptl.method            'X-RAY DIFFRACTION' 
_exptl.crystals_number   1 
# 
_exptl_crystal.id                    1 
_exptl_crystal.density_meas          ? 
_exptl_crystal.density_Matthews      2.2 
_exptl_crystal.density_percent_sol   44. 
_exptl_crystal.description           ? 
# 
_exptl_crystal_grow.crystal_id      1 
_exptl_crystal_grow.method          'VAPOR DIFFUSION' 
_exptl_crystal_grow.temp            ? 
_exptl_crystal_grow.temp_details    ? 
_exptl_crystal_grow.pH              7.5 
_exptl_crystal_grow.pdbx_pH_range   ? 
_exptl_crystal_grow.pdbx_details    
;PROTEIN WAS CRYSTALLIZED FROM SOLUTIONS CONTAINING 10 MG/ML PROTEIN, 4 MM TRIS BUFFER (PH7.5), AND 16% PEG 4000 (W/V), EQUILIBRATED AGAINST 12% PEG 4000 BY VAPOR DIFFUSION AT ROOM TEMPERATURE., vapor diffusion
;
# 
_diffrn.id                     1 
_diffrn.ambient_temp           285 
_diffrn.ambient_temp_details   ? 
_diffrn.crystal_id             1 
# 
_diffrn_detector.diffrn_id              1 
_diffrn_detector.detector               'IMAGE PLATE' 
_diffrn_detector.type                   RIGAKU 
_diffrn_detector.pdbx_collection_date   1994-05 
_diffrn_detector.details                COLLIMATORS 
# 
_diffrn_radiation.diffrn_id                        1 
_diffrn_radiation.wavelength_id                    1 
_diffrn_radiation.pdbx_monochromatic_or_laue_m_l   M 
_diffrn_radiation.monochromator                    'GRAPHITE(002)' 
_diffrn_radiation.pdbx_diffrn_protocol             ? 
_diffrn_radiation.pdbx_scattering_type             x-ray 
# 
_diffrn_radiation_wavelength.id           1 
_diffrn_radiation_wavelength.wavelength   1.5418 
_diffrn_radiation_wavelength.wt           1.0 
# 
_diffrn_source.diffrn_id                   1 
_diffrn_source.source                      'ROTATING ANODE' 
_diffrn_source.type                        'RIGAKU RUH2R' 
_diffrn_source.pdbx_synchrotron_site       ? 
_diffrn_source.pdbx_synchrotron_beamline   ? 
_diffrn_source.pdbx_wavelength             1.5418 
_diffrn_source.pdbx_wavelength_list        ? 
# 
_reflns.entry_id                     1GVP 
_reflns.observed_criterion_sigma_I   2. 
_reflns.observed_criterion_sigma_F   ? 
_reflns.d_resolution_low             8.0 
_reflns.d_resolution_high            1.60 
_reflns.number_obs                   9073 
_reflns.number_all                   ? 
_reflns.percent_possible_obs         77.9 
_reflns.pdbx_Rmerge_I_obs            0.0430000 
_reflns.pdbx_Rsym_value              ? 
_reflns.pdbx_netI_over_sigmaI        ? 
_reflns.B_iso_Wilson_estimate        21.5 
_reflns.pdbx_redundancy              ? 
_reflns.pdbx_ordinal                 1 
_reflns.pdbx_diffrn_id               1 
# 
_reflns_shell.d_res_high             1.6 
_reflns_shell.d_res_low              2.0 
_reflns_shell.percent_possible_all   60.8 
_reflns_shell.Rmerge_I_obs           ? 
_reflns_shell.pdbx_Rsym_value        ? 
_reflns_shell.meanI_over_sigI_obs    ? 
_reflns_shell.pdbx_redundancy        ? 
_reflns_shell.pdbx_ordinal           1 
_reflns_shell.pdbx_diffrn_id         1 
# 
_refine.entry_id                                 1GVP 
_refine.ls_number_reflns_obs                     9016 
_refine.ls_number_reflns_all                     ? 
_refine.pdbx_ls_sigma_I                          ? 
_refine.pdbx_ls_sigma_F                          2.0 
_refine.pdbx_data_cutoff_high_absF               100000.00 
_refine.pdbx_data_cutoff_low_absF                0.0 
_refine.pdbx_data_cutoff_high_rms_absF           ? 
_refine.ls_d_res_low                             8.0 
_refine.ls_d_res_high                            1.6 
_refine.ls_percent_reflns_obs                    77.9 
_refine.ls_R_factor_obs                          0.2090000 
_refine.ls_R_factor_all                          ? 
_refine.ls_R_factor_R_work                       0.2090000 
_refine.ls_R_factor_R_free                       0.2880000 
_refine.ls_R_factor_R_free_error                 0.0094 
_refine.ls_R_factor_R_free_error_details         ? 
_refine.ls_percent_reflns_R_free                 10.4 
_refine.ls_number_reflns_R_free                  941 
_refine.ls_number_parameters                     ? 
_refine.ls_number_restraints                     ? 
_refine.occupancy_min                            ? 
_refine.occupancy_max                            ? 
_refine.B_iso_mean                               29.6 
_refine.aniso_B[1][1]                            -0.4616 
_refine.aniso_B[2][2]                            -0.9960 
_refine.aniso_B[3][3]                            1.4576 
_refine.aniso_B[1][2]                            0.0000 
_refine.aniso_B[1][3]                            2.8596 
_refine.aniso_B[2][3]                            0.0000 
_refine.solvent_model_details                    ? 
_refine.solvent_model_param_ksol                 ? 
_refine.solvent_model_param_bsol                 ? 
_refine.pdbx_ls_cross_valid_method               THROUGHOUT 
_refine.details                                  
'MEAN B FACTOR INCLUDES THE CONTRIBUTION FROM ALL HYDROGEN ATOMS. THE B-FACTORS OF ALL HYDROGEN ATOMS IN WATER ARE SET TO 35.' 
_refine.pdbx_starting_model                      ? 
_refine.pdbx_method_to_determine_struct          'DIFFERENCE FOURIERS' 
_refine.pdbx_isotropic_thermal_model             RESTRAINED 
_refine.pdbx_stereochemistry_target_values       ? 
_refine.pdbx_stereochem_target_val_spec_case     ? 
_refine.pdbx_R_Free_selection_details            RANDOM 
_refine.pdbx_overall_ESU_R                       ? 
_refine.pdbx_overall_ESU_R_Free                  ? 
_refine.overall_SU_ML                            ? 
_refine.overall_SU_B                             ? 
_refine.pdbx_refine_id                           'X-RAY DIFFRACTION' 
_refine.pdbx_diffrn_id                           1 
_refine.pdbx_TLS_residual_ADP_flag               ? 
_refine.correlation_coeff_Fo_to_Fc               ? 
_refine.correlation_coeff_Fo_to_Fc_free          ? 
_refine.pdbx_solvent_vdw_probe_radii             ? 
_refine.pdbx_solvent_ion_probe_radii             ? 
_refine.pdbx_solvent_shrinkage_radii             ? 
_refine.pdbx_overall_phase_error                 ? 
_refine.overall_SU_R_Cruickshank_DPI             ? 
_refine.pdbx_overall_SU_R_free_Cruickshank_DPI   ? 
_refine.pdbx_overall_SU_R_Blow_DPI               ? 
_refine.pdbx_overall_SU_R_free_Blow_DPI          ? 
# 
_refine_analyze.entry_id                        1GVP 
_refine_analyze.Luzzati_coordinate_error_obs    0.23 
_refine_analyze.Luzzati_sigma_a_obs             ? 
_refine_analyze.Luzzati_d_res_low_obs           6.0 
_refine_analyze.Luzzati_coordinate_error_free   0.30 
_refine_analyze.Luzzati_sigma_a_free            ? 
_refine_analyze.Luzzati_d_res_low_free          ? 
_refine_analyze.number_disordered_residues      ? 
_refine_analyze.occupancy_sum_hydrogen          ? 
_refine_analyze.occupancy_sum_non_hydrogen      ? 
_refine_analyze.pdbx_refine_id                  'X-RAY DIFFRACTION' 
# 
_refine_hist.pdbx_refine_id                   'X-RAY DIFFRACTION' 
_refine_hist.cycle_id                         LAST 
_refine_hist.pdbx_number_atoms_protein        682 
_refine_hist.pdbx_number_atoms_nucleic_acid   0 
_refine_hist.pdbx_number_atoms_ligand         0 
_refine_hist.number_atoms_solvent             53 
_refine_hist.number_atoms_total               735 
_refine_hist.d_res_high                       1.6 
_refine_hist.d_res_low                        8.0 
# 
loop_
_refine_ls_restr.type 
_refine_ls_restr.dev_ideal 
_refine_ls_restr.dev_ideal_target 
_refine_ls_restr.weight 
_refine_ls_restr.number 
_refine_ls_restr.pdbx_refine_id 
_refine_ls_restr.pdbx_restraint_function 
x_bond_d                0.017 ?   ? ? 'X-RAY DIFFRACTION' ? 
x_bond_d_na             ?     ?   ? ? 'X-RAY DIFFRACTION' ? 
x_bond_d_prot           ?     ?   ? ? 'X-RAY DIFFRACTION' ? 
x_angle_d               ?     ?   ? ? 'X-RAY DIFFRACTION' ? 
x_angle_d_na            ?     ?   ? ? 'X-RAY DIFFRACTION' ? 
x_angle_d_prot          ?     ?   ? ? 'X-RAY DIFFRACTION' ? 
x_angle_deg             3.4   ?   ? ? 'X-RAY DIFFRACTION' ? 
x_angle_deg_na          ?     ?   ? ? 'X-RAY DIFFRACTION' ? 
x_angle_deg_prot        ?     ?   ? ? 'X-RAY DIFFRACTION' ? 
x_dihedral_angle_d      27.63 ?   ? ? 'X-RAY DIFFRACTION' ? 
x_dihedral_angle_d_na   ?     ?   ? ? 'X-RAY DIFFRACTION' ? 
x_dihedral_angle_d_prot ?     ?   ? ? 'X-RAY DIFFRACTION' ? 
x_improper_angle_d      1.39  ?   ? ? 'X-RAY DIFFRACTION' ? 
x_improper_angle_d_na   ?     ?   ? ? 'X-RAY DIFFRACTION' ? 
x_improper_angle_d_prot ?     ?   ? ? 'X-RAY DIFFRACTION' ? 
x_mcbond_it             2.50  1.5 ? ? 'X-RAY DIFFRACTION' ? 
x_mcangle_it            4.15  2.0 ? ? 'X-RAY DIFFRACTION' ? 
x_scbond_it             4.21  2.0 ? ? 'X-RAY DIFFRACTION' ? 
x_scangle_it            6.76  2.5 ? ? 'X-RAY DIFFRACTION' ? 
# 
_refine_ls_shell.pdbx_total_number_of_bins_used   8 
_refine_ls_shell.d_res_high                       1.60 
_refine_ls_shell.d_res_low                        1.67 
_refine_ls_shell.number_reflns_R_work             468 
_refine_ls_shell.R_factor_R_work                  0.3812000 
_refine_ls_shell.percent_reflns_obs               35.4 
_refine_ls_shell.R_factor_R_free                  0.4057000 
_refine_ls_shell.R_factor_R_free_error            0.058 
_refine_ls_shell.percent_reflns_R_free            9.5 
_refine_ls_shell.number_reflns_R_free             49 
_refine_ls_shell.pdbx_refine_id                   'X-RAY DIFFRACTION' 
_refine_ls_shell.number_reflns_all                ? 
_refine_ls_shell.R_factor_all                     ? 
# 
loop_
_pdbx_xplor_file.serial_no 
_pdbx_xplor_file.param_file 
_pdbx_xplor_file.topol_file 
_pdbx_xplor_file.pdbx_refine_id 
1 PARAM19XM.PRO TOPH19X.PRO 'X-RAY DIFFRACTION' 
2 ?             ?           'X-RAY DIFFRACTION' 
# 
_struct.entry_id                  1GVP 
_struct.title                     'GENE V PROTEIN (SINGLE-STRANDED DNA BINDING PROTEIN)' 
_struct.pdbx_model_details        ? 
_struct.pdbx_CASP_flag            ? 
_struct.pdbx_model_type_details   ? 
# 
_struct_keywords.entry_id        1GVP 
_struct_keywords.pdbx_keywords   'DNA BINDING PROTEIN' 
_struct_keywords.text            'DNA-BINDING PROTEIN, DNA REPLICATION, DNA BINDING PROTEIN' 
# 
loop_
_struct_asym.id 
_struct_asym.pdbx_blank_PDB_chainid_flag 
_struct_asym.pdbx_modified 
_struct_asym.entity_id 
_struct_asym.details 
A N N 1 ? 
B N N 2 ? 
# 
_struct_ref.id                         1 
_struct_ref.db_name                    UNP 
_struct_ref.db_code                    VHED_BPF1 
_struct_ref.entity_id                  1 
_struct_ref.pdbx_db_accession          P69543 
_struct_ref.pdbx_align_begin           1 
_struct_ref.pdbx_seq_one_letter_code   
;MIKVEIKPSQAQFTTRSGVSRQGKPYSLNEQLCYVDLGNEYPVLVKITLDEGQPAYAPGLYTVHLSSFKVGQFGSLMIDR
LRLVPAK
;
_struct_ref.pdbx_db_isoform            ? 
# 
_struct_ref_seq.align_id                      1 
_struct_ref_seq.ref_id                        1 
_struct_ref_seq.pdbx_PDB_id_code              1GVP 
_struct_ref_seq.pdbx_strand_id                A 
_struct_ref_seq.seq_align_beg                 1 
_struct_ref_seq.pdbx_seq_align_beg_ins_code   ? 
_struct_ref_seq.seq_align_end                 87 
_struct_ref_seq.pdbx_seq_align_end_ins_code   ? 
_struct_ref_seq.pdbx_db_accession             P69543 
_struct_ref_seq.db_align_beg                  1 
_struct_ref_seq.pdbx_db_align_beg_ins_code    ? 
_struct_ref_seq.db_align_end                  87 
_struct_ref_seq.pdbx_db_align_end_ins_code    ? 
_struct_ref_seq.pdbx_auth_seq_align_beg       1 
_struct_ref_seq.pdbx_auth_seq_align_end       87 
# 
_pdbx_struct_assembly.id                   1 
_pdbx_struct_assembly.details              author_and_software_defined_assembly 
_pdbx_struct_assembly.method_details       PISA,PQS 
_pdbx_struct_assembly.oligomeric_details   dimeric 
_pdbx_struct_assembly.oligomeric_count     2 
# 
loop_
_pdbx_struct_assembly_prop.biol_id 
_pdbx_struct_assembly_prop.type 
_pdbx_struct_assembly_prop.value 
_pdbx_struct_assembly_prop.details 
1 'ABSA (A^2)' 1810  ? 
1 MORE         -22   ? 
1 'SSA (A^2)'  11160 ? 
# 
_pdbx_struct_assembly_gen.assembly_id       1 
_pdbx_struct_assembly_gen.oper_expression   1,2 
_pdbx_struct_assembly_gen.asym_id_list      A,B 
# 
loop_
_pdbx_struct_oper_list.id 
_pdbx_struct_oper_list.type 
_pdbx_struct_oper_list.name 
_pdbx_struct_oper_list.symmetry_operation 
_pdbx_struct_oper_list.matrix[1][1] 
_pdbx_struct_oper_list.matrix[1][2] 
_pdbx_struct_oper_list.matrix[1][3] 
_pdbx_struct_oper_list.vector[1] 
_pdbx_struct_oper_list.matrix[2][1] 
_pdbx_struct_oper_list.matrix[2][2] 
_pdbx_struct_oper_list.matrix[2][3] 
_pdbx_struct_oper_list.vector[2] 
_pdbx_struct_oper_list.matrix[3][1] 
_pdbx_struct_oper_list.matrix[3][2] 
_pdbx_struct_oper_list.matrix[3][3] 
_pdbx_struct_oper_list.vector[3] 
1 'identity operation'         1_555 x,y,z   1.0000000000  0.0000000000  0.0000000000  0.0000000000  0.0000000000  1.0000000000 0.0000000000 0.0000000000  0.0000000000  0.0000000000 1.0000000000  0.0000000000  
2 'crystal symmetry operation' 2_555 -x,y,-z -0.9667278968 -0.2431488538 -0.0794720603 18.6631966309 -0.2431488538 0.7769049590 0.5807730362 -1.6677190644 -0.0794720603 0.5807730362 -0.8101770622 12.9160836987 
# 
_struct_biol.id   1 
# 
loop_
_struct_conf.conf_type_id 
_struct_conf.id 
_struct_conf.pdbx_PDB_helix_id 
_struct_conf.beg_label_comp_id 
_struct_conf.beg_label_asym_id 
_struct_conf.beg_label_seq_id 
_struct_conf.pdbx_beg_PDB_ins_code 
_struct_conf.end_label_comp_id 
_struct_conf.end_label_asym_id 
_struct_conf.end_label_seq_id 
_struct_conf.pdbx_end_PDB_ins_code 
_struct_conf.beg_auth_comp_id 
_struct_conf.beg_auth_asym_id 
_struct_conf.beg_auth_seq_id 
_struct_conf.end_auth_comp_id 
_struct_conf.end_auth_asym_id 
_struct_conf.end_auth_seq_id 
_struct_conf.pdbx_PDB_helix_class 
_struct_conf.details 
_struct_conf.pdbx_PDB_helix_length 
HELX_P HELX_P1 1 PRO A 8  ? GLN A 10 ? PRO A 8  GLN A 10 5 ? 3 
HELX_P HELX_P2 2 LEU A 65 ? SER A 67 ? LEU A 65 SER A 67 5 ? 3 
# 
_struct_conf_type.id          HELX_P 
_struct_conf_type.criteria    ? 
_struct_conf_type.reference   ? 
# 
loop_
_struct_sheet.id 
_struct_sheet.type 
_struct_sheet.number_strands 
_struct_sheet.details 
A ? 3 ? 
B ? 3 ? 
C ? 2 ? 
# 
loop_
_struct_sheet_order.sheet_id 
_struct_sheet_order.range_id_1 
_struct_sheet_order.range_id_2 
_struct_sheet_order.offset 
_struct_sheet_order.sense 
A 1 2 ? anti-parallel 
A 2 3 ? anti-parallel 
B 1 2 ? anti-parallel 
B 2 3 ? anti-parallel 
C 1 2 ? anti-parallel 
# 
loop_
_struct_sheet_range.sheet_id 
_struct_sheet_range.id 
_struct_sheet_range.beg_label_comp_id 
_struct_sheet_range.beg_label_asym_id 
_struct_sheet_range.beg_label_seq_id 
_struct_sheet_range.pdbx_beg_PDB_ins_code 
_struct_sheet_range.end_label_comp_id 
_struct_sheet_range.end_label_asym_id 
_struct_sheet_range.end_label_seq_id 
_struct_sheet_range.pdbx_end_PDB_ins_code 
_struct_sheet_range.beg_auth_comp_id 
_struct_sheet_range.beg_auth_asym_id 
_struct_sheet_range.beg_auth_seq_id 
_struct_sheet_range.end_auth_comp_id 
_struct_sheet_range.end_auth_asym_id 
_struct_sheet_range.end_auth_seq_id 
A 1 VAL A 4  ? ILE A 6  ? VAL A 4  ILE A 6  
A 2 GLY A 59 ? VAL A 63 ? GLY A 59 VAL A 63 
A 3 LEU A 83 ? PRO A 85 ? LEU A 83 PRO A 85 
B 1 THR A 14 ? VAL A 19 ? THR A 14 VAL A 19 
B 2 PRO A 25 ? VAL A 35 ? PRO A 25 VAL A 35 
B 3 VAL A 43 ? THR A 48 ? VAL A 43 THR A 48 
C 1 PHE A 68 ? VAL A 70 ? PHE A 68 VAL A 70 
C 2 LEU A 76 ? ILE A 78 ? LEU A 76 ILE A 78 
# 
loop_
_pdbx_struct_sheet_hbond.sheet_id 
_pdbx_struct_sheet_hbond.range_id_1 
_pdbx_struct_sheet_hbond.range_id_2 
_pdbx_struct_sheet_hbond.range_1_label_atom_id 
_pdbx_struct_sheet_hbond.range_1_label_comp_id 
_pdbx_struct_sheet_hbond.range_1_label_asym_id 
_pdbx_struct_sheet_hbond.range_1_label_seq_id 
_pdbx_struct_sheet_hbond.range_1_PDB_ins_code 
_pdbx_struct_sheet_hbond.range_1_auth_atom_id 
_pdbx_struct_sheet_hbond.range_1_auth_comp_id 
_pdbx_struct_sheet_hbond.range_1_auth_asym_id 
_pdbx_struct_sheet_hbond.range_1_auth_seq_id 
_pdbx_struct_sheet_hbond.range_2_label_atom_id 
_pdbx_struct_sheet_hbond.range_2_label_comp_id 
_pdbx_struct_sheet_hbond.range_2_label_asym_id 
_pdbx_struct_sheet_hbond.range_2_label_seq_id 
_pdbx_struct_sheet_hbond.range_2_PDB_ins_code 
_pdbx_struct_sheet_hbond.range_2_auth_atom_id 
_pdbx_struct_sheet_hbond.range_2_auth_comp_id 
_pdbx_struct_sheet_hbond.range_2_auth_asym_id 
_pdbx_struct_sheet_hbond.range_2_auth_seq_id 
A 1 2 O VAL A 4  ? O VAL A 4  N TYR A 61 ? N TYR A 61 
A 2 3 O THR A 62 ? O THR A 62 N VAL A 84 ? N VAL A 84 
B 1 2 O THR A 14 ? O THR A 14 N GLU A 30 ? N GLU A 30 
B 2 3 O GLN A 31 ? O GLN A 31 N ILE A 47 ? N ILE A 47 
C 1 2 O LYS A 69 ? O LYS A 69 N MET A 77 ? N MET A 77 
# 
loop_
_pdbx_validate_rmsd_angle.id 
_pdbx_validate_rmsd_angle.PDB_model_num 
_pdbx_validate_rmsd_angle.auth_atom_id_1 
_pdbx_validate_rmsd_angle.auth_asym_id_1 
_pdbx_validate_rmsd_angle.auth_comp_id_1 
_pdbx_validate_rmsd_angle.auth_seq_id_1 
_pdbx_validate_rmsd_angle.PDB_ins_code_1 
_pdbx_validate_rmsd_angle.label_alt_id_1 
_pdbx_validate_rmsd_angle.auth_atom_id_2 
_pdbx_validate_rmsd_angle.auth_asym_id_2 
_pdbx_validate_rmsd_angle.auth_comp_id_2 
_pdbx_validate_rmsd_angle.auth_seq_id_2 
_pdbx_validate_rmsd_angle.PDB_ins_code_2 
_pdbx_validate_rmsd_angle.label_alt_id_2 
_pdbx_validate_rmsd_angle.auth_atom_id_3 
_pdbx_validate_rmsd_angle.auth_asym_id_3 
_pdbx_validate_rmsd_angle.auth_comp_id_3 
_pdbx_validate_rmsd_angle.auth_seq_id_3 
_pdbx_validate_rmsd_angle.PDB_ins_code_3 
_pdbx_validate_rmsd_angle.label_alt_id_3 
_pdbx_validate_rmsd_angle.angle_value 
_pdbx_validate_rmsd_angle.angle_target_value 
_pdbx_validate_rmsd_angle.angle_deviation 
_pdbx_validate_rmsd_angle.angle_standard_deviation 
_pdbx_validate_rmsd_angle.linker_flag 
1 1 CB A ARG 16 ? ? CG A ARG 16 ? ? CD  A ARG 16 ? ? 90.56  111.60 -21.04 2.60 N 
2 1 NE A ARG 16 ? ? CZ A ARG 16 ? ? NH1 A ARG 16 ? ? 126.55 120.30 6.25   0.50 N 
3 1 NE A ARG 16 ? ? CZ A ARG 16 ? ? NH2 A ARG 16 ? ? 113.00 120.30 -7.30  0.50 N 
4 1 NE A ARG 21 ? ? CZ A ARG 21 ? ? NH1 A ARG 21 ? ? 123.61 120.30 3.31   0.50 N 
5 1 NE A ARG 82 ? ? CZ A ARG 82 ? ? NH1 A ARG 82 ? ? 124.31 120.30 4.01   0.50 N 
# 
_pdbx_validate_torsion.id              1 
_pdbx_validate_torsion.PDB_model_num   1 
_pdbx_validate_torsion.auth_comp_id    SER 
_pdbx_validate_torsion.auth_asym_id    A 
_pdbx_validate_torsion.auth_seq_id     66 
_pdbx_validate_torsion.PDB_ins_code    ? 
_pdbx_validate_torsion.label_alt_id    ? 
_pdbx_validate_torsion.phi             -58.18 
_pdbx_validate_torsion.psi             -3.85 
# 
loop_
_chem_comp_atom.comp_id 
_chem_comp_atom.atom_id 
_chem_comp_atom.type_symbol 
_chem_comp_atom.pdbx_aromatic_flag 
_chem_comp_atom.pdbx_stereo_config 
_chem_comp_atom.pdbx_ordinal 
ALA N    N N N 1   
ALA CA   C N S 2   
ALA C    C N N 3   
ALA O    O N N 4   
ALA CB   C N N 5   
ALA OXT  O N N 6   
ALA H    H N N 7   
ALA H2   H N N 8   
ALA HA   H N N 9   
ALA HB1  H N N 10  
ALA HB2  H N N 11  
ALA HB3  H N N 12  
ALA HXT  H N N 13  
ARG N    N N N 14  
ARG CA   C N S 15  
ARG C    C N N 16  
ARG O    O N N 17  
ARG CB   C N N 18  
ARG CG   C N N 19  
ARG CD   C N N 20  
ARG NE   N N N 21  
ARG CZ   C N N 22  
ARG NH1  N N N 23  
ARG NH2  N N N 24  
ARG OXT  O N N 25  
ARG H    H N N 26  
ARG H2   H N N 27  
ARG HA   H N N 28  
ARG HB2  H N N 29  
ARG HB3  H N N 30  
ARG HG2  H N N 31  
ARG HG3  H N N 32  
ARG HD2  H N N 33  
ARG HD3  H N N 34  
ARG HE   H N N 35  
ARG HH11 H N N 36  
ARG HH12 H N N 37  
ARG HH21 H N N 38  
ARG HH22 H N N 39  
ARG HXT  H N N 40  
ASN N    N N N 41  
ASN CA   C N S 42  
ASN C    C N N 43  
ASN O    O N N 44  
ASN CB   C N N 45  
ASN CG   C N N 46  
ASN OD1  O N N 47  
ASN ND2  N N N 48  
ASN OXT  O N N 49  
ASN H    H N N 50  
ASN H2   H N N 51  
ASN HA   H N N 52  
ASN HB2  H N N 53  
ASN HB3  H N N 54  
ASN HD21 H N N 55  
ASN HD22 H N N 56  
ASN HXT  H N N 57  
ASP N    N N N 58  
ASP CA   C N S 59  
ASP C    C N N 60  
ASP O    O N N 61  
ASP CB   C N N 62  
ASP CG   C N N 63  
ASP OD1  O N N 64  
ASP OD2  O N N 65  
ASP OXT  O N N 66  
ASP H    H N N 67  
ASP H2   H N N 68  
ASP HA   H N N 69  
ASP HB2  H N N 70  
ASP HB3  H N N 71  
ASP HD2  H N N 72  
ASP HXT  H N N 73  
CYS N    N N N 74  
CYS CA   C N R 75  
CYS C    C N N 76  
CYS O    O N N 77  
CYS CB   C N N 78  
CYS SG   S N N 79  
CYS OXT  O N N 80  
CYS H    H N N 81  
CYS H2   H N N 82  
CYS HA   H N N 83  
CYS HB2  H N N 84  
CYS HB3  H N N 85  
CYS HG   H N N 86  
CYS HXT  H N N 87  
GLN N    N N N 88  
GLN CA   C N S 89  
GLN C    C N N 90  
GLN O    O N N 91  
GLN CB   C N N 92  
GLN CG   C N N 93  
GLN CD   C N N 94  
GLN OE1  O N N 95  
GLN NE2  N N N 96  
GLN OXT  O N N 97  
GLN H    H N N 98  
GLN H2   H N N 99  
GLN HA   H N N 100 
GLN HB2  H N N 101 
GLN HB3  H N N 102 
GLN HG2  H N N 103 
GLN HG3  H N N 104 
GLN HE21 H N N 105 
GLN HE22 H N N 106 
GLN HXT  H N N 107 
GLU N    N N N 108 
GLU CA   C N S 109 
GLU C    C N N 110 
GLU O    O N N 111 
GLU CB   C N N 112 
GLU CG   C N N 113 
GLU CD   C N N 114 
GLU OE1  O N N 115 
GLU OE2  O N N 116 
GLU OXT  O N N 117 
GLU H    H N N 118 
GLU H2   H N N 119 
GLU HA   H N N 120 
GLU HB2  H N N 121 
GLU HB3  H N N 122 
GLU HG2  H N N 123 
GLU HG3  H N N 124 
GLU HE2  H N N 125 
GLU HXT  H N N 126 
GLY N    N N N 127 
GLY CA   C N N 128 
GLY C    C N N 129 
GLY O    O N N 130 
GLY OXT  O N N 131 
GLY H    H N N 132 
GLY H2   H N N 133 
GLY HA2  H N N 134 
GLY HA3  H N N 135 
GLY HXT  H N N 136 
HIS N    N N N 137 
HIS CA   C N S 138 
HIS C    C N N 139 
HIS O    O N N 140 
HIS CB   C N N 141 
HIS CG   C Y N 142 
HIS ND1  N Y N 143 
HIS CD2  C Y N 144 
HIS CE1  C Y N 145 
HIS NE2  N Y N 146 
HIS OXT  O N N 147 
HIS H    H N N 148 
HIS H2   H N N 149 
HIS HA   H N N 150 
HIS HB2  H N N 151 
HIS HB3  H N N 152 
HIS HD1  H N N 153 
HIS HD2  H N N 154 
HIS HE1  H N N 155 
HIS HE2  H N N 156 
HIS HXT  H N N 157 
HOH O    O N N 158 
HOH H1   H N N 159 
HOH H2   H N N 160 
ILE N    N N N 161 
ILE CA   C N S 162 
ILE C    C N N 163 
ILE O    O N N 164 
ILE CB   C N S 165 
ILE CG1  C N N 166 
ILE CG2  C N N 167 
ILE CD1  C N N 168 
ILE OXT  O N N 169 
ILE H    H N N 170 
ILE H2   H N N 171 
ILE HA   H N N 172 
ILE HB   H N N 173 
ILE HG12 H N N 174 
ILE HG13 H N N 175 
ILE HG21 H N N 176 
ILE HG22 H N N 177 
ILE HG23 H N N 178 
ILE HD11 H N N 179 
ILE HD12 H N N 180 
ILE HD13 H N N 181 
ILE HXT  H N N 182 
LEU N    N N N 183 
LEU CA   C N S 184 
LEU C    C N N 185 
LEU O    O N N 186 
LEU CB   C N N 187 
LEU CG   C N N 188 
LEU CD1  C N N 189 
LEU CD2  C N N 190 
LEU OXT  O N N 191 
LEU H    H N N 192 
LEU H2   H N N 193 
LEU HA   H N N 194 
LEU HB2  H N N 195 
LEU HB3  H N N 196 
LEU HG   H N N 197 
LEU HD11 H N N 198 
LEU HD12 H N N 199 
LEU HD13 H N N 200 
LEU HD21 H N N 201 
LEU HD22 H N N 202 
LEU HD23 H N N 203 
LEU HXT  H N N 204 
LYS N    N N N 205 
LYS CA   C N S 206 
LYS C    C N N 207 
LYS O    O N N 208 
LYS CB   C N N 209 
LYS CG   C N N 210 
LYS CD   C N N 211 
LYS CE   C N N 212 
LYS NZ   N N N 213 
LYS OXT  O N N 214 
LYS H    H N N 215 
LYS H2   H N N 216 
LYS HA   H N N 217 
LYS HB2  H N N 218 
LYS HB3  H N N 219 
LYS HG2  H N N 220 
LYS HG3  H N N 221 
LYS HD2  H N N 222 
LYS HD3  H N N 223 
LYS HE2  H N N 224 
LYS HE3  H N N 225 
LYS HZ1  H N N 226 
LYS HZ2  H N N 227 
LYS HZ3  H N N 228 
LYS HXT  H N N 229 
MET N    N N N 230 
MET CA   C N S 231 
MET C    C N N 232 
MET O    O N N 233 
MET CB   C N N 234 
MET CG   C N N 235 
MET SD   S N N 236 
MET CE   C N N 237 
MET OXT  O N N 238 
MET H    H N N 239 
MET H2   H N N 240 
MET HA   H N N 241 
MET HB2  H N N 242 
MET HB3  H N N 243 
MET HG2  H N N 244 
MET HG3  H N N 245 
MET HE1  H N N 246 
MET HE2  H N N 247 
MET HE3  H N N 248 
MET HXT  H N N 249 
PHE N    N N N 250 
PHE CA   C N S 251 
PHE C    C N N 252 
PHE O    O N N 253 
PHE CB   C N N 254 
PHE CG   C Y N 255 
PHE CD1  C Y N 256 
PHE CD2  C Y N 257 
PHE CE1  C Y N 258 
PHE CE2  C Y N 259 
PHE CZ   C Y N 260 
PHE OXT  O N N 261 
PHE H    H N N 262 
PHE H2   H N N 263 
PHE HA   H N N 264 
PHE HB2  H N N 265 
PHE HB3  H N N 266 
PHE HD1  H N N 267 
PHE HD2  H N N 268 
PHE HE1  H N N 269 
PHE HE2  H N N 270 
PHE HZ   H N N 271 
PHE HXT  H N N 272 
PRO N    N N N 273 
PRO CA   C N S 274 
PRO C    C N N 275 
PRO O    O N N 276 
PRO CB   C N N 277 
PRO CG   C N N 278 
PRO CD   C N N 279 
PRO OXT  O N N 280 
PRO H    H N N 281 
PRO HA   H N N 282 
PRO HB2  H N N 283 
PRO HB3  H N N 284 
PRO HG2  H N N 285 
PRO HG3  H N N 286 
PRO HD2  H N N 287 
PRO HD3  H N N 288 
PRO HXT  H N N 289 
SER N    N N N 290 
SER CA   C N S 291 
SER C    C N N 292 
SER O    O N N 293 
SER CB   C N N 294 
SER OG   O N N 295 
SER OXT  O N N 296 
SER H    H N N 297 
SER H2   H N N 298 
SER HA   H N N 299 
SER HB2  H N N 300 
SER HB3  H N N 301 
SER HG   H N N 302 
SER HXT  H N N 303 
THR N    N N N 304 
THR CA   C N S 305 
THR C    C N N 306 
THR O    O N N 307 
THR CB   C N R 308 
THR OG1  O N N 309 
THR CG2  C N N 310 
THR OXT  O N N 311 
THR H    H N N 312 
THR H2   H N N 313 
THR HA   H N N 314 
THR HB   H N N 315 
THR HG1  H N N 316 
THR HG21 H N N 317 
THR HG22 H N N 318 
THR HG23 H N N 319 
THR HXT  H N N 320 
TYR N    N N N 321 
TYR CA   C N S 322 
TYR C    C N N 323 
TYR O    O N N 324 
TYR CB   C N N 325 
TYR CG   C Y N 326 
TYR CD1  C Y N 327 
TYR CD2  C Y N 328 
TYR CE1  C Y N 329 
TYR CE2  C Y N 330 
TYR CZ   C Y N 331 
TYR OH   O N N 332 
TYR OXT  O N N 333 
TYR H    H N N 334 
TYR H2   H N N 335 
TYR HA   H N N 336 
TYR HB2  H N N 337 
TYR HB3  H N N 338 
TYR HD1  H N N 339 
TYR HD2  H N N 340 
TYR HE1  H N N 341 
TYR HE2  H N N 342 
TYR HH   H N N 343 
TYR HXT  H N N 344 
VAL N    N N N 345 
VAL CA   C N S 346 
VAL C    C N N 347 
VAL O    O N N 348 
VAL CB   C N N 349 
VAL CG1  C N N 350 
VAL CG2  C N N 351 
VAL OXT  O N N 352 
VAL H    H N N 353 
VAL H2   H N N 354 
VAL HA   H N N 355 
VAL HB   H N N 356 
VAL HG11 H N N 357 
VAL HG12 H N N 358 
VAL HG13 H N N 359 
VAL HG21 H N N 360 
VAL HG22 H N N 361 
VAL HG23 H N N 362 
VAL HXT  H N N 363 
# 
loop_
_chem_comp_bond.comp_id 
_chem_comp_bond.atom_id_1 
_chem_comp_bond.atom_id_2 
_chem_comp_bond.value_order 
_chem_comp_bond.pdbx_aromatic_flag 
_chem_comp_bond.pdbx_stereo_config 
_chem_comp_bond.pdbx_ordinal 
ALA N   CA   sing N N 1   
ALA N   H    sing N N 2   
ALA N   H2   sing N N 3   
ALA CA  C    sing N N 4   
ALA CA  CB   sing N N 5   
ALA CA  HA   sing N N 6   
ALA C   O    doub N N 7   
ALA C   OXT  sing N N 8   
ALA CB  HB1  sing N N 9   
ALA CB  HB2  sing N N 10  
ALA CB  HB3  sing N N 11  
ALA OXT HXT  sing N N 12  
ARG N   CA   sing N N 13  
ARG N   H    sing N N 14  
ARG N   H2   sing N N 15  
ARG CA  C    sing N N 16  
ARG CA  CB   sing N N 17  
ARG CA  HA   sing N N 18  
ARG C   O    doub N N 19  
ARG C   OXT  sing N N 20  
ARG CB  CG   sing N N 21  
ARG CB  HB2  sing N N 22  
ARG CB  HB3  sing N N 23  
ARG CG  CD   sing N N 24  
ARG CG  HG2  sing N N 25  
ARG CG  HG3  sing N N 26  
ARG CD  NE   sing N N 27  
ARG CD  HD2  sing N N 28  
ARG CD  HD3  sing N N 29  
ARG NE  CZ   sing N N 30  
ARG NE  HE   sing N N 31  
ARG CZ  NH1  sing N N 32  
ARG CZ  NH2  doub N N 33  
ARG NH1 HH11 sing N N 34  
ARG NH1 HH12 sing N N 35  
ARG NH2 HH21 sing N N 36  
ARG NH2 HH22 sing N N 37  
ARG OXT HXT  sing N N 38  
ASN N   CA   sing N N 39  
ASN N   H    sing N N 40  
ASN N   H2   sing N N 41  
ASN CA  C    sing N N 42  
ASN CA  CB   sing N N 43  
ASN CA  HA   sing N N 44  
ASN C   O    doub N N 45  
ASN C   OXT  sing N N 46  
ASN CB  CG   sing N N 47  
ASN CB  HB2  sing N N 48  
ASN CB  HB3  sing N N 49  
ASN CG  OD1  doub N N 50  
ASN CG  ND2  sing N N 51  
ASN ND2 HD21 sing N N 52  
ASN ND2 HD22 sing N N 53  
ASN OXT HXT  sing N N 54  
ASP N   CA   sing N N 55  
ASP N   H    sing N N 56  
ASP N   H2   sing N N 57  
ASP CA  C    sing N N 58  
ASP CA  CB   sing N N 59  
ASP CA  HA   sing N N 60  
ASP C   O    doub N N 61  
ASP C   OXT  sing N N 62  
ASP CB  CG   sing N N 63  
ASP CB  HB2  sing N N 64  
ASP CB  HB3  sing N N 65  
ASP CG  OD1  doub N N 66  
ASP CG  OD2  sing N N 67  
ASP OD2 HD2  sing N N 68  
ASP OXT HXT  sing N N 69  
CYS N   CA   sing N N 70  
CYS N   H    sing N N 71  
CYS N   H2   sing N N 72  
CYS CA  C    sing N N 73  
CYS CA  CB   sing N N 74  
CYS CA  HA   sing N N 75  
CYS C   O    doub N N 76  
CYS C   OXT  sing N N 77  
CYS CB  SG   sing N N 78  
CYS CB  HB2  sing N N 79  
CYS CB  HB3  sing N N 80  
CYS SG  HG   sing N N 81  
CYS OXT HXT  sing N N 82  
GLN N   CA   sing N N 83  
GLN N   H    sing N N 84  
GLN N   H2   sing N N 85  
GLN CA  C    sing N N 86  
GLN CA  CB   sing N N 87  
GLN CA  HA   sing N N 88  
GLN C   O    doub N N 89  
GLN C   OXT  sing N N 90  
GLN CB  CG   sing N N 91  
GLN CB  HB2  sing N N 92  
GLN CB  HB3  sing N N 93  
GLN CG  CD   sing N N 94  
GLN CG  HG2  sing N N 95  
GLN CG  HG3  sing N N 96  
GLN CD  OE1  doub N N 97  
GLN CD  NE2  sing N N 98  
GLN NE2 HE21 sing N N 99  
GLN NE2 HE22 sing N N 100 
GLN OXT HXT  sing N N 101 
GLU N   CA   sing N N 102 
GLU N   H    sing N N 103 
GLU N   H2   sing N N 104 
GLU CA  C    sing N N 105 
GLU CA  CB   sing N N 106 
GLU CA  HA   sing N N 107 
GLU C   O    doub N N 108 
GLU C   OXT  sing N N 109 
GLU CB  CG   sing N N 110 
GLU CB  HB2  sing N N 111 
GLU CB  HB3  sing N N 112 
GLU CG  CD   sing N N 113 
GLU CG  HG2  sing N N 114 
GLU CG  HG3  sing N N 115 
GLU CD  OE1  doub N N 116 
GLU CD  OE2  sing N N 117 
GLU OE2 HE2  sing N N 118 
GLU OXT HXT  sing N N 119 
GLY N   CA   sing N N 120 
GLY N   H    sing N N 121 
GLY N   H2   sing N N 122 
GLY CA  C    sing N N 123 
GLY CA  HA2  sing N N 124 
GLY CA  HA3  sing N N 125 
GLY C   O    doub N N 126 
GLY C   OXT  sing N N 127 
GLY OXT HXT  sing N N 128 
HIS N   CA   sing N N 129 
HIS N   H    sing N N 130 
HIS N   H2   sing N N 131 
HIS CA  C    sing N N 132 
HIS CA  CB   sing N N 133 
HIS CA  HA   sing N N 134 
HIS C   O    doub N N 135 
HIS C   OXT  sing N N 136 
HIS CB  CG   sing N N 137 
HIS CB  HB2  sing N N 138 
HIS CB  HB3  sing N N 139 
HIS CG  ND1  sing Y N 140 
HIS CG  CD2  doub Y N 141 
HIS ND1 CE1  doub Y N 142 
HIS ND1 HD1  sing N N 143 
HIS CD2 NE2  sing Y N 144 
HIS CD2 HD2  sing N N 145 
HIS CE1 NE2  sing Y N 146 
HIS CE1 HE1  sing N N 147 
HIS NE2 HE2  sing N N 148 
HIS OXT HXT  sing N N 149 
HOH O   H1   sing N N 150 
HOH O   H2   sing N N 151 
ILE N   CA   sing N N 152 
ILE N   H    sing N N 153 
ILE N   H2   sing N N 154 
ILE CA  C    sing N N 155 
ILE CA  CB   sing N N 156 
ILE CA  HA   sing N N 157 
ILE C   O    doub N N 158 
ILE C   OXT  sing N N 159 
ILE CB  CG1  sing N N 160 
ILE CB  CG2  sing N N 161 
ILE CB  HB   sing N N 162 
ILE CG1 CD1  sing N N 163 
ILE CG1 HG12 sing N N 164 
ILE CG1 HG13 sing N N 165 
ILE CG2 HG21 sing N N 166 
ILE CG2 HG22 sing N N 167 
ILE CG2 HG23 sing N N 168 
ILE CD1 HD11 sing N N 169 
ILE CD1 HD12 sing N N 170 
ILE CD1 HD13 sing N N 171 
ILE OXT HXT  sing N N 172 
LEU N   CA   sing N N 173 
LEU N   H    sing N N 174 
LEU N   H2   sing N N 175 
LEU CA  C    sing N N 176 
LEU CA  CB   sing N N 177 
LEU CA  HA   sing N N 178 
LEU C   O    doub N N 179 
LEU C   OXT  sing N N 180 
LEU CB  CG   sing N N 181 
LEU CB  HB2  sing N N 182 
LEU CB  HB3  sing N N 183 
LEU CG  CD1  sing N N 184 
LEU CG  CD2  sing N N 185 
LEU CG  HG   sing N N 186 
LEU CD1 HD11 sing N N 187 
LEU CD1 HD12 sing N N 188 
LEU CD1 HD13 sing N N 189 
LEU CD2 HD21 sing N N 190 
LEU CD2 HD22 sing N N 191 
LEU CD2 HD23 sing N N 192 
LEU OXT HXT  sing N N 193 
LYS N   CA   sing N N 194 
LYS N   H    sing N N 195 
LYS N   H2   sing N N 196 
LYS CA  C    sing N N 197 
LYS CA  CB   sing N N 198 
LYS CA  HA   sing N N 199 
LYS C   O    doub N N 200 
LYS C   OXT  sing N N 201 
LYS CB  CG   sing N N 202 
LYS CB  HB2  sing N N 203 
LYS CB  HB3  sing N N 204 
LYS CG  CD   sing N N 205 
LYS CG  HG2  sing N N 206 
LYS CG  HG3  sing N N 207 
LYS CD  CE   sing N N 208 
LYS CD  HD2  sing N N 209 
LYS CD  HD3  sing N N 210 
LYS CE  NZ   sing N N 211 
LYS CE  HE2  sing N N 212 
LYS CE  HE3  sing N N 213 
LYS NZ  HZ1  sing N N 214 
LYS NZ  HZ2  sing N N 215 
LYS NZ  HZ3  sing N N 216 
LYS OXT HXT  sing N N 217 
MET N   CA   sing N N 218 
MET N   H    sing N N 219 
MET N   H2   sing N N 220 
MET CA  C    sing N N 221 
MET CA  CB   sing N N 222 
MET CA  HA   sing N N 223 
MET C   O    doub N N 224 
MET C   OXT  sing N N 225 
MET CB  CG   sing N N 226 
MET CB  HB2  sing N N 227 
MET CB  HB3  sing N N 228 
MET CG  SD   sing N N 229 
MET CG  HG2  sing N N 230 
MET CG  HG3  sing N N 231 
MET SD  CE   sing N N 232 
MET CE  HE1  sing N N 233 
MET CE  HE2  sing N N 234 
MET CE  HE3  sing N N 235 
MET OXT HXT  sing N N 236 
PHE N   CA   sing N N 237 
PHE N   H    sing N N 238 
PHE N   H2   sing N N 239 
PHE CA  C    sing N N 240 
PHE CA  CB   sing N N 241 
PHE CA  HA   sing N N 242 
PHE C   O    doub N N 243 
PHE C   OXT  sing N N 244 
PHE CB  CG   sing N N 245 
PHE CB  HB2  sing N N 246 
PHE CB  HB3  sing N N 247 
PHE CG  CD1  doub Y N 248 
PHE CG  CD2  sing Y N 249 
PHE CD1 CE1  sing Y N 250 
PHE CD1 HD1  sing N N 251 
PHE CD2 CE2  doub Y N 252 
PHE CD2 HD2  sing N N 253 
PHE CE1 CZ   doub Y N 254 
PHE CE1 HE1  sing N N 255 
PHE CE2 CZ   sing Y N 256 
PHE CE2 HE2  sing N N 257 
PHE CZ  HZ   sing N N 258 
PHE OXT HXT  sing N N 259 
PRO N   CA   sing N N 260 
PRO N   CD   sing N N 261 
PRO N   H    sing N N 262 
PRO CA  C    sing N N 263 
PRO CA  CB   sing N N 264 
PRO CA  HA   sing N N 265 
PRO C   O    doub N N 266 
PRO C   OXT  sing N N 267 
PRO CB  CG   sing N N 268 
PRO CB  HB2  sing N N 269 
PRO CB  HB3  sing N N 270 
PRO CG  CD   sing N N 271 
PRO CG  HG2  sing N N 272 
PRO CG  HG3  sing N N 273 
PRO CD  HD2  sing N N 274 
PRO CD  HD3  sing N N 275 
PRO OXT HXT  sing N N 276 
SER N   CA   sing N N 277 
SER N   H    sing N N 278 
SER N   H2   sing N N 279 
SER CA  C    sing N N 280 
SER CA  CB   sing N N 281 
SER CA  HA   sing N N 282 
SER C   O    doub N N 283 
SER C   OXT  sing N N 284 
SER CB  OG   sing N N 285 
SER CB  HB2  sing N N 286 
SER CB  HB3  sing N N 287 
SER OG  HG   sing N N 288 
SER OXT HXT  sing N N 289 
THR N   CA   sing N N 290 
THR N   H    sing N N 291 
THR N   H2   sing N N 292 
THR CA  C    sing N N 293 
THR CA  CB   sing N N 294 
THR CA  HA   sing N N 295 
THR C   O    doub N N 296 
THR C   OXT  sing N N 297 
THR CB  OG1  sing N N 298 
THR CB  CG2  sing N N 299 
THR CB  HB   sing N N 300 
THR OG1 HG1  sing N N 301 
THR CG2 HG21 sing N N 302 
THR CG2 HG22 sing N N 303 
THR CG2 HG23 sing N N 304 
THR OXT HXT  sing N N 305 
TYR N   CA   sing N N 306 
TYR N   H    sing N N 307 
TYR N   H2   sing N N 308 
TYR CA  C    sing N N 309 
TYR CA  CB   sing N N 310 
TYR CA  HA   sing N N 311 
TYR C   O    doub N N 312 
TYR C   OXT  sing N N 313 
TYR CB  CG   sing N N 314 
TYR CB  HB2  sing N N 315 
TYR CB  HB3  sing N N 316 
TYR CG  CD1  doub Y N 317 
TYR CG  CD2  sing Y N 318 
TYR CD1 CE1  sing Y N 319 
TYR CD1 HD1  sing N N 320 
TYR CD2 CE2  doub Y N 321 
TYR CD2 HD2  sing N N 322 
TYR CE1 CZ   doub Y N 323 
TYR CE1 HE1  sing N N 324 
TYR CE2 CZ   sing Y N 325 
TYR CE2 HE2  sing N N 326 
TYR CZ  OH   sing N N 327 
TYR OH  HH   sing N N 328 
TYR OXT HXT  sing N N 329 
VAL N   CA   sing N N 330 
VAL N   H    sing N N 331 
VAL N   H2   sing N N 332 
VAL CA  C    sing N N 333 
VAL CA  CB   sing N N 334 
VAL CA  HA   sing N N 335 
VAL C   O    doub N N 336 
VAL C   OXT  sing N N 337 
VAL CB  CG1  sing N N 338 
VAL CB  CG2  sing N N 339 
VAL CB  HB   sing N N 340 
VAL CG1 HG11 sing N N 341 
VAL CG1 HG12 sing N N 342 
VAL CG1 HG13 sing N N 343 
VAL CG2 HG21 sing N N 344 
VAL CG2 HG22 sing N N 345 
VAL CG2 HG23 sing N N 346 
VAL OXT HXT  sing N N 347 
# 
_atom_sites.entry_id                    1GVP 
_atom_sites.fract_transf_matrix[1][1]   -0.00577937 
_atom_sites.fract_transf_matrix[1][2]   0.00308359 
_atom_sites.fract_transf_matrix[1][3]   -0.01185402 
_atom_sites.fract_transf_matrix[2][1]   0.00461971 
_atom_sites.fract_transf_matrix[2][2]   -0.03376030 
_atom_sites.fract_transf_matrix[2][3]   -0.01103440 
_atom_sites.fract_transf_matrix[3][1]   -0.02345380 
_atom_sites.fract_transf_matrix[3][2]   -0.00451331 
_atom_sites.fract_transf_matrix[3][3]   0.00398944 
_atom_sites.fract_transf_vector[1]      0.133056 
_atom_sites.fract_transf_vector[2]      0.271820 
_atom_sites.fract_transf_vector[3]      0.189334 
# 
loop_
_atom_type.symbol 
C 
H 
N 
O 
S 
# 
loop_
_atom_site.group_PDB 
_atom_site.id 
_atom_site.type_symbol 
_atom_site.label_atom_id 
_atom_site.label_alt_id 
_atom_site.label_comp_id 
_atom_site.label_asym_id 
_atom_site.label_entity_id 
_atom_site.label_seq_id 
_atom_site.pdbx_PDB_ins_code 
_atom_site.Cartn_x 
_atom_site.Cartn_y 
_atom_site.Cartn_z 
_atom_site.occupancy 
_atom_site.B_iso_or_equiv 
_atom_site.pdbx_formal_charge 
_atom_site.auth_seq_id 
_atom_site.auth_comp_id 
_atom_site.auth_asym_id 
_atom_site.auth_atom_id 
_atom_site.pdbx_PDB_model_num 
ATOM   1   N N    . MET A 1 1  ? 7.935   -13.534 3.037   1.00 46.59 ? 1   MET A N    1 
ATOM   2   C CA   . MET A 1 1  ? 8.302   -12.796 4.252   1.00 45.10 ? 1   MET A CA   1 
ATOM   3   C C    . MET A 1 1  ? 7.081   -12.072 4.799   1.00 39.57 ? 1   MET A C    1 
ATOM   4   O O    . MET A 1 1  ? 6.391   -12.723 5.564   1.00 41.65 ? 1   MET A O    1 
ATOM   5   C CB   . MET A 1 1  ? 9.403   -11.725 4.035   1.00 51.04 ? 1   MET A CB   1 
ATOM   6   C CG   . MET A 1 1  ? 9.831   -10.953 5.326   1.00 58.23 ? 1   MET A CG   1 
ATOM   7   S SD   . MET A 1 1  ? 10.833  -9.430  5.171   1.00 66.49 ? 1   MET A SD   1 
ATOM   8   C CE   . MET A 1 1  ? 12.448  -10.072 5.545   1.00 62.60 ? 1   MET A CE   1 
ATOM   9   H H1   . MET A 1 1  ? 7.540   -12.944 2.276   1.00 15.00 ? 1   MET A H1   1 
ATOM   10  H H2   . MET A 1 1  ? 8.722   -14.046 2.582   1.00 15.00 ? 1   MET A H2   1 
ATOM   11  H H3   . MET A 1 1  ? 7.213   -14.243 3.307   1.00 15.00 ? 1   MET A H3   1 
ATOM   12  N N    . ILE A 1 2  ? 6.689   -10.829 4.477   1.00 34.39 ? 2   ILE A N    1 
ATOM   13  C CA   . ILE A 1 2  ? 5.470   -10.303 5.089   1.00 28.36 ? 2   ILE A CA   1 
ATOM   14  C C    . ILE A 1 2  ? 4.323   -10.862 4.263   1.00 23.56 ? 2   ILE A C    1 
ATOM   15  O O    . ILE A 1 2  ? 4.393   -10.836 3.041   1.00 22.42 ? 2   ILE A O    1 
ATOM   16  C CB   . ILE A 1 2  ? 5.356   -8.722  5.085   1.00 29.44 ? 2   ILE A CB   1 
ATOM   17  C CG1  . ILE A 1 2  ? 6.443   -8.007  5.844   1.00 30.75 ? 2   ILE A CG1  1 
ATOM   18  C CG2  . ILE A 1 2  ? 4.155   -8.328  5.916   1.00 29.56 ? 2   ILE A CG2  1 
ATOM   19  C CD1  . ILE A 1 2  ? 7.621   -7.534  4.971   1.00 34.94 ? 2   ILE A CD1  1 
ATOM   20  H H    . ILE A 1 2  ? 7.201   -10.266 3.866   1.00 15.00 ? 2   ILE A H    1 
ATOM   21  N N    . LYS A 1 3  ? 3.348   -11.458 4.895   1.00 21.40 ? 3   LYS A N    1 
ATOM   22  C CA   . LYS A 1 3  ? 2.141   -11.905 4.234   1.00 21.77 ? 3   LYS A CA   1 
ATOM   23  C C    . LYS A 1 3  ? 1.065   -10.793 4.255   1.00 19.66 ? 3   LYS A C    1 
ATOM   24  O O    . LYS A 1 3  ? 0.646   -10.280 5.306   1.00 20.32 ? 3   LYS A O    1 
ATOM   25  C CB   . LYS A 1 3  ? 1.619   -13.130 4.943   1.00 24.21 ? 3   LYS A CB   1 
ATOM   26  C CG   . LYS A 1 3  ? 0.481   -13.784 4.198   1.00 29.28 ? 3   LYS A CG   1 
ATOM   27  C CD   . LYS A 1 3  ? -0.131  -14.656 5.236   1.00 34.30 ? 3   LYS A CD   1 
ATOM   28  C CE   . LYS A 1 3  ? -0.528  -16.002 4.669   1.00 39.45 ? 3   LYS A CE   1 
ATOM   29  N NZ   . LYS A 1 3  ? -0.678  -16.973 5.749   1.00 44.69 ? 3   LYS A NZ   1 
ATOM   30  H H    . LYS A 1 3  ? 3.471   -11.628 5.846   1.00 15.00 ? 3   LYS A H    1 
ATOM   31  H HZ1  . LYS A 1 3  ? 0.120   -16.845 6.416   1.00 15.00 ? 3   LYS A HZ1  1 
ATOM   32  H HZ2  . LYS A 1 3  ? -1.555  -16.805 6.276   1.00 15.00 ? 3   LYS A HZ2  1 
ATOM   33  H HZ3  . LYS A 1 3  ? -0.641  -17.932 5.342   1.00 15.00 ? 3   LYS A HZ3  1 
ATOM   34  N N    . VAL A 1 4  ? 0.639   -10.400 3.050   1.00 19.04 ? 4   VAL A N    1 
ATOM   35  C CA   . VAL A 1 4  ? -0.411  -9.381  2.839   1.00 17.58 ? 4   VAL A CA   1 
ATOM   36  C C    . VAL A 1 4  ? -1.564  -10.065 2.078   1.00 17.47 ? 4   VAL A C    1 
ATOM   37  O O    . VAL A 1 4  ? -1.402  -10.866 1.146   1.00 15.98 ? 4   VAL A O    1 
ATOM   38  C CB   . VAL A 1 4  ? 0.082   -8.120  1.983   1.00 18.64 ? 4   VAL A CB   1 
ATOM   39  C CG1  . VAL A 1 4  ? -1.015  -7.033  1.999   1.00 16.78 ? 4   VAL A CG1  1 
ATOM   40  C CG2  . VAL A 1 4  ? 1.425   -7.544  2.536   1.00 20.20 ? 4   VAL A CG2  1 
ATOM   41  H H    . VAL A 1 4  ? 1.060   -10.809 2.262   1.00 15.00 ? 4   VAL A H    1 
ATOM   42  N N    . GLU A 1 5  ? -2.755  -9.759  2.536   1.00 16.58 ? 5   GLU A N    1 
ATOM   43  C CA   . GLU A 1 5  ? -3.944  -10.294 1.917   1.00 18.62 ? 5   GLU A CA   1 
ATOM   44  C C    . GLU A 1 5  ? -4.965  -9.229  1.532   1.00 16.71 ? 5   GLU A C    1 
ATOM   45  O O    . GLU A 1 5  ? -5.306  -8.367  2.347   1.00 17.49 ? 5   GLU A O    1 
ATOM   46  C CB   . GLU A 1 5  ? -4.545  -11.284 2.877   1.00 20.67 ? 5   GLU A CB   1 
ATOM   47  C CG   . GLU A 1 5  ? -5.607  -12.067 2.132   1.00 29.23 ? 5   GLU A CG   1 
ATOM   48  C CD   . GLU A 1 5  ? -6.244  -13.232 2.868   1.00 34.71 ? 5   GLU A CD   1 
ATOM   49  O OE1  . GLU A 1 5  ? -5.959  -13.502 4.047   1.00 36.25 ? 5   GLU A OE1  1 
ATOM   50  O OE2  . GLU A 1 5  ? -7.110  -13.849 2.245   1.00 35.48 ? 5   GLU A OE2  1 
ATOM   51  H H    . GLU A 1 5  ? -2.824  -9.169  3.309   1.00 15.00 ? 5   GLU A H    1 
ATOM   52  N N    . ILE A 1 6  ? -5.407  -9.196  0.284   1.00 15.90 ? 6   ILE A N    1 
ATOM   53  C CA   . ILE A 1 6  ? -6.546  -8.356  -0.091  1.00 17.31 ? 6   ILE A CA   1 
ATOM   54  C C    . ILE A 1 6  ? -7.797  -9.253  -0.048  1.00 19.10 ? 6   ILE A C    1 
ATOM   55  O O    . ILE A 1 6  ? -7.876  -10.201 -0.827  1.00 20.23 ? 6   ILE A O    1 
ATOM   56  C CB   . ILE A 1 6  ? -6.433  -7.800  -1.530  1.00 17.13 ? 6   ILE A CB   1 
ATOM   57  C CG1  . ILE A 1 6  ? -5.087  -7.099  -1.746  1.00 20.58 ? 6   ILE A CG1  1 
ATOM   58  C CG2  . ILE A 1 6  ? -7.660  -6.871  -1.785  1.00 16.11 ? 6   ILE A CG2  1 
ATOM   59  C CD1  . ILE A 1 6  ? -4.953  -5.700  -1.206  1.00 16.18 ? 6   ILE A CD1  1 
ATOM   60  H H    . ILE A 1 6  ? -4.971  -9.778  -0.376  1.00 15.00 ? 6   ILE A H    1 
ATOM   61  N N    . LYS A 1 7  ? -8.713  -9.109  0.916   1.00 18.84 ? 7   LYS A N    1 
ATOM   62  C CA   . LYS A 1 7  ? -10.014 -9.828  0.973   1.00 18.39 ? 7   LYS A CA   1 
ATOM   63  C C    . LYS A 1 7  ? -10.977 -9.467  -0.184  1.00 18.78 ? 7   LYS A C    1 
ATOM   64  O O    . LYS A 1 7  ? -10.780 -8.409  -0.846  1.00 18.21 ? 7   LYS A O    1 
ATOM   65  C CB   . LYS A 1 7  ? -10.713 -9.518  2.290   1.00 17.52 ? 7   LYS A CB   1 
ATOM   66  C CG   . LYS A 1 7  ? -10.089 -10.023 3.567   1.00 20.38 ? 7   LYS A CG   1 
ATOM   67  C CD   . LYS A 1 7  ? -9.877  -11.475 3.405   1.00 22.23 ? 7   LYS A CD   1 
ATOM   68  C CE   . LYS A 1 7  ? -9.549  -12.184 4.702   1.00 27.97 ? 7   LYS A CE   1 
ATOM   69  N NZ   . LYS A 1 7  ? -9.106  -13.539 4.388   1.00 33.30 ? 7   LYS A NZ   1 
ATOM   70  H H    . LYS A 1 7  ? -8.411  -8.639  1.710   1.00 15.00 ? 7   LYS A H    1 
ATOM   71  H HZ1  . LYS A 1 7  ? -9.773  -14.026 3.744   1.00 15.00 ? 7   LYS A HZ1  1 
ATOM   72  H HZ2  . LYS A 1 7  ? -8.193  -13.524 3.863   1.00 15.00 ? 7   LYS A HZ2  1 
ATOM   73  H HZ3  . LYS A 1 7  ? -8.944  -14.101 5.241   1.00 15.00 ? 7   LYS A HZ3  1 
ATOM   74  N N    . PRO A 1 8  ? -12.024 -10.265 -0.511  1.00 17.97 ? 8   PRO A N    1 
ATOM   75  C CA   . PRO A 1 8  ? -13.051 -9.904  -1.504  1.00 16.71 ? 8   PRO A CA   1 
ATOM   76  C C    . PRO A 1 8  ? -13.686 -8.548  -1.230  1.00 15.60 ? 8   PRO A C    1 
ATOM   77  O O    . PRO A 1 8  ? -13.967 -7.776  -2.152  1.00 18.40 ? 8   PRO A O    1 
ATOM   78  C CB   . PRO A 1 8  ? -13.997 -11.056 -1.436  1.00 15.38 ? 8   PRO A CB   1 
ATOM   79  C CG   . PRO A 1 8  ? -13.042 -12.199 -1.225  1.00 17.56 ? 8   PRO A CG   1 
ATOM   80  C CD   . PRO A 1 8  ? -12.222 -11.634 -0.077  1.00 18.63 ? 8   PRO A CD   1 
ATOM   81  N N    . SER A 1 9  ? -13.859 -8.167  0.049   1.00 16.31 ? 9   SER A N    1 
ATOM   82  C CA   . SER A 1 9  ? -14.388 -6.850  0.472   1.00 18.75 ? 9   SER A CA   1 
ATOM   83  C C    . SER A 1 9  ? -13.483 -5.639  0.270   1.00 18.69 ? 9   SER A C    1 
ATOM   84  O O    . SER A 1 9  ? -13.917 -4.497  0.344   1.00 21.93 ? 9   SER A O    1 
ATOM   85  C CB   . SER A 1 9  ? -14.744 -6.824  1.942   1.00 21.29 ? 9   SER A CB   1 
ATOM   86  O OG   . SER A 1 9  ? -13.647 -7.090  2.799   1.00 24.36 ? 9   SER A OG   1 
ATOM   87  H H    . SER A 1 9  ? -13.678 -8.844  0.737   1.00 15.00 ? 9   SER A H    1 
ATOM   88  H HG   . SER A 1 9  ? -13.991 -7.413  3.653   1.00 15.00 ? 9   SER A HG   1 
ATOM   89  N N    . GLN A 1 10 ? -12.213 -5.865  -0.051  1.00 19.93 ? 10  GLN A N    1 
ATOM   90  C CA   . GLN A 1 10 ? -11.196 -4.825  -0.204  1.00 20.87 ? 10  GLN A CA   1 
ATOM   91  C C    . GLN A 1 10 ? -10.725 -4.631  -1.633  1.00 22.68 ? 10  GLN A C    1 
ATOM   92  O O    . GLN A 1 10 ? -9.776  -3.891  -1.905  1.00 23.19 ? 10  GLN A O    1 
ATOM   93  C CB   . GLN A 1 10 ? -10.001 -5.183  0.697   1.00 20.03 ? 10  GLN A CB   1 
ATOM   94  C CG   . GLN A 1 10 ? -10.370 -5.321  2.181   1.00 17.82 ? 10  GLN A CG   1 
ATOM   95  C CD   . GLN A 1 10 ? -9.277  -5.856  3.093   1.00 17.59 ? 10  GLN A CD   1 
ATOM   96  O OE1  . GLN A 1 10 ? -9.072  -5.409  4.214   1.00 21.15 ? 10  GLN A OE1  1 
ATOM   97  N NE2  . GLN A 1 10 ? -8.488  -6.828  2.708   1.00 12.71 ? 10  GLN A NE2  1 
ATOM   98  H H    . GLN A 1 10 ? -11.943 -6.800  -0.157  1.00 15.00 ? 10  GLN A H    1 
ATOM   99  H HE21 . GLN A 1 10 ? -7.860  -7.123  3.393   1.00 15.00 ? 10  GLN A HE21 1 
ATOM   100 H HE22 . GLN A 1 10 ? -8.590  -7.130  1.793   1.00 15.00 ? 10  GLN A HE22 1 
ATOM   101 N N    . ALA A 1 11 ? -11.414 -5.251  -2.592  1.00 20.95 ? 11  ALA A N    1 
ATOM   102 C CA   . ALA A 1 11 ? -11.034 -5.142  -3.983  1.00 22.49 ? 11  ALA A CA   1 
ATOM   103 C C    . ALA A 1 11 ? -11.183 -3.786  -4.649  1.00 24.17 ? 11  ALA A C    1 
ATOM   104 O O    . ALA A 1 11 ? -10.764 -3.608  -5.792  1.00 29.37 ? 11  ALA A O    1 
ATOM   105 C CB   . ALA A 1 11 ? -11.833 -6.122  -4.801  1.00 22.83 ? 11  ALA A CB   1 
ATOM   106 H H    . ALA A 1 11 ? -12.162 -5.831  -2.341  1.00 15.00 ? 11  ALA A H    1 
ATOM   107 N N    . GLN A 1 12 ? -11.830 -2.830  -4.008  1.00 27.20 ? 12  GLN A N    1 
ATOM   108 C CA   . GLN A 1 12 ? -12.000 -1.470  -4.525  1.00 30.66 ? 12  GLN A CA   1 
ATOM   109 C C    . GLN A 1 12 ? -11.110 -0.404  -3.872  1.00 27.50 ? 12  GLN A C    1 
ATOM   110 O O    . GLN A 1 12 ? -10.760 -0.483  -2.696  1.00 28.21 ? 12  GLN A O    1 
ATOM   111 C CB   . GLN A 1 12 ? -13.490 -1.044  -4.366  1.00 36.48 ? 12  GLN A CB   1 
ATOM   112 C CG   . GLN A 1 12 ? -13.976 0.429   -4.682  1.00 47.72 ? 12  GLN A CG   1 
ATOM   113 C CD   . GLN A 1 12 ? -13.867 0.997   -6.119  1.00 51.40 ? 12  GLN A CD   1 
ATOM   114 O OE1  . GLN A 1 12 ? -12.803 1.136   -6.736  1.00 54.29 ? 12  GLN A OE1  1 
ATOM   115 N NE2  . GLN A 1 12 ? -14.956 1.381   -6.761  1.00 54.05 ? 12  GLN A NE2  1 
ATOM   116 H H    . GLN A 1 12 ? -12.181 -3.036  -3.124  1.00 15.00 ? 12  GLN A H    1 
ATOM   117 H HE21 . GLN A 1 12 ? -14.769 1.741   -7.647  1.00 15.00 ? 12  GLN A HE21 1 
ATOM   118 H HE22 . GLN A 1 12 ? -15.825 1.298   -6.336  1.00 15.00 ? 12  GLN A HE22 1 
ATOM   119 N N    . PHE A 1 13 ? -10.732 0.624   -4.592  1.00 24.86 ? 13  PHE A N    1 
ATOM   120 C CA   . PHE A 1 13 ? -10.074 1.733   -3.938  1.00 24.76 ? 13  PHE A CA   1 
ATOM   121 C C    . PHE A 1 13 ? -10.956 2.982   -3.850  1.00 26.18 ? 13  PHE A C    1 
ATOM   122 O O    . PHE A 1 13 ? -11.996 3.149   -4.511  1.00 26.71 ? 13  PHE A O    1 
ATOM   123 C CB   . PHE A 1 13 ? -8.814  2.074   -4.671  1.00 26.37 ? 13  PHE A CB   1 
ATOM   124 C CG   . PHE A 1 13 ? -9.119  2.477   -6.085  1.00 31.79 ? 13  PHE A CG   1 
ATOM   125 C CD1  . PHE A 1 13 ? -9.350  1.487   -7.042  1.00 36.52 ? 13  PHE A CD1  1 
ATOM   126 C CD2  . PHE A 1 13 ? -9.185  3.820   -6.415  1.00 29.23 ? 13  PHE A CD2  1 
ATOM   127 C CE1  . PHE A 1 13 ? -9.651  1.853   -8.337  1.00 37.41 ? 13  PHE A CE1  1 
ATOM   128 C CE2  . PHE A 1 13 ? -9.485  4.180   -7.706  1.00 31.10 ? 13  PHE A CE2  1 
ATOM   129 C CZ   . PHE A 1 13 ? -9.717  3.205   -8.668  1.00 37.48 ? 13  PHE A CZ   1 
ATOM   130 H H    . PHE A 1 13 ? -11.056 0.706   -5.513  1.00 15.00 ? 13  PHE A H    1 
ATOM   131 N N    . THR A 1 14 ? -10.581 3.899   -2.985  1.00 24.02 ? 14  THR A N    1 
ATOM   132 C CA   . THR A 1 14 ? -11.279 5.181   -2.942  1.00 23.69 ? 14  THR A CA   1 
ATOM   133 C C    . THR A 1 14 ? -10.290 6.236   -3.338  1.00 21.57 ? 14  THR A C    1 
ATOM   134 O O    . THR A 1 14 ? -9.095  5.974   -3.333  1.00 19.84 ? 14  THR A O    1 
ATOM   135 C CB   . THR A 1 14 ? -11.857 5.501   -1.537  1.00 24.62 ? 14  THR A CB   1 
ATOM   136 O OG1  . THR A 1 14 ? -10.850 5.426   -0.534  1.00 24.56 ? 14  THR A OG1  1 
ATOM   137 C CG2  . THR A 1 14 ? -12.944 4.488   -1.194  1.00 22.44 ? 14  THR A CG2  1 
ATOM   138 H H    . THR A 1 14 ? -9.821  3.713   -2.391  1.00 15.00 ? 14  THR A H    1 
ATOM   139 H HG1  . THR A 1 14 ? -10.353 6.263   -0.537  1.00 15.00 ? 14  THR A HG1  1 
ATOM   140 N N    . THR A 1 15 ? -10.715 7.407   -3.753  1.00 19.99 ? 15  THR A N    1 
ATOM   141 C CA   . THR A 1 15 ? -9.822  8.449   -4.220  1.00 20.27 ? 15  THR A CA   1 
ATOM   142 C C    . THR A 1 15 ? -9.940  9.703   -3.400  1.00 24.37 ? 15  THR A C    1 
ATOM   143 O O    . THR A 1 15 ? -11.017 10.239  -3.128  1.00 24.36 ? 15  THR A O    1 
ATOM   144 C CB   . THR A 1 15 ? -10.088 8.888   -5.652  1.00 16.22 ? 15  THR A CB   1 
ATOM   145 O OG1  . THR A 1 15 ? -9.960  7.704   -6.388  1.00 20.32 ? 15  THR A OG1  1 
ATOM   146 C CG2  . THR A 1 15 ? -9.159  9.913   -6.206  1.00 17.74 ? 15  THR A CG2  1 
ATOM   147 H H    . THR A 1 15 ? -11.680 7.557   -3.756  1.00 15.00 ? 15  THR A H    1 
ATOM   148 H HG1  . THR A 1 15 ? -10.144 7.850   -7.336  1.00 15.00 ? 15  THR A HG1  1 
ATOM   149 N N    . ARG A 1 16 ? -8.777  10.164  -2.999  1.00 26.71 ? 16  ARG A N    1 
ATOM   150 C CA   . ARG A 1 16 ? -8.604  11.434  -2.316  1.00 29.82 ? 16  ARG A CA   1 
ATOM   151 C C    . ARG A 1 16 ? -8.099  12.434  -3.323  1.00 31.21 ? 16  ARG A C    1 
ATOM   152 O O    . ARG A 1 16 ? -7.254  12.143  -4.163  1.00 29.93 ? 16  ARG A O    1 
ATOM   153 C CB   . ARG A 1 16 ? -7.520  11.513  -1.275  1.00 30.52 ? 16  ARG A CB   1 
ATOM   154 C CG   . ARG A 1 16 ? -7.548  10.891  0.068   1.00 31.33 ? 16  ARG A CG   1 
ATOM   155 C CD   . ARG A 1 16 ? -6.329  11.680  0.475   1.00 34.75 ? 16  ARG A CD   1 
ATOM   156 N NE   . ARG A 1 16 ? -6.027  11.459  1.860   1.00 40.04 ? 16  ARG A NE   1 
ATOM   157 C CZ   . ARG A 1 16 ? -5.758  12.412  2.730   1.00 35.11 ? 16  ARG A CZ   1 
ATOM   158 N NH1  . ARG A 1 16 ? -5.809  13.713  2.511   1.00 31.80 ? 16  ARG A NH1  1 
ATOM   159 N NH2  . ARG A 1 16 ? -5.533  11.967  3.905   1.00 34.56 ? 16  ARG A NH2  1 
ATOM   160 H H    . ARG A 1 16 ? -7.988  9.613   -3.175  1.00 15.00 ? 16  ARG A H    1 
ATOM   161 H HE   . ARG A 1 16 ? -6.026  10.521  2.153   1.00 15.00 ? 16  ARG A HE   1 
ATOM   162 H HH11 . ARG A 1 16 ? -6.137  14.042  1.615   1.00 15.00 ? 16  ARG A HH11 1 
ATOM   163 H HH12 . ARG A 1 16 ? -5.635  14.369  3.236   1.00 15.00 ? 16  ARG A HH12 1 
ATOM   164 H HH21 . ARG A 1 16 ? -5.801  11.022  4.121   1.00 15.00 ? 16  ARG A HH21 1 
ATOM   165 H HH22 . ARG A 1 16 ? -5.386  12.609  4.638   1.00 15.00 ? 16  ARG A HH22 1 
ATOM   166 N N    . SER A 1 17 ? -8.560  13.656  -3.173  1.00 37.65 ? 17  SER A N    1 
ATOM   167 C CA   . SER A 1 17 ? -8.090  14.699  -4.061  1.00 43.31 ? 17  SER A CA   1 
ATOM   168 C C    . SER A 1 17 ? -7.659  15.969  -3.371  1.00 45.68 ? 17  SER A C    1 
ATOM   169 O O    . SER A 1 17 ? -7.680  16.097  -2.131  1.00 46.26 ? 17  SER A O    1 
ATOM   170 C CB   . SER A 1 17 ? -9.164  15.028  -5.050  1.00 44.84 ? 17  SER A CB   1 
ATOM   171 O OG   . SER A 1 17 ? -9.492  13.818  -5.719  1.00 52.95 ? 17  SER A OG   1 
ATOM   172 H H    . SER A 1 17 ? -9.235  13.837  -2.482  1.00 15.00 ? 17  SER A H    1 
ATOM   173 H HG   . SER A 1 17 ? -10.301 13.464  -5.312  1.00 15.00 ? 17  SER A HG   1 
ATOM   174 N N    . GLY A 1 18 ? -7.095  16.851  -4.194  1.00 48.87 ? 18  GLY A N    1 
ATOM   175 C CA   . GLY A 1 18 ? -6.710  18.171  -3.710  1.00 51.75 ? 18  GLY A CA   1 
ATOM   176 C C    . GLY A 1 18 ? -5.757  18.938  -4.604  1.00 52.80 ? 18  GLY A C    1 
ATOM   177 O O    . GLY A 1 18 ? -5.529  18.587  -5.752  1.00 51.28 ? 18  GLY A O    1 
ATOM   178 H H    . GLY A 1 18 ? -6.866  16.567  -5.109  1.00 15.00 ? 18  GLY A H    1 
ATOM   179 N N    . VAL A 1 19 ? -5.177  19.980  -4.027  1.00 57.40 ? 19  VAL A N    1 
ATOM   180 C CA   . VAL A 1 19 ? -4.246  20.892  -4.696  1.00 62.32 ? 19  VAL A CA   1 
ATOM   181 C C    . VAL A 1 19 ? -3.022  21.321  -3.851  1.00 64.36 ? 19  VAL A C    1 
ATOM   182 O O    . VAL A 1 19 ? -3.117  21.744  -2.696  1.00 63.90 ? 19  VAL A O    1 
ATOM   183 C CB   . VAL A 1 19 ? -5.080  22.151  -5.170  1.00 62.87 ? 19  VAL A CB   1 
ATOM   184 C CG1  . VAL A 1 19 ? -4.188  23.356  -5.474  1.00 64.71 ? 19  VAL A CG1  1 
ATOM   185 C CG2  . VAL A 1 19 ? -5.798  21.831  -6.477  1.00 61.68 ? 19  VAL A CG2  1 
ATOM   186 H H    . VAL A 1 19 ? -5.439  20.190  -3.103  1.00 15.00 ? 19  VAL A H    1 
ATOM   187 N N    . SER A 1 20 ? -1.831  21.201  -4.426  1.00 67.85 ? 20  SER A N    1 
ATOM   188 C CA   . SER A 1 20 ? -0.576  21.700  -3.846  1.00 73.19 ? 20  SER A CA   1 
ATOM   189 C C    . SER A 1 20 ? -0.554  23.210  -3.554  1.00 76.22 ? 20  SER A C    1 
ATOM   190 O O    . SER A 1 20 ? -1.147  23.974  -4.323  1.00 76.31 ? 20  SER A O    1 
ATOM   191 C CB   . SER A 1 20 ? 0.594   21.391  -4.800  1.00 73.34 ? 20  SER A CB   1 
ATOM   192 O OG   . SER A 1 20 ? 1.790   22.119  -4.519  1.00 75.85 ? 20  SER A OG   1 
ATOM   193 H H    . SER A 1 20 ? -1.822  20.727  -5.274  1.00 15.00 ? 20  SER A H    1 
ATOM   194 H HG   . SER A 1 20 ? 2.485   21.848  -5.145  1.00 15.00 ? 20  SER A HG   1 
ATOM   195 N N    . ARG A 1 21 ? 0.108   23.765  -2.518  1.00 79.55 ? 21  ARG A N    1 
ATOM   196 C CA   . ARG A 1 21 ? 0.197   25.238  -2.326  1.00 82.93 ? 21  ARG A CA   1 
ATOM   197 C C    . ARG A 1 21 ? 0.775   25.984  -3.550  1.00 83.06 ? 21  ARG A C    1 
ATOM   198 O O    . ARG A 1 21 ? 0.662   27.201  -3.737  1.00 83.06 ? 21  ARG A O    1 
ATOM   199 C CB   . ARG A 1 21 ? 1.115   25.666  -1.174  1.00 86.43 ? 21  ARG A CB   1 
ATOM   200 C CG   . ARG A 1 21 ? 1.226   24.784  0.040   1.00 90.33 ? 21  ARG A CG   1 
ATOM   201 C CD   . ARG A 1 21 ? 2.357   25.145  1.017   1.00 94.00 ? 21  ARG A CD   1 
ATOM   202 N NE   . ARG A 1 21 ? 3.711   25.261  0.464   1.00 96.80 ? 21  ARG A NE   1 
ATOM   203 C CZ   . ARG A 1 21 ? 4.363   24.278  -0.145  1.00 98.28 ? 21  ARG A CZ   1 
ATOM   204 N NH1  . ARG A 1 21 ? 3.853   23.086  -0.351  1.00 98.30 ? 21  ARG A NH1  1 
ATOM   205 N NH2  . ARG A 1 21 ? 5.573   24.483  -0.587  1.00 98.83 ? 21  ARG A NH2  1 
ATOM   206 H H    . ARG A 1 21 ? 0.463   23.142  -1.856  1.00 15.00 ? 21  ARG A H    1 
ATOM   207 H HE   . ARG A 1 21 ? 4.151   26.142  0.507   1.00 15.00 ? 21  ARG A HE   1 
ATOM   208 H HH11 . ARG A 1 21 ? 2.898   22.901  -0.149  1.00 15.00 ? 21  ARG A HH11 1 
ATOM   209 H HH12 . ARG A 1 21 ? 4.366   22.482  -0.988  1.00 15.00 ? 21  ARG A HH12 1 
ATOM   210 H HH21 . ARG A 1 21 ? 6.013   25.371  -0.541  1.00 15.00 ? 21  ARG A HH21 1 
ATOM   211 H HH22 . ARG A 1 21 ? 5.996   23.725  -1.107  1.00 15.00 ? 21  ARG A HH22 1 
ATOM   212 N N    . GLN A 1 22 ? 1.522   25.196  -4.323  1.00 83.11 ? 22  GLN A N    1 
ATOM   213 C CA   . GLN A 1 22 ? 2.141   25.565  -5.585  1.00 83.29 ? 22  GLN A CA   1 
ATOM   214 C C    . GLN A 1 22 ? 1.173   25.429  -6.791  1.00 81.65 ? 22  GLN A C    1 
ATOM   215 O O    . GLN A 1 22 ? 1.571   25.453  -7.959  1.00 82.70 ? 22  GLN A O    1 
ATOM   216 C CB   . GLN A 1 22 ? 3.408   24.662  -5.595  1.00 85.45 ? 22  GLN A CB   1 
ATOM   217 C CG   . GLN A 1 22 ? 4.212   24.311  -6.848  1.00 88.61 ? 22  GLN A CG   1 
ATOM   218 C CD   . GLN A 1 22 ? 3.933   22.941  -7.483  1.00 90.43 ? 22  GLN A CD   1 
ATOM   219 O OE1  . GLN A 1 22 ? 3.135   22.103  -7.065  1.00 90.98 ? 22  GLN A OE1  1 
ATOM   220 N NE2  . GLN A 1 22 ? 4.624   22.610  -8.549  1.00 89.60 ? 22  GLN A NE2  1 
ATOM   221 H H    . GLN A 1 22 ? 1.670   24.273  -4.017  1.00 15.00 ? 22  GLN A H    1 
ATOM   222 H HE21 . GLN A 1 22 ? 4.351   21.789  -9.010  1.00 15.00 ? 22  GLN A HE21 1 
ATOM   223 H HE22 . GLN A 1 22 ? 5.331   23.216  -8.828  1.00 15.00 ? 22  GLN A HE22 1 
ATOM   224 N N    . GLY A 1 23 ? -0.137  25.268  -6.541  1.00 79.06 ? 23  GLY A N    1 
ATOM   225 C CA   . GLY A 1 23 ? -1.179  25.177  -7.569  1.00 75.14 ? 23  GLY A CA   1 
ATOM   226 C C    . GLY A 1 23 ? -1.584  23.781  -8.063  1.00 72.69 ? 23  GLY A C    1 
ATOM   227 O O    . GLY A 1 23 ? -2.751  23.553  -8.368  1.00 72.51 ? 23  GLY A O    1 
ATOM   228 H H    . GLY A 1 23 ? -0.422  25.233  -5.608  1.00 15.00 ? 23  GLY A H    1 
ATOM   229 N N    . LYS A 1 24 ? -0.666  22.807  -8.138  1.00 70.90 ? 24  LYS A N    1 
ATOM   230 C CA   . LYS A 1 24 ? -0.901  21.453  -8.674  1.00 68.12 ? 24  LYS A CA   1 
ATOM   231 C C    . LYS A 1 24 ? -1.950  20.507  -8.052  1.00 64.55 ? 24  LYS A C    1 
ATOM   232 O O    . LYS A 1 24 ? -1.757  19.983  -6.947  1.00 65.20 ? 24  LYS A O    1 
ATOM   233 C CB   . LYS A 1 24 ? 0.473   20.767  -8.701  1.00 70.32 ? 24  LYS A CB   1 
ATOM   234 C CG   . LYS A 1 24 ? 0.603   19.283  -9.047  1.00 74.77 ? 24  LYS A CG   1 
ATOM   235 C CD   . LYS A 1 24 ? 2.103   19.008  -8.972  1.00 79.35 ? 24  LYS A CD   1 
ATOM   236 C CE   . LYS A 1 24 ? 2.575   17.547  -8.999  1.00 81.61 ? 24  LYS A CE   1 
ATOM   237 N NZ   . LYS A 1 24 ? 4.019   17.482  -9.190  1.00 83.61 ? 24  LYS A NZ   1 
ATOM   238 H H    . LYS A 1 24 ? 0.229   23.059  -7.833  1.00 15.00 ? 24  LYS A H    1 
ATOM   239 H HZ1  . LYS A 1 24 ? 4.506   18.099  -8.512  1.00 15.00 ? 24  LYS A HZ1  1 
ATOM   240 H HZ2  . LYS A 1 24 ? 4.395   16.522  -9.078  1.00 15.00 ? 24  LYS A HZ2  1 
ATOM   241 H HZ3  . LYS A 1 24 ? 4.273   17.836  -10.145 1.00 15.00 ? 24  LYS A HZ3  1 
ATOM   242 N N    . PRO A 1 25 ? -3.069  20.203  -8.716  1.00 60.23 ? 25  PRO A N    1 
ATOM   243 C CA   . PRO A 1 25 ? -3.998  19.164  -8.309  1.00 56.19 ? 25  PRO A CA   1 
ATOM   244 C C    . PRO A 1 25 ? -3.476  17.731  -8.260  1.00 52.34 ? 25  PRO A C    1 
ATOM   245 O O    . PRO A 1 25 ? -2.852  17.206  -9.190  1.00 51.85 ? 25  PRO A O    1 
ATOM   246 C CB   . PRO A 1 25 ? -5.159  19.321  -9.264  1.00 57.39 ? 25  PRO A CB   1 
ATOM   247 C CG   . PRO A 1 25 ? -4.504  19.844  -10.516 1.00 57.88 ? 25  PRO A CG   1 
ATOM   248 C CD   . PRO A 1 25 ? -3.541  20.859  -9.929  1.00 60.22 ? 25  PRO A CD   1 
ATOM   249 N N    . TYR A 1 26 ? -3.691  17.106  -7.111  1.00 47.66 ? 26  TYR A N    1 
ATOM   250 C CA   . TYR A 1 26 ? -3.353  15.708  -6.911  1.00 42.13 ? 26  TYR A CA   1 
ATOM   251 C C    . TYR A 1 26 ? -4.582  14.821  -6.741  1.00 38.76 ? 26  TYR A C    1 
ATOM   252 O O    . TYR A 1 26 ? -5.680  15.212  -6.333  1.00 37.64 ? 26  TYR A O    1 
ATOM   253 C CB   . TYR A 1 26 ? -2.446  15.515  -5.665  1.00 40.62 ? 26  TYR A CB   1 
ATOM   254 C CG   . TYR A 1 26 ? -3.075  15.818  -4.311  1.00 41.19 ? 26  TYR A CG   1 
ATOM   255 C CD1  . TYR A 1 26 ? -3.794  14.820  -3.614  1.00 40.18 ? 26  TYR A CD1  1 
ATOM   256 C CD2  . TYR A 1 26 ? -2.940  17.102  -3.769  1.00 40.60 ? 26  TYR A CD2  1 
ATOM   257 C CE1  . TYR A 1 26 ? -4.385  15.107  -2.385  1.00 39.81 ? 26  TYR A CE1  1 
ATOM   258 C CE2  . TYR A 1 26 ? -3.529  17.391  -2.533  1.00 42.10 ? 26  TYR A CE2  1 
ATOM   259 C CZ   . TYR A 1 26 ? -4.244  16.395  -1.860  1.00 42.26 ? 26  TYR A CZ   1 
ATOM   260 O OH   . TYR A 1 26 ? -4.837  16.709  -0.660  1.00 45.33 ? 26  TYR A OH   1 
ATOM   261 H H    . TYR A 1 26 ? -4.094  17.621  -6.391  1.00 15.00 ? 26  TYR A H    1 
ATOM   262 H HH   . TYR A 1 26 ? -5.416  15.982  -0.395  1.00 15.00 ? 26  TYR A HH   1 
ATOM   263 N N    . SER A 1 27 ? -4.279  13.563  -6.971  1.00 36.36 ? 27  SER A N    1 
ATOM   264 C CA   . SER A 1 27 ? -5.247  12.498  -6.814  1.00 36.06 ? 27  SER A CA   1 
ATOM   265 C C    . SER A 1 27 ? -4.535  11.281  -6.222  1.00 34.14 ? 27  SER A C    1 
ATOM   266 O O    . SER A 1 27 ? -3.461  10.872  -6.681  1.00 35.48 ? 27  SER A O    1 
ATOM   267 C CB   . SER A 1 27 ? -5.829  12.180  -8.174  1.00 38.72 ? 27  SER A CB   1 
ATOM   268 O OG   . SER A 1 27 ? -6.896  11.253  -8.105  1.00 44.26 ? 27  SER A OG   1 
ATOM   269 H H    . SER A 1 27 ? -3.372  13.339  -7.264  1.00 15.00 ? 27  SER A H    1 
ATOM   270 H HG   . SER A 1 27 ? -7.678  11.688  -7.744  1.00 15.00 ? 27  SER A HG   1 
ATOM   271 N N    . LEU A 1 28 ? -5.028  10.739  -5.113  1.00 29.37 ? 28  LEU A N    1 
ATOM   272 C CA   . LEU A 1 28 ? -4.416  9.576   -4.481  1.00 25.93 ? 28  LEU A CA   1 
ATOM   273 C C    . LEU A 1 28 ? -5.422  8.456   -4.307  1.00 23.14 ? 28  LEU A C    1 
ATOM   274 O O    . LEU A 1 28 ? -6.496  8.661   -3.755  1.00 22.83 ? 28  LEU A O    1 
ATOM   275 C CB   . LEU A 1 28 ? -3.911  9.870   -3.093  1.00 26.15 ? 28  LEU A CB   1 
ATOM   276 C CG   . LEU A 1 28 ? -2.929  10.976  -2.861  1.00 28.72 ? 28  LEU A CG   1 
ATOM   277 C CD1  . LEU A 1 28 ? -2.792  11.249  -1.355  1.00 27.22 ? 28  LEU A CD1  1 
ATOM   278 C CD2  . LEU A 1 28 ? -1.628  10.575  -3.513  1.00 29.19 ? 28  LEU A CD2  1 
ATOM   279 H H    . LEU A 1 28 ? -5.848  11.119  -4.749  1.00 15.00 ? 28  LEU A H    1 
ATOM   280 N N    . ASN A 1 29 ? -5.061  7.264   -4.744  1.00 21.81 ? 29  ASN A N    1 
ATOM   281 C CA   . ASN A 1 29 ? -5.882  6.083   -4.577  1.00 18.88 ? 29  ASN A CA   1 
ATOM   282 C C    . ASN A 1 29 ? -5.492  5.273   -3.384  1.00 18.54 ? 29  ASN A C    1 
ATOM   283 O O    . ASN A 1 29 ? -4.322  5.029   -3.151  1.00 19.55 ? 29  ASN A O    1 
ATOM   284 C CB   . ASN A 1 29 ? -5.792  5.246   -5.808  1.00 18.62 ? 29  ASN A CB   1 
ATOM   285 C CG   . ASN A 1 29 ? -6.319  6.056   -6.987  1.00 24.09 ? 29  ASN A CG   1 
ATOM   286 O OD1  . ASN A 1 29 ? -5.917  5.856   -8.133  1.00 28.37 ? 29  ASN A OD1  1 
ATOM   287 N ND2  . ASN A 1 29 ? -7.226  7.012   -6.851  1.00 19.72 ? 29  ASN A ND2  1 
ATOM   288 H H    . ASN A 1 29 ? -4.192  7.208   -5.202  1.00 15.00 ? 29  ASN A H    1 
ATOM   289 H HD21 . ASN A 1 29 ? -7.418  7.454   -7.700  1.00 15.00 ? 29  ASN A HD21 1 
ATOM   290 H HD22 . ASN A 1 29 ? -7.664  7.221   -6.006  1.00 15.00 ? 29  ASN A HD22 1 
ATOM   291 N N    . GLU A 1 30 ? -6.431  4.904   -2.558  1.00 17.41 ? 30  GLU A N    1 
ATOM   292 C CA   . GLU A 1 30 ? -6.134  4.157   -1.363  1.00 19.98 ? 30  GLU A CA   1 
ATOM   293 C C    . GLU A 1 30 ? -6.945  2.861   -1.321  1.00 20.70 ? 30  GLU A C    1 
ATOM   294 O O    . GLU A 1 30 ? -8.124  2.794   -1.680  1.00 20.94 ? 30  GLU A O    1 
ATOM   295 C CB   . GLU A 1 30 ? -6.476  4.952   -0.110  1.00 21.00 ? 30  GLU A CB   1 
ATOM   296 C CG   . GLU A 1 30 ? -6.040  6.404   -0.174  1.00 31.16 ? 30  GLU A CG   1 
ATOM   297 C CD   . GLU A 1 30 ? -6.280  7.227   1.080   1.00 39.61 ? 30  GLU A CD   1 
ATOM   298 O OE1  . GLU A 1 30 ? -7.293  7.045   1.760   1.00 44.52 ? 30  GLU A OE1  1 
ATOM   299 O OE2  . GLU A 1 30 ? -5.426  8.059   1.404   1.00 47.23 ? 30  GLU A OE2  1 
ATOM   300 H H    . GLU A 1 30 ? -7.351  5.182   -2.749  1.00 15.00 ? 30  GLU A H    1 
ATOM   301 N N    . GLN A 1 31 ? -6.315  1.809   -0.864  1.00 17.03 ? 31  GLN A N    1 
ATOM   302 C CA   . GLN A 1 31 ? -6.990  0.553   -0.685  1.00 15.55 ? 31  GLN A CA   1 
ATOM   303 C C    . GLN A 1 31 ? -6.649  -0.062  0.672   1.00 16.28 ? 31  GLN A C    1 
ATOM   304 O O    . GLN A 1 31 ? -5.593  0.208   1.245   1.00 16.35 ? 31  GLN A O    1 
ATOM   305 C CB   . GLN A 1 31 ? -6.567  -0.267  -1.899  1.00 14.13 ? 31  GLN A CB   1 
ATOM   306 C CG   . GLN A 1 31 ? -7.015  -1.720  -1.930  1.00 13.85 ? 31  GLN A CG   1 
ATOM   307 C CD   . GLN A 1 31 ? -6.577  -2.539  -3.130  1.00 16.06 ? 31  GLN A CD   1 
ATOM   308 O OE1  . GLN A 1 31 ? -5.628  -2.269  -3.864  1.00 16.20 ? 31  GLN A OE1  1 
ATOM   309 N NE2  . GLN A 1 31 ? -7.289  -3.621  -3.392  1.00 20.12 ? 31  GLN A NE2  1 
ATOM   310 H H    . GLN A 1 31 ? -5.365  1.900   -0.636  1.00 15.00 ? 31  GLN A H    1 
ATOM   311 H HE21 . GLN A 1 31 ? -6.992  -4.169  -4.145  1.00 15.00 ? 31  GLN A HE21 1 
ATOM   312 H HE22 . GLN A 1 31 ? -8.054  -3.819  -2.819  1.00 15.00 ? 31  GLN A HE22 1 
ATOM   313 N N    . LEU A 1 32 ? -7.546  -0.818  1.269   1.00 14.73 ? 32  LEU A N    1 
ATOM   314 C CA   . LEU A 1 32 ? -7.261  -1.523  2.480   1.00 15.17 ? 32  LEU A CA   1 
ATOM   315 C C    . LEU A 1 32 ? -6.779  -2.941  2.253   1.00 14.50 ? 32  LEU A C    1 
ATOM   316 O O    . LEU A 1 32 ? -6.976  -3.542  1.201   1.00 13.85 ? 32  LEU A O    1 
ATOM   317 C CB   . LEU A 1 32 ? -8.489  -1.546  3.349   1.00 16.91 ? 32  LEU A CB   1 
ATOM   318 C CG   . LEU A 1 32 ? -8.953  -0.168  3.803   1.00 23.41 ? 32  LEU A CG   1 
ATOM   319 C CD1  . LEU A 1 32 ? -10.181 -0.360  4.621   1.00 26.30 ? 32  LEU A CD1  1 
ATOM   320 C CD2  . LEU A 1 32 ? -7.921  0.545   4.675   1.00 25.30 ? 32  LEU A CD2  1 
ATOM   321 H H    . LEU A 1 32 ? -8.415  -0.933  0.831   1.00 15.00 ? 32  LEU A H    1 
ATOM   322 N N    . CYS A 1 33 ? -6.048  -3.450  3.229   1.00 13.68 ? 33  CYS A N    1 
ATOM   323 C CA   . CYS A 1 33 ? -5.547  -4.806  3.203   1.00 13.82 ? 33  CYS A CA   1 
ATOM   324 C C    . CYS A 1 33 ? -5.292  -5.305  4.585   1.00 12.95 ? 33  CYS A C    1 
ATOM   325 O O    . CYS A 1 33 ? -5.447  -4.581  5.561   1.00 16.29 ? 33  CYS A O    1 
ATOM   326 C CB   . CYS A 1 33 ? -4.233  -4.967  2.415   1.00 19.99 ? 33  CYS A CB   1 
ATOM   327 S SG   . CYS A 1 33 ? -2.757  -4.133  3.095   1.00 17.75 ? 33  CYS A SG   1 
ATOM   328 H H    . CYS A 1 33 ? -5.793  -2.856  3.968   1.00 15.00 ? 33  CYS A H    1 
ATOM   329 N N    . TYR A 1 34 ? -4.991  -6.590  4.670   1.00 14.67 ? 34  TYR A N    1 
ATOM   330 C CA   . TYR A 1 34 ? -4.638  -7.233  5.916   1.00 16.20 ? 34  TYR A CA   1 
ATOM   331 C C    . TYR A 1 34 ? -3.200  -7.677  5.893   1.00 17.19 ? 34  TYR A C    1 
ATOM   332 O O    . TYR A 1 34 ? -2.739  -8.287  4.940   1.00 18.20 ? 34  TYR A O    1 
ATOM   333 C CB   . TYR A 1 34 ? -5.473  -8.469  6.181   1.00 19.14 ? 34  TYR A CB   1 
ATOM   334 C CG   . TYR A 1 34 ? -6.815  -8.066  6.728   1.00 19.36 ? 34  TYR A CG   1 
ATOM   335 C CD1  . TYR A 1 34 ? -6.907  -7.616  8.041   1.00 20.02 ? 34  TYR A CD1  1 
ATOM   336 C CD2  . TYR A 1 34 ? -7.936  -8.159  5.911   1.00 20.88 ? 34  TYR A CD2  1 
ATOM   337 C CE1  . TYR A 1 34 ? -8.136  -7.255  8.566   1.00 23.23 ? 34  TYR A CE1  1 
ATOM   338 C CE2  . TYR A 1 34 ? -9.176  -7.794  6.425   1.00 23.76 ? 34  TYR A CE2  1 
ATOM   339 C CZ   . TYR A 1 34 ? -9.263  -7.347  7.749   1.00 25.33 ? 34  TYR A CZ   1 
ATOM   340 O OH   . TYR A 1 34 ? -10.486 -6.978  8.258   1.00 27.97 ? 34  TYR A OH   1 
ATOM   341 H H    . TYR A 1 34 ? -5.007  -7.130  3.854   1.00 15.00 ? 34  TYR A H    1 
ATOM   342 H HH   . TYR A 1 34 ? -11.129 -6.954  7.541   1.00 15.00 ? 34  TYR A HH   1 
ATOM   343 N N    . VAL A 1 35 ? -2.475  -7.313  6.925   1.00 16.20 ? 35  VAL A N    1 
ATOM   344 C CA   . VAL A 1 35 ? -1.076  -7.649  7.021   1.00 17.18 ? 35  VAL A CA   1 
ATOM   345 C C    . VAL A 1 35 ? -0.858  -8.517  8.261   1.00 15.59 ? 35  VAL A C    1 
ATOM   346 O O    . VAL A 1 35 ? -1.277  -8.186  9.381   1.00 13.55 ? 35  VAL A O    1 
ATOM   347 C CB   . VAL A 1 35 ? -0.262  -6.274  7.051   1.00 20.01 ? 35  VAL A CB   1 
ATOM   348 C CG1  . VAL A 1 35 ? 1.257   -6.485  7.230   1.00 21.74 ? 35  VAL A CG1  1 
ATOM   349 C CG2  . VAL A 1 35 ? -0.400  -5.581  5.690   1.00 17.65 ? 35  VAL A CG2  1 
ATOM   350 H H    . VAL A 1 35 ? -2.890  -6.762  7.617   1.00 15.00 ? 35  VAL A H    1 
ATOM   351 N N    . ASP A 1 36 ? -0.230  -9.673  8.074   1.00 16.06 ? 36  ASP A N    1 
ATOM   352 C CA   . ASP A 1 36 ? 0.048   -10.493 9.230   1.00 19.12 ? 36  ASP A CA   1 
ATOM   353 C C    . ASP A 1 36 ? 1.346   -10.031 9.899   1.00 21.00 ? 36  ASP A C    1 
ATOM   354 O O    . ASP A 1 36 ? 2.446   -10.118 9.363   1.00 18.77 ? 36  ASP A O    1 
ATOM   355 C CB   . ASP A 1 36 ? 0.176   -11.922 8.812   1.00 23.22 ? 36  ASP A CB   1 
ATOM   356 C CG   . ASP A 1 36 ? 0.261   -12.918 9.958   1.00 27.26 ? 36  ASP A CG   1 
ATOM   357 O OD1  . ASP A 1 36 ? 0.096   -12.577 11.144  1.00 26.36 ? 36  ASP A OD1  1 
ATOM   358 O OD2  . ASP A 1 36 ? 0.518   -14.069 9.599   1.00 34.91 ? 36  ASP A OD2  1 
ATOM   359 H H    . ASP A 1 36 ? 0.002   -9.986  7.172   1.00 15.00 ? 36  ASP A H    1 
ATOM   360 N N    . LEU A 1 37 ? 1.193   -9.422  11.058  1.00 23.67 ? 37  LEU A N    1 
ATOM   361 C CA   . LEU A 1 37 ? 2.362   -9.017  11.821  1.00 27.30 ? 37  LEU A CA   1 
ATOM   362 C C    . LEU A 1 37 ? 2.718   -10.028 12.906  1.00 28.23 ? 37  LEU A C    1 
ATOM   363 O O    . LEU A 1 37 ? 3.596   -9.837  13.747  1.00 29.72 ? 37  LEU A O    1 
ATOM   364 C CB   . LEU A 1 37 ? 2.049   -7.633  12.372  1.00 24.69 ? 37  LEU A CB   1 
ATOM   365 C CG   . LEU A 1 37 ? 2.794   -6.460  11.777  1.00 25.41 ? 37  LEU A CG   1 
ATOM   366 C CD1  . LEU A 1 37 ? 3.276   -6.678  10.354  1.00 19.82 ? 37  LEU A CD1  1 
ATOM   367 C CD2  . LEU A 1 37 ? 1.854   -5.306  11.949  1.00 23.02 ? 37  LEU A CD2  1 
ATOM   368 H H    . LEU A 1 37 ? 0.282   -9.241  11.377  1.00 15.00 ? 37  LEU A H    1 
ATOM   369 N N    . GLY A 1 38 ? 2.077   -11.185 12.812  1.00 29.82 ? 38  GLY A N    1 
ATOM   370 C CA   . GLY A 1 38 ? 2.260   -12.241 13.772  1.00 33.02 ? 38  GLY A CA   1 
ATOM   371 C C    . GLY A 1 38 ? 1.468   -12.033 15.041  1.00 35.93 ? 38  GLY A C    1 
ATOM   372 O O    . GLY A 1 38 ? 1.845   -12.524 16.106  1.00 39.29 ? 38  GLY A O    1 
ATOM   373 H H    . GLY A 1 38 ? 1.525   -11.384 12.026  1.00 15.00 ? 38  GLY A H    1 
ATOM   374 N N    . ASN A 1 39 ? 0.404   -11.244 15.013  1.00 38.05 ? 39  ASN A N    1 
ATOM   375 C CA   . ASN A 1 39 ? -0.472  -11.117 16.188  1.00 39.77 ? 39  ASN A CA   1 
ATOM   376 C C    . ASN A 1 39 ? -1.562  -12.233 16.163  1.00 39.94 ? 39  ASN A C    1 
ATOM   377 O O    . ASN A 1 39 ? -1.500  -13.129 15.314  1.00 39.23 ? 39  ASN A O    1 
ATOM   378 C CB   . ASN A 1 39 ? -1.134  -9.719  16.172  1.00 46.82 ? 39  ASN A CB   1 
ATOM   379 C CG   . ASN A 1 39 ? -0.209  -8.523  15.865  1.00 52.01 ? 39  ASN A CG   1 
ATOM   380 O OD1  . ASN A 1 39 ? 0.753   -8.241  16.569  1.00 54.50 ? 39  ASN A OD1  1 
ATOM   381 N ND2  . ASN A 1 39 ? -0.355  -7.738  14.816  1.00 50.84 ? 39  ASN A ND2  1 
ATOM   382 H H    . ASN A 1 39 ? 0.211   -10.774 14.179  1.00 15.00 ? 39  ASN A H    1 
ATOM   383 H HD21 . ASN A 1 39 ? 0.278   -6.999  14.808  1.00 15.00 ? 39  ASN A HD21 1 
ATOM   384 H HD22 . ASN A 1 39 ? -1.032  -7.940  14.146  1.00 15.00 ? 39  ASN A HD22 1 
ATOM   385 N N    . GLU A 1 40 ? -2.595  -12.268 17.025  1.00 38.67 ? 40  GLU A N    1 
ATOM   386 C CA   . GLU A 1 40 ? -3.722  -13.221 16.926  1.00 37.14 ? 40  GLU A CA   1 
ATOM   387 C C    . GLU A 1 40 ? -4.293  -13.309 15.517  1.00 32.57 ? 40  GLU A C    1 
ATOM   388 O O    . GLU A 1 40 ? -4.478  -14.365 14.917  1.00 34.42 ? 40  GLU A O    1 
ATOM   389 C CB   . GLU A 1 40 ? -4.935  -12.827 17.775  1.00 42.57 ? 40  GLU A CB   1 
ATOM   390 C CG   . GLU A 1 40 ? -4.718  -12.265 19.162  1.00 52.63 ? 40  GLU A CG   1 
ATOM   391 C CD   . GLU A 1 40 ? -4.011  -13.241 20.076  1.00 58.80 ? 40  GLU A CD   1 
ATOM   392 O OE1  . GLU A 1 40 ? -4.216  -14.451 19.936  1.00 61.77 ? 40  GLU A OE1  1 
ATOM   393 O OE2  . GLU A 1 40 ? -3.249  -12.800 20.943  1.00 62.97 ? 40  GLU A OE2  1 
ATOM   394 H H    . GLU A 1 40 ? -2.539  -11.705 17.822  1.00 15.00 ? 40  GLU A H    1 
ATOM   395 N N    . TYR A 1 41 ? -4.662  -12.130 15.035  1.00 28.33 ? 41  TYR A N    1 
ATOM   396 C CA   . TYR A 1 41 ? -5.214  -11.971 13.709  1.00 26.62 ? 41  TYR A CA   1 
ATOM   397 C C    . TYR A 1 41 ? -4.405  -10.958 12.906  1.00 26.22 ? 41  TYR A C    1 
ATOM   398 O O    . TYR A 1 41 ? -3.646  -10.162 13.483  1.00 30.29 ? 41  TYR A O    1 
ATOM   399 C CB   . TYR A 1 41 ? -6.689  -11.522 13.808  1.00 24.74 ? 41  TYR A CB   1 
ATOM   400 C CG   . TYR A 1 41 ? -7.555  -12.614 14.406  1.00 22.70 ? 41  TYR A CG   1 
ATOM   401 C CD1  . TYR A 1 41 ? -7.960  -13.717 13.651  1.00 22.56 ? 41  TYR A CD1  1 
ATOM   402 C CD2  . TYR A 1 41 ? -7.887  -12.529 15.749  1.00 21.35 ? 41  TYR A CD2  1 
ATOM   403 C CE1  . TYR A 1 41 ? -8.684  -14.743 14.262  1.00 20.79 ? 41  TYR A CE1  1 
ATOM   404 C CE2  . TYR A 1 41 ? -8.605  -13.541 16.356  1.00 20.95 ? 41  TYR A CE2  1 
ATOM   405 C CZ   . TYR A 1 41 ? -8.992  -14.632 15.614  1.00 21.30 ? 41  TYR A CZ   1 
ATOM   406 O OH   . TYR A 1 41 ? -9.683  -15.641 16.262  1.00 31.20 ? 41  TYR A OH   1 
ATOM   407 H H    . TYR A 1 41 ? -4.538  -11.346 15.607  1.00 15.00 ? 41  TYR A H    1 
ATOM   408 H HH   . TYR A 1 41 ? -10.172 -15.280 17.011  1.00 15.00 ? 41  TYR A HH   1 
ATOM   409 N N    . PRO A 1 42 ? -4.484  -10.921 11.586  1.00 25.23 ? 42  PRO A N    1 
ATOM   410 C CA   . PRO A 1 42 ? -3.906  -9.880  10.761  1.00 23.74 ? 42  PRO A CA   1 
ATOM   411 C C    . PRO A 1 42 ? -4.434  -8.504  11.108  1.00 24.55 ? 42  PRO A C    1 
ATOM   412 O O    . PRO A 1 42 ? -5.518  -8.337  11.659  1.00 24.31 ? 42  PRO A O    1 
ATOM   413 C CB   . PRO A 1 42 ? -4.252  -10.277 9.351   1.00 25.93 ? 42  PRO A CB   1 
ATOM   414 C CG   . PRO A 1 42 ? -4.454  -11.769 9.414   1.00 25.25 ? 42  PRO A CG   1 
ATOM   415 C CD   . PRO A 1 42 ? -5.096  -11.955 10.762  1.00 25.57 ? 42  PRO A CD   1 
ATOM   416 N N    . VAL A 1 43 ? -3.669  -7.483  10.796  1.00 22.90 ? 43  VAL A N    1 
ATOM   417 C CA   . VAL A 1 43 ? -4.079  -6.139  11.077  1.00 21.40 ? 43  VAL A CA   1 
ATOM   418 C C    . VAL A 1 43 ? -4.493  -5.426  9.808   1.00 18.24 ? 43  VAL A C    1 
ATOM   419 O O    . VAL A 1 43 ? -4.010  -5.756  8.729   1.00 18.66 ? 43  VAL A O    1 
ATOM   420 C CB   . VAL A 1 43 ? -2.902  -5.411  11.795  1.00 25.82 ? 43  VAL A CB   1 
ATOM   421 C CG1  . VAL A 1 43 ? -2.732  -6.026  13.206  1.00 29.07 ? 43  VAL A CG1  1 
ATOM   422 C CG2  . VAL A 1 43 ? -1.603  -5.519  10.970  1.00 25.34 ? 43  VAL A CG2  1 
ATOM   423 H H    . VAL A 1 43 ? -2.822  -7.662  10.342  1.00 15.00 ? 43  VAL A H    1 
ATOM   424 N N    . LEU A 1 44 ? -5.396  -4.454  9.917   1.00 19.90 ? 44  LEU A N    1 
ATOM   425 C CA   . LEU A 1 44 ? -5.825  -3.679  8.770   1.00 20.15 ? 44  LEU A CA   1 
ATOM   426 C C    . LEU A 1 44 ? -4.882  -2.499  8.529   1.00 18.22 ? 44  LEU A C    1 
ATOM   427 O O    . LEU A 1 44 ? -4.599  -1.676  9.409   1.00 20.14 ? 44  LEU A O    1 
ATOM   428 C CB   . LEU A 1 44 ? -7.235  -3.183  9.020   1.00 22.25 ? 44  LEU A CB   1 
ATOM   429 C CG   . LEU A 1 44 ? -8.318  -3.020  7.963   1.00 27.63 ? 44  LEU A CG   1 
ATOM   430 C CD1  . LEU A 1 44 ? -9.008  -1.750  8.402   1.00 30.33 ? 44  LEU A CD1  1 
ATOM   431 C CD2  . LEU A 1 44 ? -7.871  -2.832  6.527   1.00 28.28 ? 44  LEU A CD2  1 
ATOM   432 H H    . LEU A 1 44 ? -5.735  -4.231  10.807  1.00 15.00 ? 44  LEU A H    1 
ATOM   433 N N    . VAL A 1 45 ? -4.441  -2.423  7.289   1.00 14.86 ? 45  VAL A N    1 
ATOM   434 C CA   . VAL A 1 45 ? -3.482  -1.456  6.803   1.00 14.86 ? 45  VAL A CA   1 
ATOM   435 C C    . VAL A 1 45 ? -3.986  -0.742  5.558   1.00 16.23 ? 45  VAL A C    1 
ATOM   436 O O    . VAL A 1 45 ? -4.524  -1.326  4.617   1.00 17.21 ? 45  VAL A O    1 
ATOM   437 C CB   . VAL A 1 45 ? -2.135  -2.250  6.545   1.00 12.49 ? 45  VAL A CB   1 
ATOM   438 C CG1  . VAL A 1 45 ? -1.133  -1.508  5.742   1.00 14.66 ? 45  VAL A CG1  1 
ATOM   439 C CG2  . VAL A 1 45 ? -1.417  -2.447  7.857   1.00 15.95 ? 45  VAL A CG2  1 
ATOM   440 H H    . VAL A 1 45 ? -4.801  -3.086  6.661   1.00 15.00 ? 45  VAL A H    1 
ATOM   441 N N    . LYS A 1 46 ? -3.811  0.556   5.506   1.00 16.56 ? 46  LYS A N    1 
ATOM   442 C CA   . LYS A 1 46 ? -4.079  1.296   4.303   1.00 20.12 ? 46  LYS A CA   1 
ATOM   443 C C    . LYS A 1 46 ? -2.860  1.511   3.377   1.00 19.39 ? 46  LYS A C    1 
ATOM   444 O O    . LYS A 1 46 ? -1.775  1.957   3.744   1.00 18.14 ? 46  LYS A O    1 
ATOM   445 C CB   . LYS A 1 46 ? -4.736  2.633   4.726   1.00 26.14 ? 46  LYS A CB   1 
ATOM   446 C CG   . LYS A 1 46 ? -5.210  3.405   3.495   1.00 35.88 ? 46  LYS A CG   1 
ATOM   447 C CD   . LYS A 1 46 ? -6.356  4.419   3.685   1.00 45.49 ? 46  LYS A CD   1 
ATOM   448 C CE   . LYS A 1 46 ? -7.648  3.872   3.027   1.00 50.13 ? 46  LYS A CE   1 
ATOM   449 N NZ   . LYS A 1 46 ? -8.599  4.868   2.559   1.00 51.95 ? 46  LYS A NZ   1 
ATOM   450 H H    . LYS A 1 46 ? -3.478  1.003   6.314   1.00 15.00 ? 46  LYS A H    1 
ATOM   451 H HZ1  . LYS A 1 46 ? -8.934  5.497   3.304   1.00 15.00 ? 46  LYS A HZ1  1 
ATOM   452 H HZ2  . LYS A 1 46 ? -8.147  5.470   1.838   1.00 15.00 ? 46  LYS A HZ2  1 
ATOM   453 H HZ3  . LYS A 1 46 ? -9.400  4.379   2.104   1.00 15.00 ? 46  LYS A HZ3  1 
ATOM   454 N N    . ILE A 1 47 ? -3.013  1.099   2.128   1.00 19.31 ? 47  ILE A N    1 
ATOM   455 C CA   . ILE A 1 47 ? -2.072  1.268   1.016   1.00 21.75 ? 47  ILE A CA   1 
ATOM   456 C C    . ILE A 1 47 ? -2.407  2.544   0.193   1.00 22.99 ? 47  ILE A C    1 
ATOM   457 O O    . ILE A 1 47 ? -3.585  2.867   -0.016  1.00 19.08 ? 47  ILE A O    1 
ATOM   458 C CB   . ILE A 1 47 ? -2.134  0.045   0.028   1.00 23.58 ? 47  ILE A CB   1 
ATOM   459 C CG1  . ILE A 1 47 ? -1.875  -1.276  0.684   1.00 26.46 ? 47  ILE A CG1  1 
ATOM   460 C CG2  . ILE A 1 47 ? -1.024  0.166   -0.980  1.00 29.37 ? 47  ILE A CG2  1 
ATOM   461 C CD1  . ILE A 1 47 ? -2.290  -2.376  -0.327  1.00 23.74 ? 47  ILE A CD1  1 
ATOM   462 H H    . ILE A 1 47 ? -3.842  0.607   1.949   1.00 15.00 ? 47  ILE A H    1 
ATOM   463 N N    . THR A 1 48 ? -1.412  3.361   -0.194  1.00 23.68 ? 48  THR A N    1 
ATOM   464 C CA   . THR A 1 48 ? -1.611  4.398   -1.218  1.00 25.22 ? 48  THR A CA   1 
ATOM   465 C C    . THR A 1 48 ? -0.956  3.833   -2.456  1.00 26.42 ? 48  THR A C    1 
ATOM   466 O O    . THR A 1 48 ? 0.243   3.550   -2.505  1.00 27.16 ? 48  THR A O    1 
ATOM   467 C CB   . THR A 1 48 ? -0.904  5.781   -1.057  1.00 27.36 ? 48  THR A CB   1 
ATOM   468 O OG1  . THR A 1 48 ? -1.249  6.314   0.220   1.00 30.54 ? 48  THR A OG1  1 
ATOM   469 C CG2  . THR A 1 48 ? -1.381  6.810   -2.091  1.00 27.75 ? 48  THR A CG2  1 
ATOM   470 H H    . THR A 1 48 ? -0.529  3.230   0.209   1.00 15.00 ? 48  THR A H    1 
ATOM   471 H HG1  . THR A 1 48 ? -0.637  7.083   0.289   1.00 15.00 ? 48  THR A HG1  1 
ATOM   472 N N    . LEU A 1 49 ? -1.763  3.622   -3.474  1.00 25.22 ? 49  LEU A N    1 
ATOM   473 C CA   . LEU A 1 49 ? -1.305  3.096   -4.751  1.00 26.51 ? 49  LEU A CA   1 
ATOM   474 C C    . LEU A 1 49 ? -0.426  4.087   -5.504  1.00 27.69 ? 49  LEU A C    1 
ATOM   475 O O    . LEU A 1 49 ? -0.468  5.307   -5.249  1.00 28.89 ? 49  LEU A O    1 
ATOM   476 C CB   . LEU A 1 49 ? -2.528  2.723   -5.645  1.00 25.80 ? 49  LEU A CB   1 
ATOM   477 C CG   . LEU A 1 49 ? -3.374  1.426   -5.494  1.00 26.40 ? 49  LEU A CG   1 
ATOM   478 C CD1  . LEU A 1 49 ? -3.389  0.910   -4.080  1.00 26.28 ? 49  LEU A CD1  1 
ATOM   479 C CD2  . LEU A 1 49 ? -4.799  1.732   -5.956  1.00 23.62 ? 49  LEU A CD2  1 
ATOM   480 H H    . LEU A 1 49 ? -2.713  3.841   -3.358  1.00 15.00 ? 49  LEU A H    1 
ATOM   481 N N    . ASP A 1 50 ? 0.433   3.605   -6.393  1.00 29.56 ? 50  ASP A N    1 
ATOM   482 C CA   . ASP A 1 50 ? 1.150   4.506   -7.274  1.00 31.43 ? 50  ASP A CA   1 
ATOM   483 C C    . ASP A 1 50 ? 0.300   5.099   -8.395  1.00 34.69 ? 50  ASP A C    1 
ATOM   484 O O    . ASP A 1 50 ? -0.703  4.514   -8.782  1.00 32.27 ? 50  ASP A O    1 
ATOM   485 C CB   . ASP A 1 50 ? 2.304   3.780   -7.889  1.00 30.14 ? 50  ASP A CB   1 
ATOM   486 C CG   . ASP A 1 50 ? 3.417   3.534   -6.909  1.00 29.23 ? 50  ASP A CG   1 
ATOM   487 O OD1  . ASP A 1 50 ? 3.791   4.415   -6.136  1.00 28.36 ? 50  ASP A OD1  1 
ATOM   488 O OD2  . ASP A 1 50 ? 4.002   2.473   -6.991  1.00 33.06 ? 50  ASP A OD2  1 
ATOM   489 H H    . ASP A 1 50 ? 0.612   2.640   -6.427  1.00 15.00 ? 50  ASP A H    1 
ATOM   490 N N    . GLU A 1 51 ? 0.684   6.268   -8.919  1.00 40.56 ? 51  GLU A N    1 
ATOM   491 C CA   . GLU A 1 51 ? 0.042   6.875   -10.080 1.00 45.16 ? 51  GLU A CA   1 
ATOM   492 C C    . GLU A 1 51 ? -0.190  5.823   -11.167 1.00 46.83 ? 51  GLU A C    1 
ATOM   493 O O    . GLU A 1 51 ? 0.685   4.994   -11.450 1.00 47.33 ? 51  GLU A O    1 
ATOM   494 C CB   . GLU A 1 51 ? 0.931   7.994   -10.649 1.00 51.48 ? 51  GLU A CB   1 
ATOM   495 C CG   . GLU A 1 51 ? 0.442   8.716   -11.948 1.00 61.72 ? 51  GLU A CG   1 
ATOM   496 C CD   . GLU A 1 51 ? 1.345   9.786   -12.596 1.00 67.12 ? 51  GLU A CD   1 
ATOM   497 O OE1  . GLU A 1 51 ? 2.368   10.218  -12.042 1.00 72.57 ? 51  GLU A OE1  1 
ATOM   498 O OE2  . GLU A 1 51 ? 1.009   10.291  -13.675 1.00 69.25 ? 51  GLU A OE2  1 
ATOM   499 H H    . GLU A 1 51 ? 1.452   6.715   -8.523  1.00 15.00 ? 51  GLU A H    1 
ATOM   500 N N    . GLY A 1 52 ? -1.435  5.722   -11.635 1.00 46.99 ? 52  GLY A N    1 
ATOM   501 C CA   . GLY A 1 52 ? -1.746  4.834   -12.747 1.00 47.73 ? 52  GLY A CA   1 
ATOM   502 C C    . GLY A 1 52 ? -1.812  3.325   -12.495 1.00 49.76 ? 52  GLY A C    1 
ATOM   503 O O    . GLY A 1 52 ? -2.064  2.553   -13.434 1.00 52.27 ? 52  GLY A O    1 
ATOM   504 H H    . GLY A 1 52 ? -2.133  6.230   -11.180 1.00 15.00 ? 52  GLY A H    1 
ATOM   505 N N    . GLN A 1 53 ? -1.590  2.808   -11.285 1.00 50.06 ? 53  GLN A N    1 
ATOM   506 C CA   . GLN A 1 53 ? -1.812  1.382   -11.103 1.00 48.01 ? 53  GLN A CA   1 
ATOM   507 C C    . GLN A 1 53 ? -3.186  1.093   -10.482 1.00 44.46 ? 53  GLN A C    1 
ATOM   508 O O    . GLN A 1 53 ? -3.742  1.884   -9.707  1.00 42.17 ? 53  GLN A O    1 
ATOM   509 C CB   . GLN A 1 53 ? -0.663  0.801   -10.272 1.00 50.78 ? 53  GLN A CB   1 
ATOM   510 C CG   . GLN A 1 53 ? -0.591  1.067   -8.801  1.00 57.94 ? 53  GLN A CG   1 
ATOM   511 C CD   . GLN A 1 53 ? 0.415   0.120   -8.178  1.00 62.01 ? 53  GLN A CD   1 
ATOM   512 O OE1  . GLN A 1 53 ? 1.293   0.502   -7.404  1.00 65.83 ? 53  GLN A OE1  1 
ATOM   513 N NE2  . GLN A 1 53 ? 0.359   -1.167  -8.483  1.00 63.41 ? 53  GLN A NE2  1 
ATOM   514 H H    . GLN A 1 53 ? -1.268  3.384   -10.556 1.00 15.00 ? 53  GLN A H    1 
ATOM   515 H HE21 . GLN A 1 53 ? 1.051   -1.697  -8.043  1.00 15.00 ? 53  GLN A HE21 1 
ATOM   516 H HE22 . GLN A 1 53 ? -0.327  -1.511  -9.082  1.00 15.00 ? 53  GLN A HE22 1 
ATOM   517 N N    . PRO A 1 54 ? -3.879  0.035   -10.906 1.00 42.29 ? 54  PRO A N    1 
ATOM   518 C CA   . PRO A 1 54 ? -5.211  -0.291  -10.412 1.00 39.37 ? 54  PRO A CA   1 
ATOM   519 C C    . PRO A 1 54 ? -5.193  -0.876  -9.023  1.00 33.96 ? 54  PRO A C    1 
ATOM   520 O O    . PRO A 1 54 ? -4.134  -1.181  -8.481  1.00 33.78 ? 54  PRO A O    1 
ATOM   521 C CB   . PRO A 1 54 ? -5.773  -1.252  -11.456 1.00 40.66 ? 54  PRO A CB   1 
ATOM   522 C CG   . PRO A 1 54 ? -4.526  -1.982  -11.927 1.00 41.37 ? 54  PRO A CG   1 
ATOM   523 C CD   . PRO A 1 54 ? -3.551  -0.813  -12.059 1.00 43.22 ? 54  PRO A CD   1 
ATOM   524 N N    . ALA A 1 55 ? -6.374  -1.021  -8.454  1.00 29.58 ? 55  ALA A N    1 
ATOM   525 C CA   . ALA A 1 55 ? -6.507  -1.771  -7.227  1.00 27.72 ? 55  ALA A CA   1 
ATOM   526 C C    . ALA A 1 55 ? -5.953  -3.194  -7.407  1.00 27.22 ? 55  ALA A C    1 
ATOM   527 O O    . ALA A 1 55 ? -6.045  -3.833  -8.475  1.00 27.42 ? 55  ALA A O    1 
ATOM   528 C CB   . ALA A 1 55 ? -7.964  -1.931  -6.805  1.00 26.13 ? 55  ALA A CB   1 
ATOM   529 H H    . ALA A 1 55 ? -7.152  -0.605  -8.869  1.00 15.00 ? 55  ALA A H    1 
ATOM   530 N N    . TYR A 1 56 ? -5.262  -3.640  -6.370  1.00 23.54 ? 56  TYR A N    1 
ATOM   531 C CA   . TYR A 1 56 ? -4.823  -5.010  -6.298  1.00 19.81 ? 56  TYR A CA   1 
ATOM   532 C C    . TYR A 1 56 ? -6.048  -5.922  -6.255  1.00 23.00 ? 56  TYR A C    1 
ATOM   533 O O    . TYR A 1 56 ? -6.977  -5.612  -5.488  1.00 21.67 ? 56  TYR A O    1 
ATOM   534 C CB   . TYR A 1 56 ? -4.048  -5.240  -5.034  1.00 18.15 ? 56  TYR A CB   1 
ATOM   535 C CG   . TYR A 1 56 ? -2.729  -4.526  -5.064  1.00 17.86 ? 56  TYR A CG   1 
ATOM   536 C CD1  . TYR A 1 56 ? -1.699  -5.064  -5.833  1.00 18.45 ? 56  TYR A CD1  1 
ATOM   537 C CD2  . TYR A 1 56 ? -2.535  -3.365  -4.326  1.00 19.25 ? 56  TYR A CD2  1 
ATOM   538 C CE1  . TYR A 1 56 ? -0.459  -4.442  -5.870  1.00 16.20 ? 56  TYR A CE1  1 
ATOM   539 C CE2  . TYR A 1 56 ? -1.291  -2.738  -4.355  1.00 18.87 ? 56  TYR A CE2  1 
ATOM   540 C CZ   . TYR A 1 56 ? -0.269  -3.290  -5.130  1.00 17.75 ? 56  TYR A CZ   1 
ATOM   541 O OH   . TYR A 1 56 ? 0.956   -2.690  -5.166  1.00 18.96 ? 56  TYR A OH   1 
ATOM   542 H H    . TYR A 1 56 ? -5.080  -3.021  -5.631  1.00 15.00 ? 56  TYR A H    1 
ATOM   543 H HH   . TYR A 1 56 ? 0.842   -1.806  -4.761  1.00 15.00 ? 56  TYR A HH   1 
ATOM   544 N N    . ALA A 1 57 ? -6.096  -6.977  -7.075  1.00 20.92 ? 57  ALA A N    1 
ATOM   545 C CA   . ALA A 1 57 ? -7.167  -7.970  -6.969  1.00 23.06 ? 57  ALA A CA   1 
ATOM   546 C C    . ALA A 1 57 ? -7.128  -8.788  -5.664  1.00 24.48 ? 57  ALA A C    1 
ATOM   547 O O    . ALA A 1 57 ? -6.039  -8.956  -5.086  1.00 24.88 ? 57  ALA A O    1 
ATOM   548 C CB   . ALA A 1 57 ? -7.068  -8.929  -8.123  1.00 22.48 ? 57  ALA A CB   1 
ATOM   549 H H    . ALA A 1 57 ? -5.350  -7.118  -7.689  1.00 15.00 ? 57  ALA A H    1 
ATOM   550 N N    . PRO A 1 58 ? -8.226  -9.320  -5.097  1.00 23.79 ? 58  PRO A N    1 
ATOM   551 C CA   . PRO A 1 58 ? -8.176  -10.167 -3.909  1.00 23.26 ? 58  PRO A CA   1 
ATOM   552 C C    . PRO A 1 58 ? -7.180  -11.311 -4.085  1.00 23.04 ? 58  PRO A C    1 
ATOM   553 O O    . PRO A 1 58 ? -6.952  -11.842 -5.184  1.00 22.30 ? 58  PRO A O    1 
ATOM   554 C CB   . PRO A 1 58 ? -9.615  -10.641 -3.700  1.00 24.97 ? 58  PRO A CB   1 
ATOM   555 C CG   . PRO A 1 58 ? -10.395 -9.495  -4.295  1.00 24.24 ? 58  PRO A CG   1 
ATOM   556 C CD   . PRO A 1 58 ? -9.605  -9.157  -5.558  1.00 22.61 ? 58  PRO A CD   1 
ATOM   557 N N    . GLY A 1 59 ? -6.545  -11.649 -2.984  1.00 21.52 ? 59  GLY A N    1 
ATOM   558 C CA   . GLY A 1 59 ? -5.507  -12.652 -3.009  1.00 19.59 ? 59  GLY A CA   1 
ATOM   559 C C    . GLY A 1 59 ? -4.364  -12.344 -2.040  1.00 17.46 ? 59  GLY A C    1 
ATOM   560 O O    . GLY A 1 59 ? -4.433  -11.443 -1.222  1.00 15.02 ? 59  GLY A O    1 
ATOM   561 H H    . GLY A 1 59 ? -6.748  -11.160 -2.159  1.00 15.00 ? 59  GLY A H    1 
ATOM   562 N N    . LEU A 1 60 ? -3.358  -13.225 -2.110  1.00 20.14 ? 60  LEU A N    1 
ATOM   563 C CA   . LEU A 1 60 ? -2.133  -13.183 -1.316  1.00 18.29 ? 60  LEU A CA   1 
ATOM   564 C C    . LEU A 1 60 ? -0.946  -12.562 -2.027  1.00 16.25 ? 60  LEU A C    1 
ATOM   565 O O    . LEU A 1 60 ? -0.666  -12.749 -3.225  1.00 16.20 ? 60  LEU A O    1 
ATOM   566 C CB   . LEU A 1 60 ? -1.781  -14.579 -0.865  1.00 19.70 ? 60  LEU A CB   1 
ATOM   567 C CG   . LEU A 1 60 ? -2.790  -15.188 0.079   1.00 19.91 ? 60  LEU A CG   1 
ATOM   568 C CD1  . LEU A 1 60 ? -2.384  -16.610 0.366   1.00 25.39 ? 60  LEU A CD1  1 
ATOM   569 C CD2  . LEU A 1 60 ? -2.833  -14.442 1.388   1.00 22.99 ? 60  LEU A CD2  1 
ATOM   570 H H    . LEU A 1 60 ? -3.544  -14.013 -2.662  1.00 15.00 ? 60  LEU A H    1 
ATOM   571 N N    . TYR A 1 61 ? -0.276  -11.701 -1.290  1.00 16.32 ? 61  TYR A N    1 
ATOM   572 C CA   . TYR A 1 61 ? 0.804   -10.908 -1.827  1.00 14.04 ? 61  TYR A CA   1 
ATOM   573 C C    . TYR A 1 61 ? 1.920   -10.871 -0.800  1.00 16.79 ? 61  TYR A C    1 
ATOM   574 O O    . TYR A 1 61 ? 1.765   -11.150 0.393   1.00 16.19 ? 61  TYR A O    1 
ATOM   575 C CB   . TYR A 1 61 ? 0.370   -9.438  -2.091  1.00 17.14 ? 61  TYR A CB   1 
ATOM   576 C CG   . TYR A 1 61 ? -0.710  -9.238  -3.133  1.00 17.37 ? 61  TYR A CG   1 
ATOM   577 C CD1  . TYR A 1 61 ? -2.053  -9.388  -2.801  1.00 16.22 ? 61  TYR A CD1  1 
ATOM   578 C CD2  . TYR A 1 61 ? -0.320  -8.932  -4.439  1.00 19.52 ? 61  TYR A CD2  1 
ATOM   579 C CE1  . TYR A 1 61 ? -3.016  -9.229  -3.808  1.00 18.70 ? 61  TYR A CE1  1 
ATOM   580 C CE2  . TYR A 1 61 ? -1.272  -8.775  -5.451  1.00 21.57 ? 61  TYR A CE2  1 
ATOM   581 C CZ   . TYR A 1 61 ? -2.633  -8.923  -5.118  1.00 21.30 ? 61  TYR A CZ   1 
ATOM   582 O OH   . TYR A 1 61 ? -3.586  -8.743  -6.104  1.00 20.67 ? 61  TYR A OH   1 
ATOM   583 H H    . TYR A 1 61 ? -0.517  -11.602 -0.344  1.00 15.00 ? 61  TYR A H    1 
ATOM   584 H HH   . TYR A 1 61 ? -3.212  -8.299  -6.878  1.00 15.00 ? 61  TYR A HH   1 
ATOM   585 N N    . THR A 1 62 ? 3.072   -10.530 -1.320  1.00 17.80 ? 62  THR A N    1 
ATOM   586 C CA   . THR A 1 62 ? 4.129   -10.195 -0.393  1.00 21.41 ? 62  THR A CA   1 
ATOM   587 C C    . THR A 1 62 ? 4.652   -8.808  -0.785  1.00 21.88 ? 62  THR A C    1 
ATOM   588 O O    . THR A 1 62 ? 4.214   -8.214  -1.788  1.00 19.19 ? 62  THR A O    1 
ATOM   589 C CB   . THR A 1 62 ? 5.232   -11.295 -0.436  1.00 22.89 ? 62  THR A CB   1 
ATOM   590 O OG1  . THR A 1 62 ? 5.989   -11.127 0.787   1.00 30.36 ? 62  THR A OG1  1 
ATOM   591 C CG2  . THR A 1 62 ? 6.081   -11.245 -1.680  1.00 20.31 ? 62  THR A CG2  1 
ATOM   592 H H    . THR A 1 62 ? 3.179   -10.429 -2.288  1.00 15.00 ? 62  THR A H    1 
ATOM   593 H HG1  . THR A 1 62 ? 5.311   -11.176 1.481   1.00 15.00 ? 62  THR A HG1  1 
ATOM   594 N N    . VAL A 1 63 ? 5.561   -8.236  0.025   1.00 23.04 ? 63  VAL A N    1 
ATOM   595 C CA   . VAL A 1 63 ? 6.122   -6.879  -0.176  1.00 25.37 ? 63  VAL A CA   1 
ATOM   596 C C    . VAL A 1 63 ? 7.331   -6.776  -1.126  1.00 24.31 ? 63  VAL A C    1 
ATOM   597 O O    . VAL A 1 63 ? 8.347   -7.460  -1.043  1.00 25.59 ? 63  VAL A O    1 
ATOM   598 C CB   . VAL A 1 63 ? 6.484   -6.267  1.236   1.00 26.01 ? 63  VAL A CB   1 
ATOM   599 C CG1  . VAL A 1 63 ? 7.099   -4.868  1.176   1.00 23.88 ? 63  VAL A CG1  1 
ATOM   600 C CG2  . VAL A 1 63 ? 5.159   -6.129  1.998   1.00 27.03 ? 63  VAL A CG2  1 
ATOM   601 H H    . VAL A 1 63 ? 5.897   -8.791  0.755   1.00 15.00 ? 63  VAL A H    1 
ATOM   602 N N    . HIS A 1 64 ? 7.227   -5.951  -2.141  1.00 21.34 ? 64  HIS A N    1 
ATOM   603 C CA   . HIS A 1 64 ? 8.298   -5.780  -3.082  1.00 21.58 ? 64  HIS A CA   1 
ATOM   604 C C    . HIS A 1 64 ? 9.407   -4.858  -2.509  1.00 22.70 ? 64  HIS A C    1 
ATOM   605 O O    . HIS A 1 64 ? 9.132   -3.838  -1.878  1.00 18.12 ? 64  HIS A O    1 
ATOM   606 C CB   . HIS A 1 64 ? 7.675   -5.237  -4.355  1.00 23.11 ? 64  HIS A CB   1 
ATOM   607 C CG   . HIS A 1 64 ? 8.676   -5.027  -5.484  1.00 24.83 ? 64  HIS A CG   1 
ATOM   608 N ND1  . HIS A 1 64 ? 9.289   -3.896  -5.762  1.00 28.28 ? 64  HIS A ND1  1 
ATOM   609 C CD2  . HIS A 1 64 ? 9.145   -5.958  -6.383  1.00 31.58 ? 64  HIS A CD2  1 
ATOM   610 C CE1  . HIS A 1 64 ? 10.113  -4.057  -6.768  1.00 31.54 ? 64  HIS A CE1  1 
ATOM   611 N NE2  . HIS A 1 64 ? 10.011  -5.309  -7.136  1.00 33.71 ? 64  HIS A NE2  1 
ATOM   612 H H    . HIS A 1 64 ? 6.390   -5.450  -2.203  1.00 15.00 ? 64  HIS A H    1 
ATOM   613 H HD1  . HIS A 1 64 ? 9.095   -3.052  -5.321  1.00 15.00 ? 64  HIS A HD1  1 
ATOM   614 H HE2  . HIS A 1 64 ? 10.379  -5.620  -8.004  1.00 15.00 ? 64  HIS A HE2  1 
ATOM   615 N N    . LEU A 1 65 ? 10.687  -5.167  -2.728  1.00 21.19 ? 65  LEU A N    1 
ATOM   616 C CA   . LEU A 1 65 ? 11.778  -4.294  -2.285  1.00 22.09 ? 65  LEU A CA   1 
ATOM   617 C C    . LEU A 1 65 ? 11.691  -2.804  -2.468  1.00 19.51 ? 65  LEU A C    1 
ATOM   618 O O    . LEU A 1 65 ? 12.128  -2.041  -1.626  1.00 20.91 ? 65  LEU A O    1 
ATOM   619 C CB   . LEU A 1 65 ? 13.103  -4.628  -2.936  1.00 22.80 ? 65  LEU A CB   1 
ATOM   620 C CG   . LEU A 1 65 ? 14.055  -5.522  -2.219  1.00 24.27 ? 65  LEU A CG   1 
ATOM   621 C CD1  . LEU A 1 65 ? 15.357  -5.340  -2.988  1.00 23.65 ? 65  LEU A CD1  1 
ATOM   622 C CD2  . LEU A 1 65 ? 14.160  -5.224  -0.728  1.00 21.18 ? 65  LEU A CD2  1 
ATOM   623 H H    . LEU A 1 65 ? 10.898  -6.066  -3.049  1.00 15.00 ? 65  LEU A H    1 
ATOM   624 N N    . SER A 1 66 ? 11.183  -2.347  -3.609  1.00 20.32 ? 66  SER A N    1 
ATOM   625 C CA   . SER A 1 66 ? 10.960  -0.923  -3.857  1.00 18.70 ? 66  SER A CA   1 
ATOM   626 C C    . SER A 1 66 ? 10.043  -0.208  -2.874  1.00 15.75 ? 66  SER A C    1 
ATOM   627 O O    . SER A 1 66 ? 9.824   1.002   -2.975  1.00 18.01 ? 66  SER A O    1 
ATOM   628 C CB   . SER A 1 66 ? 10.402  -0.692  -5.292  1.00 21.67 ? 66  SER A CB   1 
ATOM   629 O OG   . SER A 1 66 ? 9.132   -1.316  -5.551  1.00 24.73 ? 66  SER A OG   1 
ATOM   630 H H    . SER A 1 66 ? 11.169  -2.978  -4.347  1.00 15.00 ? 66  SER A H    1 
ATOM   631 H HG   . SER A 1 66 ? 8.479   -0.608  -5.427  1.00 15.00 ? 66  SER A HG   1 
ATOM   632 N N    . SER A 1 67 ? 9.448   -0.914  -1.917  1.00 14.81 ? 67  SER A N    1 
ATOM   633 C CA   . SER A 1 67 ? 8.686   -0.245  -0.861  1.00 16.10 ? 67  SER A CA   1 
ATOM   634 C C    . SER A 1 67 ? 9.552   0.505   0.131   1.00 15.56 ? 67  SER A C    1 
ATOM   635 O O    . SER A 1 67 ? 9.090   1.363   0.862   1.00 16.04 ? 67  SER A O    1 
ATOM   636 C CB   . SER A 1 67 ? 7.886   -1.188  -0.006  1.00 14.91 ? 67  SER A CB   1 
ATOM   637 O OG   . SER A 1 67 ? 7.263   -2.112  -0.883  1.00 19.77 ? 67  SER A OG   1 
ATOM   638 H H    . SER A 1 67 ? 9.472   -1.890  -1.936  1.00 15.00 ? 67  SER A H    1 
ATOM   639 H HG   . SER A 1 67 ? 7.753   -2.944  -0.840  1.00 15.00 ? 67  SER A HG   1 
ATOM   640 N N    . PHE A 1 68 ? 10.833  0.166   0.189   1.00 15.60 ? 68  PHE A N    1 
ATOM   641 C CA   . PHE A 1 68 ? 11.729  0.709   1.184   1.00 14.48 ? 68  PHE A CA   1 
ATOM   642 C C    . PHE A 1 68 ? 12.670  1.784   0.622   1.00 15.89 ? 68  PHE A C    1 
ATOM   643 O O    . PHE A 1 68 ? 13.031  1.826   -0.577  1.00 19.05 ? 68  PHE A O    1 
ATOM   644 C CB   . PHE A 1 68 ? 12.509  -0.450  1.737   1.00 13.95 ? 68  PHE A CB   1 
ATOM   645 C CG   . PHE A 1 68 ? 11.689  -1.603  2.276   1.00 15.75 ? 68  PHE A CG   1 
ATOM   646 C CD1  . PHE A 1 68 ? 11.094  -1.518  3.537   1.00 13.57 ? 68  PHE A CD1  1 
ATOM   647 C CD2  . PHE A 1 68 ? 11.526  -2.753  1.486   1.00 15.62 ? 68  PHE A CD2  1 
ATOM   648 C CE1  . PHE A 1 68 ? 10.328  -2.602  3.987   1.00 17.45 ? 68  PHE A CE1  1 
ATOM   649 C CE2  . PHE A 1 68 ? 10.754  -3.830  1.956   1.00 15.69 ? 68  PHE A CE2  1 
ATOM   650 C CZ   . PHE A 1 68 ? 10.151  -3.756  3.209   1.00 16.66 ? 68  PHE A CZ   1 
ATOM   651 H H    . PHE A 1 68 ? 11.186  -0.488  -0.451  1.00 15.00 ? 68  PHE A H    1 
ATOM   652 N N    . LYS A 1 69 ? 13.054  2.720   1.461   1.00 17.33 ? 69  LYS A N    1 
ATOM   653 C CA   . LYS A 1 69 ? 14.032  3.721   1.079   1.00 19.34 ? 69  LYS A CA   1 
ATOM   654 C C    . LYS A 1 69 ? 14.855  4.091   2.304   1.00 18.45 ? 69  LYS A C    1 
ATOM   655 O O    . LYS A 1 69 ? 14.457  3.783   3.433   1.00 17.96 ? 69  LYS A O    1 
ATOM   656 C CB   . LYS A 1 69 ? 13.398  5.003   0.533   1.00 23.07 ? 69  LYS A CB   1 
ATOM   657 C CG   . LYS A 1 69 ? 12.448  5.739   1.464   1.00 31.90 ? 69  LYS A CG   1 
ATOM   658 C CD   . LYS A 1 69 ? 12.176  7.089   0.811   1.00 42.01 ? 69  LYS A CD   1 
ATOM   659 C CE   . LYS A 1 69 ? 11.145  7.940   1.581   1.00 52.65 ? 69  LYS A CE   1 
ATOM   660 N NZ   . LYS A 1 69 ? 9.768   7.448   1.479   1.00 58.15 ? 69  LYS A NZ   1 
ATOM   661 H H    . LYS A 1 69 ? 12.742  2.680   2.387   1.00 15.00 ? 69  LYS A H    1 
ATOM   662 H HZ1  . LYS A 1 69 ? 9.470   7.389   0.474   1.00 15.00 ? 69  LYS A HZ1  1 
ATOM   663 H HZ2  . LYS A 1 69 ? 9.666   6.492   1.860   1.00 15.00 ? 69  LYS A HZ2  1 
ATOM   664 H HZ3  . LYS A 1 69 ? 9.072   8.062   1.938   1.00 15.00 ? 69  LYS A HZ3  1 
ATOM   665 N N    . VAL A 1 70 ? 16.031  4.702   2.155   1.00 18.22 ? 70  VAL A N    1 
ATOM   666 C CA   . VAL A 1 70 ? 16.720  5.186   3.339   1.00 18.08 ? 70  VAL A CA   1 
ATOM   667 C C    . VAL A 1 70 ? 16.155  6.556   3.679   1.00 17.82 ? 70  VAL A C    1 
ATOM   668 O O    . VAL A 1 70 ? 16.055  7.419   2.815   1.00 19.19 ? 70  VAL A O    1 
ATOM   669 C CB   . VAL A 1 70 ? 18.240  5.267   3.080   1.00 19.00 ? 70  VAL A CB   1 
ATOM   670 C CG1  . VAL A 1 70 ? 18.954  5.880   4.266   1.00 17.69 ? 70  VAL A CG1  1 
ATOM   671 C CG2  . VAL A 1 70 ? 18.761  3.861   2.871   1.00 17.30 ? 70  VAL A CG2  1 
ATOM   672 H H    . VAL A 1 70 ? 16.412  4.814   1.262   1.00 15.00 ? 70  VAL A H    1 
ATOM   673 N N    . GLY A 1 71 ? 15.683  6.748   4.895   1.00 18.64 ? 71  GLY A N    1 
ATOM   674 C CA   . GLY A 1 71 ? 15.160  8.044   5.299   1.00 21.80 ? 71  GLY A CA   1 
ATOM   675 C C    . GLY A 1 71 ? 16.199  9.138   5.537   1.00 23.31 ? 71  GLY A C    1 
ATOM   676 O O    . GLY A 1 71 ? 17.415  8.933   5.543   1.00 21.33 ? 71  GLY A O    1 
ATOM   677 H H    . GLY A 1 71 ? 15.633  5.972   5.477   1.00 15.00 ? 71  GLY A H    1 
ATOM   678 N N    . GLN A 1 72 ? 15.714  10.342  5.833   1.00 25.36 ? 72  GLN A N    1 
ATOM   679 C CA   . GLN A 1 72 ? 16.581  11.496  6.055   1.00 26.23 ? 72  GLN A CA   1 
ATOM   680 C C    . GLN A 1 72 ? 17.484  11.361  7.293   1.00 25.25 ? 72  GLN A C    1 
ATOM   681 O O    . GLN A 1 72 ? 18.408  12.161  7.449   1.00 27.46 ? 72  GLN A O    1 
ATOM   682 C CB   . GLN A 1 72 ? 15.736  12.784  6.196   1.00 31.77 ? 72  GLN A CB   1 
ATOM   683 C CG   . GLN A 1 72 ? 14.791  12.812  7.425   1.00 39.88 ? 72  GLN A CG   1 
ATOM   684 C CD   . GLN A 1 72 ? 13.955  14.082  7.711   1.00 44.64 ? 72  GLN A CD   1 
ATOM   685 O OE1  . GLN A 1 72 ? 12.880  14.013  8.323   1.00 45.53 ? 72  GLN A OE1  1 
ATOM   686 N NE2  . GLN A 1 72 ? 14.349  15.301  7.383   1.00 46.59 ? 72  GLN A NE2  1 
ATOM   687 H H    . GLN A 1 72 ? 14.742  10.444  5.821   1.00 15.00 ? 72  GLN A H    1 
ATOM   688 H HE21 . GLN A 1 72 ? 13.702  15.990  7.657   1.00 15.00 ? 72  GLN A HE21 1 
ATOM   689 H HE22 . GLN A 1 72 ? 15.188  15.476  6.922   1.00 15.00 ? 72  GLN A HE22 1 
ATOM   690 N N    . PHE A 1 73 ? 17.254  10.420  8.226   1.00 21.59 ? 73  PHE A N    1 
ATOM   691 C CA   . PHE A 1 73 ? 18.138  10.235  9.362   1.00 20.21 ? 73  PHE A CA   1 
ATOM   692 C C    . PHE A 1 73 ? 19.021  9.022   9.209   1.00 20.75 ? 73  PHE A C    1 
ATOM   693 O O    . PHE A 1 73 ? 19.545  8.517   10.204  1.00 24.52 ? 73  PHE A O    1 
ATOM   694 C CB   . PHE A 1 73 ? 17.367  10.073  10.594  1.00 19.36 ? 73  PHE A CB   1 
ATOM   695 C CG   . PHE A 1 73 ? 16.523  11.280  10.896  1.00 24.06 ? 73  PHE A CG   1 
ATOM   696 C CD1  . PHE A 1 73 ? 17.104  12.442  11.386  1.00 28.15 ? 73  PHE A CD1  1 
ATOM   697 C CD2  . PHE A 1 73 ? 15.150  11.207  10.727  1.00 27.16 ? 73  PHE A CD2  1 
ATOM   698 C CE1  . PHE A 1 73 ? 16.304  13.529  11.720  1.00 30.33 ? 73  PHE A CE1  1 
ATOM   699 C CE2  . PHE A 1 73 ? 14.364  12.309  11.068  1.00 30.26 ? 73  PHE A CE2  1 
ATOM   700 C CZ   . PHE A 1 73 ? 14.928  13.467  11.569  1.00 27.37 ? 73  PHE A CZ   1 
ATOM   701 H H    . PHE A 1 73 ? 16.474  9.830   8.123   1.00 15.00 ? 73  PHE A H    1 
ATOM   702 N N    . GLY A 1 74 ? 19.175  8.533   7.966   1.00 19.86 ? 74  GLY A N    1 
ATOM   703 C CA   . GLY A 1 74 ? 20.002  7.358   7.655   1.00 19.33 ? 74  GLY A CA   1 
ATOM   704 C C    . GLY A 1 74 ? 19.433  5.973   7.997   1.00 19.50 ? 74  GLY A C    1 
ATOM   705 O O    . GLY A 1 74 ? 20.076  4.945   7.807   1.00 20.61 ? 74  GLY A O    1 
ATOM   706 H H    . GLY A 1 74 ? 18.687  8.959   7.229   1.00 15.00 ? 74  GLY A H    1 
ATOM   707 N N    . SER A 1 75 ? 18.232  5.849   8.561   1.00 20.53 ? 75  SER A N    1 
ATOM   708 C CA   . SER A 1 75 ? 17.626  4.542   8.830   1.00 18.91 ? 75  SER A CA   1 
ATOM   709 C C    . SER A 1 75 ? 16.664  4.138   7.710   1.00 18.14 ? 75  SER A C    1 
ATOM   710 O O    . SER A 1 75 ? 16.241  4.958   6.864   1.00 18.84 ? 75  SER A O    1 
ATOM   711 C CB   . SER A 1 75 ? 16.872  4.549   10.159  1.00 16.30 ? 75  SER A CB   1 
ATOM   712 O OG   . SER A 1 75 ? 16.054  5.701   10.278  1.00 26.47 ? 75  SER A OG   1 
ATOM   713 H H    . SER A 1 75 ? 17.758  6.661   8.826   1.00 15.00 ? 75  SER A H    1 
ATOM   714 H HG   . SER A 1 75 ? 15.545  5.597   11.094  1.00 15.00 ? 75  SER A HG   1 
ATOM   715 N N    . LEU A 1 76 ? 16.394  2.843   7.606   1.00 17.74 ? 76  LEU A N    1 
ATOM   716 C CA   . LEU A 1 76 ? 15.450  2.373   6.606   1.00 16.70 ? 76  LEU A CA   1 
ATOM   717 C C    . LEU A 1 76 ? 14.009  2.754   6.970   1.00 16.48 ? 76  LEU A C    1 
ATOM   718 O O    . LEU A 1 76 ? 13.502  2.643   8.093   1.00 17.44 ? 76  LEU A O    1 
ATOM   719 C CB   . LEU A 1 76 ? 15.558  0.876   6.495   1.00 17.62 ? 76  LEU A CB   1 
ATOM   720 C CG   . LEU A 1 76 ? 15.024  0.220   5.239   1.00 15.65 ? 76  LEU A CG   1 
ATOM   721 C CD1  . LEU A 1 76 ? 15.827  0.630   4.024   1.00 15.25 ? 76  LEU A CD1  1 
ATOM   722 C CD2  . LEU A 1 76 ? 15.048  -1.274  5.469   1.00 17.15 ? 76  LEU A CD2  1 
ATOM   723 H H    . LEU A 1 76 ? 16.793  2.212   8.245   1.00 15.00 ? 76  LEU A H    1 
ATOM   724 N N    . MET A 1 77 ? 13.365  3.258   5.954   1.00 19.11 ? 77  MET A N    1 
ATOM   725 C CA   . MET A 1 77 ? 11.927  3.563   5.982   1.00 21.99 ? 77  MET A CA   1 
ATOM   726 C C    . MET A 1 77 ? 11.082  2.848   4.919   1.00 20.01 ? 77  MET A C    1 
ATOM   727 O O    . MET A 1 77 ? 11.584  2.480   3.854   1.00 18.22 ? 77  MET A O    1 
ATOM   728 C CB   . MET A 1 77 ? 11.637  4.985   5.698   1.00 22.82 ? 77  MET A CB   1 
ATOM   729 C CG   . MET A 1 77 ? 11.678  6.010   6.761   1.00 35.62 ? 77  MET A CG   1 
ATOM   730 S SD   . MET A 1 77 ? 11.576  7.478   5.697   1.00 46.80 ? 77  MET A SD   1 
ATOM   731 C CE   . MET A 1 77 ? 9.917   7.334   5.060   1.00 45.83 ? 77  MET A CE   1 
ATOM   732 H H    . MET A 1 77 ? 13.880  3.419   5.142   1.00 15.00 ? 77  MET A H    1 
ATOM   733 N N    . ILE A 1 78 ? 9.774   2.651   5.145   1.00 20.36 ? 78  ILE A N    1 
ATOM   734 C CA   . ILE A 1 78 ? 8.868   2.311   4.045   1.00 16.85 ? 78  ILE A CA   1 
ATOM   735 C C    . ILE A 1 78 ? 8.469   3.636   3.343   1.00 15.70 ? 78  ILE A C    1 
ATOM   736 O O    . ILE A 1 78 ? 8.231   4.701   3.934   1.00 17.02 ? 78  ILE A O    1 
ATOM   737 C CB   . ILE A 1 78 ? 7.629   1.566   4.610   1.00 17.94 ? 78  ILE A CB   1 
ATOM   738 C CG1  . ILE A 1 78 ? 8.046   0.177   4.919   1.00 14.71 ? 78  ILE A CG1  1 
ATOM   739 C CG2  . ILE A 1 78 ? 6.467   1.513   3.617   1.00 14.97 ? 78  ILE A CG2  1 
ATOM   740 C CD1  . ILE A 1 78 ? 7.088   -0.499  5.847   1.00 15.83 ? 78  ILE A CD1  1 
ATOM   741 H H    . ILE A 1 78 ? 9.429   2.792   6.052   1.00 15.00 ? 78  ILE A H    1 
ATOM   742 N N    . ASP A 1 79 ? 8.637   3.628   2.040   1.00 15.14 ? 79  ASP A N    1 
ATOM   743 C CA   . ASP A 1 79 ? 8.140   4.689   1.204   1.00 20.87 ? 79  ASP A CA   1 
ATOM   744 C C    . ASP A 1 79 ? 6.612   4.536   0.934   1.00 21.82 ? 79  ASP A C    1 
ATOM   745 O O    . ASP A 1 79 ? 5.800   5.325   1.405   1.00 22.46 ? 79  ASP A O    1 
ATOM   746 C CB   . ASP A 1 79 ? 8.944   4.670   -0.084  1.00 21.34 ? 79  ASP A CB   1 
ATOM   747 C CG   . ASP A 1 79 ? 8.438   5.763   -1.011  1.00 28.15 ? 79  ASP A CG   1 
ATOM   748 O OD1  . ASP A 1 79 ? 8.085   6.838   -0.511  1.00 29.98 ? 79  ASP A OD1  1 
ATOM   749 O OD2  . ASP A 1 79 ? 8.369   5.518   -2.220  1.00 31.82 ? 79  ASP A OD2  1 
ATOM   750 H H    . ASP A 1 79 ? 9.226   2.953   1.667   1.00 15.00 ? 79  ASP A H    1 
ATOM   751 N N    . ARG A 1 80 ? 6.238   3.494   0.193   1.00 22.76 ? 80  ARG A N    1 
ATOM   752 C CA   . ARG A 1 80 ? 4.860   3.096   -0.100  1.00 22.42 ? 80  ARG A CA   1 
ATOM   753 C C    . ARG A 1 80 ? 4.869   1.604   -0.151  1.00 17.21 ? 80  ARG A C    1 
ATOM   754 O O    . ARG A 1 80 ? 5.766   1.043   -0.770  1.00 21.13 ? 80  ARG A O    1 
ATOM   755 C CB   . ARG A 1 80 ? 4.366   3.606   -1.452  1.00 23.54 ? 80  ARG A CB   1 
ATOM   756 C CG   . ARG A 1 80 ? 3.473   4.756   -1.054  1.00 33.80 ? 80  ARG A CG   1 
ATOM   757 C CD   . ARG A 1 80 ? 3.691   6.059   -1.779  1.00 36.82 ? 80  ARG A CD   1 
ATOM   758 N NE   . ARG A 1 80 ? 2.905   6.093   -2.983  1.00 42.76 ? 80  ARG A NE   1 
ATOM   759 C CZ   . ARG A 1 80 ? 2.475   7.222   -3.511  1.00 45.80 ? 80  ARG A CZ   1 
ATOM   760 N NH1  . ARG A 1 80 ? 2.695   8.389   -2.964  1.00 49.53 ? 80  ARG A NH1  1 
ATOM   761 N NH2  . ARG A 1 80 ? 1.746   7.150   -4.591  1.00 47.51 ? 80  ARG A NH2  1 
ATOM   762 H H    . ARG A 1 80 ? 6.970   2.940   -0.146  1.00 15.00 ? 80  ARG A H    1 
ATOM   763 H HE   . ARG A 1 80 ? 2.679   5.252   -3.432  1.00 15.00 ? 80  ARG A HE   1 
ATOM   764 H HH11 . ARG A 1 80 ? 3.145   8.451   -2.072  1.00 15.00 ? 80  ARG A HH11 1 
ATOM   765 H HH12 . ARG A 1 80 ? 2.328   9.243   -3.316  1.00 15.00 ? 80  ARG A HH12 1 
ATOM   766 H HH21 . ARG A 1 80 ? 1.406   6.253   -4.879  1.00 15.00 ? 80  ARG A HH21 1 
ATOM   767 H HH22 . ARG A 1 80 ? 1.298   7.965   -4.970  1.00 15.00 ? 80  ARG A HH22 1 
ATOM   768 N N    . LEU A 1 81 ? 3.932   0.915   0.482   1.00 18.71 ? 81  LEU A N    1 
ATOM   769 C CA   . LEU A 1 81 ? 3.858   -0.550  0.432   1.00 19.96 ? 81  LEU A CA   1 
ATOM   770 C C    . LEU A 1 81 ? 3.457   -0.985  -0.977  1.00 21.81 ? 81  LEU A C    1 
ATOM   771 O O    . LEU A 1 81 ? 2.340   -0.708  -1.433  1.00 24.81 ? 81  LEU A O    1 
ATOM   772 C CB   . LEU A 1 81 ? 2.827   -1.082  1.443   1.00 20.17 ? 81  LEU A CB   1 
ATOM   773 C CG   . LEU A 1 81 ? 3.095   -2.487  1.944   1.00 23.94 ? 81  LEU A CG   1 
ATOM   774 C CD1  . LEU A 1 81 ? 4.310   -2.462  2.856   1.00 25.14 ? 81  LEU A CD1  1 
ATOM   775 C CD2  . LEU A 1 81 ? 1.906   -3.023  2.699   1.00 22.77 ? 81  LEU A CD2  1 
ATOM   776 H H    . LEU A 1 81 ? 3.253   1.405   0.996   1.00 15.00 ? 81  LEU A H    1 
ATOM   777 N N    . ARG A 1 82 ? 4.439   -1.510  -1.720  1.00 19.30 ? 82  ARG A N    1 
ATOM   778 C CA   . ARG A 1 82 ? 4.284   -1.996  -3.085  1.00 17.38 ? 82  ARG A CA   1 
ATOM   779 C C    . ARG A 1 82 ? 4.255   -3.517  -3.115  1.00 18.46 ? 82  ARG A C    1 
ATOM   780 O O    . ARG A 1 82 ? 5.103   -4.214  -2.589  1.00 18.64 ? 82  ARG A O    1 
ATOM   781 C CB   . ARG A 1 82 ? 5.419   -1.436  -3.941  1.00 17.79 ? 82  ARG A CB   1 
ATOM   782 C CG   . ARG A 1 82 ? 5.290   0.100   -4.037  1.00 19.25 ? 82  ARG A CG   1 
ATOM   783 C CD   . ARG A 1 82 ? 6.425   0.864   -4.724  1.00 18.31 ? 82  ARG A CD   1 
ATOM   784 N NE   . ARG A 1 82 ? 6.133   2.276   -4.833  1.00 19.95 ? 82  ARG A NE   1 
ATOM   785 C CZ   . ARG A 1 82 ? 6.774   3.232   -4.186  1.00 22.07 ? 82  ARG A CZ   1 
ATOM   786 N NH1  . ARG A 1 82 ? 7.790   3.031   -3.398  1.00 22.89 ? 82  ARG A NH1  1 
ATOM   787 N NH2  . ARG A 1 82 ? 6.383   4.461   -4.331  1.00 22.78 ? 82  ARG A NH2  1 
ATOM   788 H H    . ARG A 1 82 ? 5.331   -1.543  -1.308  1.00 15.00 ? 82  ARG A H    1 
ATOM   789 H HE   . ARG A 1 82 ? 5.369   2.545   -5.396  1.00 15.00 ? 82  ARG A HE   1 
ATOM   790 H HH11 . ARG A 1 82 ? 8.192   2.129   -3.273  1.00 15.00 ? 82  ARG A HH11 1 
ATOM   791 H HH12 . ARG A 1 82 ? 8.227   3.829   -2.968  1.00 15.00 ? 82  ARG A HH12 1 
ATOM   792 H HH21 . ARG A 1 82 ? 5.579   4.653   -4.894  1.00 15.00 ? 82  ARG A HH21 1 
ATOM   793 H HH22 . ARG A 1 82 ? 6.866   5.174   -3.808  1.00 15.00 ? 82  ARG A HH22 1 
ATOM   794 N N    . LEU A 1 83 ? 3.211   -4.115  -3.658  1.00 19.55 ? 83  LEU A N    1 
ATOM   795 C CA   . LEU A 1 83 ? 3.004   -5.556  -3.529  1.00 21.06 ? 83  LEU A CA   1 
ATOM   796 C C    . LEU A 1 83 ? 3.240   -6.381  -4.793  1.00 18.18 ? 83  LEU A C    1 
ATOM   797 O O    . LEU A 1 83 ? 3.186   -5.895  -5.916  1.00 20.37 ? 83  LEU A O    1 
ATOM   798 C CB   . LEU A 1 83 ? 1.564   -5.805  -2.994  1.00 16.55 ? 83  LEU A CB   1 
ATOM   799 C CG   . LEU A 1 83 ? 1.066   -5.028  -1.806  1.00 14.59 ? 83  LEU A CG   1 
ATOM   800 C CD1  . LEU A 1 83 ? -0.382  -5.313  -1.544  1.00 17.14 ? 83  LEU A CD1  1 
ATOM   801 C CD2  . LEU A 1 83 ? 1.941   -5.400  -0.629  1.00 13.33 ? 83  LEU A CD2  1 
ATOM   802 H H    . LEU A 1 83 ? 2.573   -3.559  -4.153  1.00 15.00 ? 83  LEU A H    1 
ATOM   803 N N    . VAL A 1 84 ? 3.606   -7.638  -4.630  1.00 20.87 ? 84  VAL A N    1 
ATOM   804 C CA   . VAL A 1 84 ? 3.744   -8.580  -5.738  1.00 18.80 ? 84  VAL A CA   1 
ATOM   805 C C    . VAL A 1 84 ? 2.989   -9.851  -5.375  1.00 18.43 ? 84  VAL A C    1 
ATOM   806 O O    . VAL A 1 84 ? 2.855   -10.155 -4.179  1.00 17.05 ? 84  VAL A O    1 
ATOM   807 C CB   . VAL A 1 84 ? 5.220   -8.967  -6.035  1.00 21.32 ? 84  VAL A CB   1 
ATOM   808 C CG1  . VAL A 1 84 ? 5.887   -7.751  -6.638  1.00 22.54 ? 84  VAL A CG1  1 
ATOM   809 C CG2  . VAL A 1 84 ? 5.925   -9.496  -4.792  1.00 17.41 ? 84  VAL A CG2  1 
ATOM   810 H H    . VAL A 1 84 ? 3.785   -7.940  -3.712  1.00 15.00 ? 84  VAL A H    1 
ATOM   811 N N    . PRO A 1 85 ? 2.408   -10.619 -6.313  1.00 21.63 ? 85  PRO A N    1 
ATOM   812 C CA   . PRO A 1 85 ? 1.735   -11.872 -5.992  1.00 24.77 ? 85  PRO A CA   1 
ATOM   813 C C    . PRO A 1 85 ? 2.594   -12.946 -5.308  1.00 27.61 ? 85  PRO A C    1 
ATOM   814 O O    . PRO A 1 85 ? 3.777   -13.121 -5.581  1.00 29.42 ? 85  PRO A O    1 
ATOM   815 C CB   . PRO A 1 85 ? 1.125   -12.280 -7.345  1.00 20.41 ? 85  PRO A CB   1 
ATOM   816 C CG   . PRO A 1 85 ? 1.910   -11.592 -8.402  1.00 22.03 ? 85  PRO A CG   1 
ATOM   817 C CD   . PRO A 1 85 ? 2.192   -10.257 -7.726  1.00 24.07 ? 85  PRO A CD   1 
ATOM   818 N N    . ALA A 1 86 ? 1.976   -13.627 -4.365  1.00 31.23 ? 86  ALA A N    1 
ATOM   819 C CA   . ALA A 1 86 ? 2.619   -14.628 -3.545  1.00 40.24 ? 86  ALA A CA   1 
ATOM   820 C C    . ALA A 1 86 ? 3.391   -15.838 -4.076  1.00 48.14 ? 86  ALA A C    1 
ATOM   821 O O    . ALA A 1 86 ? 4.153   -16.420 -3.289  1.00 52.87 ? 86  ALA A O    1 
ATOM   822 C CB   . ALA A 1 86 ? 1.588   -15.166 -2.590  1.00 37.62 ? 86  ALA A CB   1 
ATOM   823 H H    . ALA A 1 86 ? 1.056   -13.372 -4.162  1.00 15.00 ? 86  ALA A H    1 
ATOM   824 N N    . LYS A 1 87 ? 3.282   -16.317 -5.320  1.00 53.04 ? 87  LYS A N    1 
ATOM   825 C CA   . LYS A 1 87 ? 4.089   -17.482 -5.730  1.00 58.74 ? 87  LYS A CA   1 
ATOM   826 C C    . LYS A 1 87 ? 4.466   -17.398 -7.232  1.00 62.35 ? 87  LYS A C    1 
ATOM   827 O O    . LYS A 1 87 ? 5.015   -18.357 -7.801  1.00 65.34 ? 87  LYS A O    1 
ATOM   828 C CB   . LYS A 1 87 ? 3.322   -18.805 -5.506  1.00 60.13 ? 87  LYS A CB   1 
ATOM   829 C CG   . LYS A 1 87 ? 2.559   -19.176 -4.223  1.00 61.20 ? 87  LYS A CG   1 
ATOM   830 C CD   . LYS A 1 87 ? 1.588   -20.328 -4.516  1.00 59.80 ? 87  LYS A CD   1 
ATOM   831 C CE   . LYS A 1 87 ? 0.331   -19.892 -5.281  1.00 62.96 ? 87  LYS A CE   1 
ATOM   832 N NZ   . LYS A 1 87 ? 0.542   -19.413 -6.642  1.00 62.86 ? 87  LYS A NZ   1 
ATOM   833 O OXT  . LYS A 1 87 ? 4.166   -16.380 -7.872  1.00 63.79 ? 87  LYS A OXT  1 
ATOM   834 H H    . LYS A 1 87 ? 2.914   -15.760 -6.031  1.00 15.00 ? 87  LYS A H    1 
ATOM   835 H HZ1  . LYS A 1 87 ? 1.053   -20.095 -7.240  1.00 15.00 ? 87  LYS A HZ1  1 
ATOM   836 H HZ2  . LYS A 1 87 ? -0.372  -19.203 -7.085  1.00 15.00 ? 87  LYS A HZ2  1 
ATOM   837 H HZ3  . LYS A 1 87 ? 1.081   -18.532 -6.630  1.00 15.00 ? 87  LYS A HZ3  1 
HETATM 838 O O    . HOH B 2 .  ? 1.253   4.919   1.666   1.00 44.78 ? 88  HOH A O    1 
HETATM 839 H H1   . HOH B 2 .  ? 2.098   5.393   1.744   1.00 35.00 ? 88  HOH A H1   1 
HETATM 840 H H2   . HOH B 2 .  ? 0.733   5.640   1.281   1.00 35.00 ? 88  HOH A H2   1 
HETATM 841 O O    . HOH B 2 .  ? -6.253  11.579  -23.635 1.00 23.65 ? 89  HOH A O    1 
HETATM 842 H H1   . HOH B 2 .  ? -6.812  10.986  -23.122 1.00 35.00 ? 89  HOH A H1   1 
HETATM 843 H H2   . HOH B 2 .  ? -6.419  12.402  -23.147 1.00 35.00 ? 89  HOH A H2   1 
HETATM 844 O O    . HOH B 2 .  ? 2.036   2.415   2.401   1.00 43.08 ? 90  HOH A O    1 
HETATM 845 H H1   . HOH B 2 .  ? 2.701   2.782   2.996   1.00 35.00 ? 90  HOH A H1   1 
HETATM 846 H H2   . HOH B 2 .  ? 1.621   3.237   2.057   1.00 35.00 ? 90  HOH A H2   1 
HETATM 847 O O    . HOH B 2 .  ? 0.997   0.852   4.257   1.00 19.05 ? 91  HOH A O    1 
HETATM 848 H H1   . HOH B 2 .  ? 0.062   0.938   4.013   1.00 35.00 ? 91  HOH A H1   1 
HETATM 849 H H2   . HOH B 2 .  ? 1.423   1.264   3.478   1.00 35.00 ? 91  HOH A H2   1 
HETATM 850 O O    . HOH B 2 .  ? 0.873   -0.078  -3.738  1.00 24.07 ? 92  HOH A O    1 
HETATM 851 H H1   . HOH B 2 .  ? 1.318   -0.071  -2.878  1.00 35.00 ? 92  HOH A H1   1 
HETATM 852 H H2   . HOH B 2 .  ? 1.491   0.409   -4.295  1.00 35.00 ? 92  HOH A H2   1 
HETATM 853 O O    . HOH B 2 .  ? -8.877  7.618   -23.575 1.00 62.59 ? 93  HOH A O    1 
HETATM 854 H H1   . HOH B 2 .  ? -9.174  8.501   -23.256 1.00 35.00 ? 93  HOH A H1   1 
HETATM 855 H H2   . HOH B 2 .  ? -8.387  7.404   -22.762 1.00 35.00 ? 93  HOH A H2   1 
HETATM 856 O O    . HOH B 2 .  ? -3.867  -7.684  -8.906  1.00 28.30 ? 94  HOH A O    1 
HETATM 857 H H1   . HOH B 2 .  ? -3.831  -8.488  -9.446  1.00 35.00 ? 94  HOH A H1   1 
HETATM 858 H H2   . HOH B 2 .  ? -4.408  -7.099  -9.480  1.00 35.00 ? 94  HOH A H2   1 
HETATM 859 O O    . HOH B 2 .  ? -8.286  -13.062 -0.281  1.00 34.29 ? 95  HOH A O    1 
HETATM 860 H H1   . HOH B 2 .  ? -7.933  -12.175 -0.417  1.00 35.00 ? 95  HOH A H1   1 
HETATM 861 H H2   . HOH B 2 .  ? -7.722  -13.380 0.441   1.00 35.00 ? 95  HOH A H2   1 
HETATM 862 O O    . HOH B 2 .  ? -5.183  -4.861  -24.903 1.00 37.01 ? 96  HOH A O    1 
HETATM 863 H H1   . HOH B 2 .  ? -5.874  -4.536  -24.319 1.00 35.00 ? 96  HOH A H1   1 
HETATM 864 H H2   . HOH B 2 .  ? -4.751  -5.540  -24.372 1.00 35.00 ? 96  HOH A H2   1 
HETATM 865 O O    . HOH B 2 .  ? -3.912  -15.703 -3.647  1.00 28.97 ? 97  HOH A O    1 
HETATM 866 H H1   . HOH B 2 .  ? -4.180  -16.200 -2.854  1.00 35.00 ? 97  HOH A H1   1 
HETATM 867 H H2   . HOH B 2 .  ? -4.692  -15.852 -4.201  1.00 35.00 ? 97  HOH A H2   1 
HETATM 868 O O    . HOH B 2 .  ? -10.829 -11.026 -24.385 1.00 68.59 ? 98  HOH A O    1 
HETATM 869 H H1   . HOH B 2 .  ? -11.655 -10.565 -24.214 1.00 35.00 ? 98  HOH A H1   1 
HETATM 870 H H2   . HOH B 2 .  ? -10.864 -11.230 -25.327 1.00 35.00 ? 98  HOH A H2   1 
HETATM 871 O O    . HOH B 2 .  ? -8.634  -16.750 -9.322  1.00 45.22 ? 99  HOH A O    1 
HETATM 872 H H1   . HOH B 2 .  ? -8.402  -16.564 -10.234 1.00 35.00 ? 99  HOH A H1   1 
HETATM 873 H H2   . HOH B 2 .  ? -7.795  -17.051 -8.951  1.00 35.00 ? 99  HOH A H2   1 
HETATM 874 O O    . HOH B 2 .  ? -7.276  -12.384 -26.858 1.00 22.58 ? 100 HOH A O    1 
HETATM 875 H H1   . HOH B 2 .  ? -8.139  -12.467 -26.438 1.00 35.00 ? 100 HOH A H1   1 
HETATM 876 H H2   . HOH B 2 .  ? -7.250  -13.217 -27.363 1.00 35.00 ? 100 HOH A H2   1 
HETATM 877 O O    . HOH B 2 .  ? -0.243  -12.829 -24.525 1.00 48.94 ? 101 HOH A O    1 
HETATM 878 H H1   . HOH B 2 .  ? -0.951  -12.728 -25.182 1.00 35.00 ? 101 HOH A H1   1 
HETATM 879 H H2   . HOH B 2 .  ? -0.725  -12.567 -23.732 1.00 35.00 ? 101 HOH A H2   1 
HETATM 880 O O    . HOH B 2 .  ? 4.661   -20.809 0.742   1.00 24.99 ? 102 HOH A O    1 
HETATM 881 H H1   . HOH B 2 .  ? 4.997   -21.714 0.684   1.00 35.00 ? 102 HOH A H1   1 
HETATM 882 H H2   . HOH B 2 .  ? 4.632   -20.580 -0.198  1.00 35.00 ? 102 HOH A H2   1 
HETATM 883 O O    . HOH B 2 .  ? 3.259   -3.230  -6.927  1.00 35.37 ? 103 HOH A O    1 
HETATM 884 H H1   . HOH B 2 .  ? 3.126   -4.170  -6.736  1.00 35.00 ? 103 HOH A H1   1 
HETATM 885 H H2   . HOH B 2 .  ? 2.483   -2.843  -6.492  1.00 35.00 ? 103 HOH A H2   1 
HETATM 886 O O    . HOH B 2 .  ? 7.086   4.535   6.673   1.00 48.72 ? 104 HOH A O    1 
HETATM 887 H H1   . HOH B 2 .  ? 6.219   4.169   6.476   1.00 35.00 ? 104 HOH A H1   1 
HETATM 888 H H2   . HOH B 2 .  ? 7.381   4.890   5.826   1.00 35.00 ? 104 HOH A H2   1 
HETATM 889 O O    . HOH B 2 .  ? -4.992  17.455  -16.511 1.00 35.62 ? 105 HOH A O    1 
HETATM 890 H H1   . HOH B 2 .  ? -5.200  16.723  -17.094 1.00 35.00 ? 105 HOH A H1   1 
HETATM 891 H H2   . HOH B 2 .  ? -4.818  18.192  -17.113 1.00 35.00 ? 105 HOH A H2   1 
HETATM 892 O O    . HOH B 2 .  ? -10.607 7.837   -9.178  1.00 38.41 ? 106 HOH A O    1 
HETATM 893 H H1   . HOH B 2 .  ? -10.456 8.231   -10.045 1.00 35.00 ? 106 HOH A H1   1 
HETATM 894 H H2   . HOH B 2 .  ? -11.571 7.988   -9.068  1.00 35.00 ? 106 HOH A H2   1 
HETATM 895 O O    . HOH B 2 .  ? -10.283 3.282   1.255   1.00 38.46 ? 107 HOH A O    1 
HETATM 896 H H1   . HOH B 2 .  ? -10.820 3.760   0.597   1.00 35.00 ? 107 HOH A H1   1 
HETATM 897 H H2   . HOH B 2 .  ? -10.284 2.403   0.790   1.00 35.00 ? 107 HOH A H2   1 
HETATM 898 O O    . HOH B 2 .  ? -2.443  7.021   -6.307  1.00 29.71 ? 108 HOH A O    1 
HETATM 899 H H1   . HOH B 2 .  ? -2.055  6.169   -6.059  1.00 35.00 ? 108 HOH A H1   1 
HETATM 900 H H2   . HOH B 2 .  ? -2.877  6.791   -7.145  1.00 35.00 ? 108 HOH A H2   1 
HETATM 901 O O    . HOH B 2 .  ? -10.047 11.131  16.138  1.00 64.55 ? 109 HOH A O    1 
HETATM 902 H H1   . HOH B 2 .  ? -10.309 12.044  16.305  1.00 35.00 ? 109 HOH A H1   1 
HETATM 903 H H2   . HOH B 2 .  ? -9.631  11.214  15.275  1.00 35.00 ? 109 HOH A H2   1 
HETATM 904 O O    . HOH B 2 .  ? -10.414 1.172   -0.308  1.00 46.27 ? 110 HOH A O    1 
HETATM 905 H H1   . HOH B 2 .  ? -10.563 1.001   -1.249  1.00 35.00 ? 110 HOH A H1   1 
HETATM 906 H H2   . HOH B 2 .  ? -10.332 0.233   -0.033  1.00 35.00 ? 110 HOH A H2   1 
HETATM 907 O O    . HOH B 2 .  ? 1.738   9.987   -25.302 1.00 56.20 ? 111 HOH A O    1 
HETATM 908 H H1   . HOH B 2 .  ? 1.979   10.660  -24.650 1.00 35.00 ? 111 HOH A H1   1 
HETATM 909 H H2   . HOH B 2 .  ? 1.554   9.232   -24.728 1.00 35.00 ? 111 HOH A H2   1 
HETATM 910 O O    . HOH B 2 .  ? -10.107 -1.448  0.041   1.00 22.67 ? 112 HOH A O    1 
HETATM 911 H H1   . HOH B 2 .  ? -10.857 -1.835  0.535   1.00 35.00 ? 112 HOH A H1   1 
HETATM 912 H H2   . HOH B 2 .  ? -10.096 -1.958  -0.785  1.00 35.00 ? 112 HOH A H2   1 
HETATM 913 O O    . HOH B 2 .  ? -2.394  -5.335  -9.494  1.00 38.31 ? 113 HOH A O    1 
HETATM 914 H H1   . HOH B 2 .  ? -2.574  -6.159  -9.009  1.00 35.00 ? 113 HOH A H1   1 
HETATM 915 H H2   . HOH B 2 .  ? -1.456  -5.184  -9.333  1.00 35.00 ? 113 HOH A H2   1 
HETATM 916 O O    . HOH B 2 .  ? -2.699  -11.503 6.074   1.00 31.48 ? 114 HOH A O    1 
HETATM 917 H H1   . HOH B 2 .  ? -2.397  -10.812 5.479   1.00 35.00 ? 114 HOH A H1   1 
HETATM 918 H H2   . HOH B 2 .  ? -3.377  -11.960 5.567   1.00 35.00 ? 114 HOH A H2   1 
HETATM 919 O O    . HOH B 2 .  ? -6.596  0.857   -23.917 1.00 81.74 ? 115 HOH A O    1 
HETATM 920 H H1   . HOH B 2 .  ? -7.320  0.256   -23.745 1.00 35.00 ? 115 HOH A H1   1 
HETATM 921 H H2   . HOH B 2 .  ? -6.082  0.385   -24.588 1.00 35.00 ? 115 HOH A H2   1 
HETATM 922 O O    . HOH B 2 .  ? -6.583  -36.243 6.202   1.00 62.16 ? 116 HOH A O    1 
HETATM 923 H H1   . HOH B 2 .  ? -6.785  -35.835 5.357   1.00 35.00 ? 116 HOH A H1   1 
HETATM 924 H H2   . HOH B 2 .  ? -7.445  -36.277 6.626   1.00 35.00 ? 116 HOH A H2   1 
HETATM 925 O O    . HOH B 2 .  ? -3.291  -11.262 -8.259  1.00 33.50 ? 117 HOH A O    1 
HETATM 926 H H1   . HOH B 2 .  ? -3.802  -10.611 -7.741  1.00 35.00 ? 117 HOH A H1   1 
HETATM 927 H H2   . HOH B 2 .  ? -3.744  -11.194 -9.117  1.00 35.00 ? 117 HOH A H2   1 
HETATM 928 O O    . HOH B 2 .  ? -7.418  -12.348 -9.276  1.00 37.74 ? 118 HOH A O    1 
HETATM 929 H H1   . HOH B 2 .  ? -7.334  -12.232 -8.324  1.00 35.00 ? 118 HOH A H1   1 
HETATM 930 H H2   . HOH B 2 .  ? -8.367  -12.282 -9.414  1.00 35.00 ? 118 HOH A H2   1 
HETATM 931 O O    . HOH B 2 .  ? -11.116 -13.704 -10.031 1.00 32.96 ? 119 HOH A O    1 
HETATM 932 H H1   . HOH B 2 .  ? -10.459 -14.380 -9.841  1.00 35.00 ? 119 HOH A H1   1 
HETATM 933 H H2   . HOH B 2 .  ? -11.277 -13.799 -10.978 1.00 35.00 ? 119 HOH A H2   1 
HETATM 934 O O    . HOH B 2 .  ? -13.039 -12.459 -12.764 1.00 40.73 ? 120 HOH A O    1 
HETATM 935 H H1   . HOH B 2 .  ? -12.945 -11.522 -12.956 1.00 35.00 ? 120 HOH A H1   1 
HETATM 936 H H2   . HOH B 2 .  ? -12.223 -12.844 -13.108 1.00 35.00 ? 120 HOH A H2   1 
HETATM 937 O O    . HOH B 2 .  ? 0.957   -6.779  -22.905 1.00 42.16 ? 121 HOH A O    1 
HETATM 938 H H1   . HOH B 2 .  ? 1.544   -6.731  -23.667 1.00 35.00 ? 121 HOH A H1   1 
HETATM 939 H H2   . HOH B 2 .  ? 0.116   -6.994  -23.331 1.00 35.00 ? 121 HOH A H2   1 
HETATM 940 O O    . HOH B 2 .  ? 4.380   -9.544  -19.928 1.00 49.12 ? 122 HOH A O    1 
HETATM 941 H H1   . HOH B 2 .  ? 3.772   -8.920  -20.378 1.00 35.00 ? 122 HOH A H1   1 
HETATM 942 H H2   . HOH B 2 .  ? 3.831   -9.697  -19.148 1.00 35.00 ? 122 HOH A H2   1 
HETATM 943 O O    . HOH B 2 .  ? -5.648  -18.460 -8.697  1.00 30.49 ? 123 HOH A O    1 
HETATM 944 H H1   . HOH B 2 .  ? -4.896  -18.515 -9.300  1.00 35.00 ? 123 HOH A H1   1 
HETATM 945 H H2   . HOH B 2 .  ? -5.187  -18.317 -7.855  1.00 35.00 ? 123 HOH A H2   1 
HETATM 946 O O    . HOH B 2 .  ? 6.385   -13.830 -3.545  1.00 60.38 ? 124 HOH A O    1 
HETATM 947 H H1   . HOH B 2 .  ? 5.864   -13.490 -4.284  1.00 35.00 ? 124 HOH A H1   1 
HETATM 948 H H2   . HOH B 2 .  ? 6.193   -14.773 -3.598  1.00 35.00 ? 124 HOH A H2   1 
HETATM 949 O O    . HOH B 2 .  ? -8.214  -13.495 -12.682 1.00 32.30 ? 125 HOH A O    1 
HETATM 950 H H1   . HOH B 2 .  ? -7.910  -14.185 -12.078 1.00 35.00 ? 125 HOH A H1   1 
HETATM 951 H H2   . HOH B 2 .  ? -9.173  -13.610 -12.658 1.00 35.00 ? 125 HOH A H2   1 
HETATM 952 O O    . HOH B 2 .  ? -16.072 7.390   -32.580 1.00 47.91 ? 126 HOH A O    1 
HETATM 953 H H1   . HOH B 2 .  ? -15.910 7.270   -31.634 1.00 35.00 ? 126 HOH A H1   1 
HETATM 954 H H2   . HOH B 2 .  ? -16.884 7.912   -32.551 1.00 35.00 ? 126 HOH A H2   1 
HETATM 955 O O    . HOH B 2 .  ? -3.613  4.330   -8.536  1.00 26.79 ? 127 HOH A O    1 
HETATM 956 H H1   . HOH B 2 .  ? -4.543  4.572   -8.629  1.00 35.00 ? 127 HOH A H1   1 
HETATM 957 H H2   . HOH B 2 .  ? -3.598  3.398   -8.753  1.00 35.00 ? 127 HOH A H2   1 
HETATM 958 O O    . HOH B 2 .  ? -4.909  -1.690  12.235  1.00 34.99 ? 128 HOH A O    1 
HETATM 959 H H1   . HOH B 2 .  ? -4.595  -1.504  11.337  1.00 35.00 ? 128 HOH A H1   1 
HETATM 960 H H2   . HOH B 2 .  ? -5.380  -0.891  12.466  1.00 35.00 ? 128 HOH A H2   1 
HETATM 961 O O    . HOH B 2 .  ? -13.229 8.362   -8.940  1.00 40.35 ? 129 HOH A O    1 
HETATM 962 H H1   . HOH B 2 .  ? -13.550 8.088   -9.812  1.00 35.00 ? 129 HOH A H1   1 
HETATM 963 H H2   . HOH B 2 .  ? -13.266 9.319   -9.108  1.00 35.00 ? 129 HOH A H2   1 
HETATM 964 O O    . HOH B 2 .  ? -10.556 -14.673 1.920   1.00 49.75 ? 130 HOH A O    1 
HETATM 965 H H1   . HOH B 2 .  ? -11.470 -14.875 1.656   1.00 35.00 ? 130 HOH A H1   1 
HETATM 966 H H2   . HOH B 2 .  ? -10.097 -14.588 1.072   1.00 35.00 ? 130 HOH A H2   1 
HETATM 967 O O    . HOH B 2 .  ? 3.798   -17.887 -14.860 1.00 64.48 ? 131 HOH A O    1 
HETATM 968 H H1   . HOH B 2 .  ? 3.562   -17.136 -15.423 1.00 35.00 ? 131 HOH A H1   1 
HETATM 969 H H2   . HOH B 2 .  ? 2.921   -18.328 -14.801 1.00 35.00 ? 131 HOH A H2   1 
HETATM 970 O O    . HOH B 2 .  ? 8.891   -14.049 0.828   1.00 43.43 ? 132 HOH A O    1 
HETATM 971 H H1   . HOH B 2 .  ? 9.270   -13.382 0.218   1.00 35.00 ? 132 HOH A H1   1 
HETATM 972 H H2   . HOH B 2 .  ? 8.651   -14.739 0.187   1.00 35.00 ? 132 HOH A H2   1 
HETATM 973 O O    . HOH B 2 .  ? 5.921   -15.977 -9.759  1.00 54.57 ? 133 HOH A O    1 
HETATM 974 H H1   . HOH B 2 .  ? 5.246   -15.377 -9.411  1.00 35.00 ? 133 HOH A H1   1 
HETATM 975 H H2   . HOH B 2 .  ? 5.890   -16.594 -9.004  1.00 35.00 ? 133 HOH A H2   1 
HETATM 976 O O    . HOH B 2 .  ? 1.751   -8.186  -20.507 1.00 66.90 ? 134 HOH A O    1 
HETATM 977 H H1   . HOH B 2 .  ? 1.345   -7.662  -21.230 1.00 35.00 ? 134 HOH A H1   1 
HETATM 978 H H2   . HOH B 2 .  ? 0.998   -8.377  -19.931 1.00 35.00 ? 134 HOH A H2   1 
HETATM 979 O O    . HOH B 2 .  ? -9.851  -5.815  -8.137  1.00 44.60 ? 135 HOH A O    1 
HETATM 980 H H1   . HOH B 2 .  ? -8.955  -5.472  -8.148  1.00 35.00 ? 135 HOH A H1   1 
HETATM 981 H H2   . HOH B 2 .  ? -10.313 -5.181  -7.572  1.00 35.00 ? 135 HOH A H2   1 
HETATM 982 O O    . HOH B 2 .  ? -5.156  -5.649  -10.353 1.00 41.65 ? 136 HOH A O    1 
HETATM 983 H H1   . HOH B 2 .  ? -5.808  -5.068  -9.931  1.00 35.00 ? 136 HOH A H1   1 
HETATM 984 H H2   . HOH B 2 .  ? -4.334  -5.155  -10.178 1.00 35.00 ? 136 HOH A H2   1 
HETATM 985 O O    . HOH B 2 .  ? -12.376 4.267   -11.458 1.00 42.15 ? 137 HOH A O    1 
HETATM 986 H H1   . HOH B 2 .  ? -11.873 4.997   -11.081 1.00 35.00 ? 137 HOH A H1   1 
HETATM 987 H H2   . HOH B 2 .  ? -11.690 3.621   -11.653 1.00 35.00 ? 137 HOH A H2   1 
HETATM 988 O O    . HOH B 2 .  ? -6.809  2.781   -12.223 1.00 49.51 ? 138 HOH A O    1 
HETATM 989 H H1   . HOH B 2 .  ? -6.321  2.901   -13.039 1.00 35.00 ? 138 HOH A H1   1 
HETATM 990 H H2   . HOH B 2 .  ? -6.208  3.106   -11.547 1.00 35.00 ? 138 HOH A H2   1 
HETATM 991 O O    . HOH B 2 .  ? -2.879  10.373  -16.645 1.00 58.33 ? 139 HOH A O    1 
HETATM 992 H H1   . HOH B 2 .  ? -3.448  11.117  -16.403 1.00 35.00 ? 139 HOH A H1   1 
HETATM 993 H H2   . HOH B 2 .  ? -3.361  9.614   -16.308 1.00 35.00 ? 139 HOH A H2   1 
HETATM 994 O O    . HOH B 2 .  ? -4.121  7.981   6.015   1.00 55.64 ? 140 HOH A O    1 
HETATM 995 H H1   . HOH B 2 .  ? -3.538  7.483   6.610   1.00 35.00 ? 140 HOH A H1   1 
HETATM 996 H H2   . HOH B 2 .  ? -4.949  7.922   6.496   1.00 35.00 ? 140 HOH A H2   1 
# 
